data_6B4O
#
_entry.id   6B4O
#
_cell.length_a   61.686
_cell.length_b   152.613
_cell.length_c   98.531
_cell.angle_alpha   90.00
_cell.angle_beta   94.97
_cell.angle_gamma   90.00
#
_symmetry.space_group_name_H-M   'P 1 21 1'
#
loop_
_entity.id
_entity.type
_entity.pdbx_description
1 polymer 'Glutathione reductase'
2 non-polymer 'FLAVIN-ADENINE DINUCLEOTIDE'
3 non-polymer 'MAGNESIUM ION'
4 non-polymer 'CHLORIDE ION'
5 water water
#
_entity_poly.entity_id   1
_entity_poly.type   'polypeptide(L)'
_entity_poly.pdbx_seq_one_letter_code
;SNAMKTYDYIVIGGGSGGIASANRAGMHGANVLLIEGNEIGGTCVNVGCVPKKVMWQASSMMEMMERDTAGYGFDVEIKN
FSFKQLVENREKYIDFLHGAYNRGLDSNNIERIHGYATFTGEQTIEVNGTEYTAPHILIATGGRPKKLGIPGEEYALDSN
GFFALEEMPKRVVFVGAGYIAAELAGTLHGLGAETHWAFRHERPLRSFDDMLSEKVVERYQEMGMQIHPNATPAKIEKTA
QNEYVITFENGESITTDAVIFGTGRQPNTDQLGLENTKVALDEKGYVKVDKFQNTTQNGIYAVGDVIGKIDLTPVAIAAG
RRLSERLFNGQTDLYLDYNLVPTVVFTHPPVATIGLTEKAALEEYGEDQVKIYRSSFTPMYFALGEYRQKCDMKLICVGK
EEKIVGLHGIGIGVDEMLQGFAVAIKMGATKADFDNTVAIHPTGSEEFVTMR
;
_entity_poly.pdbx_strand_id   A,B,C,D
#
loop_
_chem_comp.id
_chem_comp.type
_chem_comp.name
_chem_comp.formula
CL non-polymer 'CHLORIDE ION' 'Cl -1'
FAD non-polymer 'FLAVIN-ADENINE DINUCLEOTIDE' 'C27 H33 N9 O15 P2'
MG non-polymer 'MAGNESIUM ION' 'Mg 2'
#
# COMPACT_ATOMS: atom_id res chain seq x y z
N ASN A 2 41.43 21.36 54.35
CA ASN A 2 41.63 19.88 54.32
C ASN A 2 40.31 19.11 54.42
N ALA A 3 39.36 19.60 55.24
CA ALA A 3 38.05 18.94 55.39
C ALA A 3 37.29 19.01 54.07
N MET A 4 36.48 17.98 53.81
CA MET A 4 35.71 17.93 52.58
C MET A 4 34.83 19.18 52.49
N LYS A 5 34.84 19.84 51.32
CA LYS A 5 33.97 21.01 51.09
C LYS A 5 32.56 20.47 50.85
N THR A 6 31.59 21.01 51.57
CA THR A 6 30.24 20.51 51.57
C THR A 6 29.26 21.32 50.67
N TYR A 7 28.45 20.58 49.93
CA TYR A 7 27.43 21.12 49.05
C TYR A 7 26.14 20.35 49.29
N ASP A 8 25.03 20.90 48.82
CA ASP A 8 23.75 20.22 48.90
C ASP A 8 23.64 19.21 47.74
N TYR A 9 24.26 19.55 46.61
CA TYR A 9 24.17 18.75 45.39
C TYR A 9 25.43 18.86 44.56
N ILE A 10 25.94 17.72 44.10
CA ILE A 10 27.11 17.68 43.20
C ILE A 10 26.62 17.00 41.93
N VAL A 11 26.83 17.63 40.78
CA VAL A 11 26.42 17.08 39.50
C VAL A 11 27.70 16.79 38.72
N ILE A 12 27.85 15.53 38.29
CA ILE A 12 29.00 15.11 37.53
C ILE A 12 28.60 15.06 36.06
N GLY A 13 29.12 16.02 35.29
CA GLY A 13 28.81 16.15 33.87
C GLY A 13 28.03 17.43 33.58
N GLY A 14 28.56 18.27 32.69
CA GLY A 14 27.95 19.52 32.32
C GLY A 14 27.33 19.49 30.94
N GLY A 15 26.66 18.38 30.63
CA GLY A 15 25.96 18.21 29.37
C GLY A 15 24.48 18.52 29.56
N SER A 16 23.65 18.02 28.66
CA SER A 16 22.19 18.27 28.68
C SER A 16 21.54 18.01 30.02
N GLY A 17 21.73 16.79 30.52
CA GLY A 17 21.16 16.36 31.81
C GLY A 17 21.72 17.10 33.01
N GLY A 18 23.04 17.22 33.08
CA GLY A 18 23.71 17.85 34.22
C GLY A 18 23.39 19.33 34.37
N ILE A 19 23.46 20.07 33.27
CA ILE A 19 23.15 21.49 33.29
C ILE A 19 21.70 21.71 33.74
N ALA A 20 20.78 20.97 33.15
CA ALA A 20 19.36 21.13 33.47
C ALA A 20 19.10 20.83 34.93
N SER A 21 19.67 19.74 35.43
CA SER A 21 19.45 19.38 36.83
C SER A 21 20.12 20.38 37.79
N ALA A 22 21.33 20.82 37.47
CA ALA A 22 22.03 21.78 38.32
C ALA A 22 21.27 23.10 38.40
N ASN A 23 20.85 23.61 37.25
CA ASN A 23 20.12 24.86 37.20
C ASN A 23 18.83 24.82 38.02
N ARG A 24 18.08 23.73 37.90
CA ARG A 24 16.82 23.62 38.62
C ARG A 24 17.04 23.53 40.12
N ALA A 25 18.07 22.78 40.55
CA ALA A 25 18.39 22.68 41.97
C ALA A 25 18.79 24.05 42.51
N GLY A 26 19.62 24.77 41.76
CA GLY A 26 20.06 26.11 42.16
C GLY A 26 18.90 27.08 42.26
N MET A 27 17.95 26.95 41.34
CA MET A 27 16.78 27.83 41.32
C MET A 27 16.00 27.65 42.62
N HIS A 28 15.96 26.42 43.12
CA HIS A 28 15.27 26.12 44.38
C HIS A 28 16.12 26.33 45.64
N GLY A 29 17.21 27.08 45.52
CA GLY A 29 18.05 27.43 46.67
C GLY A 29 19.12 26.47 47.10
N ALA A 30 19.33 25.38 46.36
CA ALA A 30 20.37 24.41 46.74
C ALA A 30 21.75 24.95 46.42
N ASN A 31 22.71 24.56 47.25
CA ASN A 31 24.12 24.94 47.10
C ASN A 31 24.68 23.87 46.19
N VAL A 32 24.85 24.22 44.90
CA VAL A 32 25.22 23.25 43.87
C VAL A 32 26.63 23.34 43.30
N LEU A 33 27.26 22.18 43.11
CA LEU A 33 28.58 22.10 42.47
C LEU A 33 28.42 21.32 41.18
N LEU A 34 28.87 21.88 40.05
CA LEU A 34 28.79 21.17 38.77
C LEU A 34 30.20 20.94 38.25
N ILE A 35 30.47 19.71 37.83
CA ILE A 35 31.81 19.31 37.39
C ILE A 35 31.79 18.86 35.94
N GLU A 36 32.62 19.49 35.10
CA GLU A 36 32.71 19.14 33.67
C GLU A 36 34.16 19.10 33.23
N GLY A 37 34.56 17.96 32.70
CA GLY A 37 35.94 17.73 32.32
C GLY A 37 36.35 18.24 30.96
N ASN A 38 35.39 18.43 30.07
CA ASN A 38 35.67 18.91 28.72
C ASN A 38 35.02 20.29 28.50
N GLU A 39 33.91 20.34 27.78
CA GLU A 39 33.29 21.63 27.48
C GLU A 39 31.86 21.69 27.94
N ILE A 40 31.48 22.87 28.41
CA ILE A 40 30.14 23.10 28.88
C ILE A 40 29.16 22.85 27.73
N GLY A 41 28.03 22.24 28.05
CA GLY A 41 27.02 21.93 27.03
C GLY A 41 27.03 20.48 26.59
N GLY A 42 28.13 19.78 26.84
CA GLY A 42 28.22 18.38 26.50
C GLY A 42 28.14 18.05 25.04
N THR A 43 27.62 16.86 24.77
CA THR A 43 27.56 16.33 23.42
C THR A 43 26.64 17.08 22.49
N CYS A 44 25.46 17.43 22.97
CA CYS A 44 24.47 18.08 22.12
C CYS A 44 24.96 19.42 21.56
N VAL A 45 25.46 20.26 22.46
CA VAL A 45 25.94 21.58 22.08
C VAL A 45 27.21 21.54 21.21
N ASN A 46 28.16 20.70 21.59
CA ASN A 46 29.48 20.71 20.96
C ASN A 46 29.71 19.79 19.79
N VAL A 47 29.16 18.60 19.83
CA VAL A 47 29.41 17.56 18.79
C VAL A 47 28.19 16.67 18.55
N GLY A 48 27.02 17.27 18.72
CA GLY A 48 25.76 16.56 18.63
C GLY A 48 24.67 17.30 17.88
N CYS A 49 23.49 17.40 18.51
CA CYS A 49 22.30 18.00 17.93
C CYS A 49 22.56 19.32 17.25
N VAL A 50 23.27 20.22 17.94
CA VAL A 50 23.49 21.58 17.42
C VAL A 50 24.32 21.63 16.13
N PRO A 51 25.59 21.15 16.16
CA PRO A 51 26.32 21.21 14.91
C PRO A 51 25.68 20.32 13.84
N LYS A 52 25.07 19.20 14.22
CA LYS A 52 24.40 18.33 13.22
C LYS A 52 23.31 19.12 12.47
N LYS A 53 22.48 19.84 13.23
CA LYS A 53 21.39 20.61 12.63
C LYS A 53 21.90 21.75 11.73
N VAL A 54 22.99 22.42 12.13
CA VAL A 54 23.57 23.46 11.31
C VAL A 54 24.01 22.89 9.95
N MET A 55 24.69 21.74 9.99
CA MET A 55 25.17 21.11 8.76
C MET A 55 24.01 20.61 7.91
N TRP A 56 22.96 20.09 8.56
CA TRP A 56 21.77 19.66 7.85
C TRP A 56 21.14 20.85 7.10
N GLN A 57 21.07 21.99 7.79
CA GLN A 57 20.46 23.17 7.21
C GLN A 57 21.25 23.60 5.97
N ALA A 58 22.58 23.56 6.07
CA ALA A 58 23.44 23.94 4.95
C ALA A 58 23.21 23.00 3.78
N SER A 59 23.16 21.69 4.06
CA SER A 59 22.97 20.70 3.00
C SER A 59 21.58 20.83 2.35
N SER A 60 20.56 21.16 3.14
CA SER A 60 19.20 21.35 2.61
C SER A 60 19.13 22.57 1.70
N MET A 61 19.83 23.62 2.10
CA MET A 61 19.92 24.86 1.34
C MET A 61 20.60 24.59 -0.01
N MET A 62 21.71 23.83 -0.02
CA MET A 62 22.36 23.53 -1.29
C MET A 62 21.44 22.71 -2.22
N GLU A 63 20.75 21.72 -1.65
N GLU A 63 20.90 21.58 -1.74
CA GLU A 63 19.80 20.91 -2.41
CA GLU A 63 20.06 20.70 -2.60
C GLU A 63 18.68 21.80 -2.97
C GLU A 63 18.94 21.50 -3.23
N MET A 64 18.04 22.64 -2.15
N MET A 64 18.31 22.34 -2.39
CA MET A 64 16.97 23.50 -2.67
CA MET A 64 17.20 23.24 -2.81
C MET A 64 17.48 24.37 -3.84
C MET A 64 17.63 24.15 -3.94
N MET A 65 18.67 24.93 -3.70
CA MET A 65 19.18 25.86 -4.71
C MET A 65 19.50 25.19 -6.04
N GLU A 66 20.04 23.99 -5.99
CA GLU A 66 20.38 23.27 -7.20
C GLU A 66 19.19 22.64 -7.91
N ARG A 67 18.18 22.23 -7.16
CA ARG A 67 17.11 21.42 -7.74
C ARG A 67 15.74 22.05 -7.89
N ASP A 68 15.38 22.91 -6.94
CA ASP A 68 14.02 23.43 -6.85
C ASP A 68 13.80 24.87 -7.30
N THR A 69 14.87 25.61 -7.55
CA THR A 69 14.76 27.02 -7.92
C THR A 69 14.23 27.29 -9.32
N ALA A 70 14.60 26.47 -10.29
CA ALA A 70 14.16 26.69 -11.68
C ALA A 70 12.65 26.68 -11.81
N GLY A 71 12.00 25.79 -11.07
CA GLY A 71 10.56 25.65 -11.13
C GLY A 71 9.83 26.90 -10.67
N TYR A 72 10.48 27.68 -9.80
CA TYR A 72 9.92 28.93 -9.31
C TYR A 72 10.38 30.15 -10.11
N GLY A 73 11.01 29.94 -11.25
CA GLY A 73 11.45 31.03 -12.13
C GLY A 73 12.84 31.58 -11.88
N PHE A 74 13.61 30.95 -11.01
CA PHE A 74 14.95 31.43 -10.70
C PHE A 74 16.06 30.69 -11.42
N ASP A 75 16.98 31.45 -12.04
CA ASP A 75 18.20 30.88 -12.62
C ASP A 75 19.24 31.25 -11.55
N VAL A 76 19.71 30.26 -10.81
CA VAL A 76 20.61 30.46 -9.68
C VAL A 76 21.96 29.80 -9.86
N GLU A 77 23.04 30.51 -9.52
N GLU A 77 23.04 30.51 -9.50
CA GLU A 77 24.38 29.91 -9.56
CA GLU A 77 24.38 29.94 -9.58
C GLU A 77 25.06 30.00 -8.21
C GLU A 77 25.08 30.01 -8.21
N ILE A 78 25.53 28.87 -7.73
CA ILE A 78 26.28 28.81 -6.48
C ILE A 78 27.71 29.05 -7.00
N LYS A 79 28.19 30.28 -6.90
N LYS A 79 28.19 30.29 -6.89
CA LYS A 79 29.54 30.66 -7.36
CA LYS A 79 29.53 30.67 -7.35
C LYS A 79 30.63 29.96 -6.57
C LYS A 79 30.59 29.90 -6.59
N ASN A 80 30.37 29.74 -5.28
CA ASN A 80 31.29 29.02 -4.43
C ASN A 80 30.61 28.57 -3.15
N PHE A 81 31.08 27.44 -2.63
CA PHE A 81 30.66 26.93 -1.34
C PHE A 81 31.94 26.72 -0.55
N SER A 82 32.05 27.36 0.62
CA SER A 82 33.20 27.17 1.51
C SER A 82 32.79 26.36 2.73
N PHE A 83 33.11 25.07 2.70
CA PHE A 83 32.83 24.19 3.84
C PHE A 83 33.60 24.72 5.08
N LYS A 84 34.80 25.24 4.86
CA LYS A 84 35.61 25.80 5.93
C LYS A 84 34.90 26.95 6.63
N GLN A 85 34.31 27.86 5.85
CA GLN A 85 33.59 29.00 6.42
C GLN A 85 32.33 28.52 7.16
N LEU A 86 31.66 27.52 6.60
CA LEU A 86 30.49 26.95 7.23
C LEU A 86 30.89 26.45 8.62
N VAL A 87 31.98 25.68 8.68
CA VAL A 87 32.46 25.14 9.95
C VAL A 87 32.87 26.25 10.94
N GLU A 88 33.56 27.28 10.42
N GLU A 88 33.56 27.28 10.42
CA GLU A 88 33.99 28.40 11.26
CA GLU A 88 33.96 28.41 11.25
C GLU A 88 32.78 29.12 11.89
C GLU A 88 32.77 29.09 11.89
N ASN A 89 31.74 29.35 11.10
CA ASN A 89 30.54 30.00 11.59
C ASN A 89 29.80 29.11 12.59
N ARG A 90 29.76 27.81 12.28
CA ARG A 90 29.12 26.84 13.16
C ARG A 90 29.80 26.85 14.53
N GLU A 91 31.13 26.80 14.52
CA GLU A 91 31.90 26.79 15.76
C GLU A 91 31.80 28.13 16.52
N LYS A 92 31.59 29.23 15.79
N LYS A 92 31.59 29.23 15.79
CA LYS A 92 31.44 30.54 16.42
CA LYS A 92 31.42 30.53 16.42
C LYS A 92 30.08 30.59 17.17
C LYS A 92 30.10 30.53 17.20
N TYR A 93 29.07 29.93 16.60
CA TYR A 93 27.76 29.84 17.26
C TYR A 93 27.86 28.98 18.51
N ILE A 94 28.58 27.86 18.42
CA ILE A 94 28.77 26.98 19.57
C ILE A 94 29.49 27.76 20.68
N ASP A 95 30.49 28.56 20.33
CA ASP A 95 31.19 29.39 21.35
C ASP A 95 30.20 30.34 22.00
N PHE A 96 29.31 30.91 21.20
CA PHE A 96 28.26 31.78 21.74
C PHE A 96 27.39 31.00 22.73
N LEU A 97 27.05 29.75 22.40
CA LEU A 97 26.24 28.91 23.31
C LEU A 97 26.96 28.65 24.64
N HIS A 98 28.29 28.53 24.61
CA HIS A 98 29.00 28.32 25.87
C HIS A 98 28.72 29.49 26.79
N GLY A 99 28.78 30.69 26.23
CA GLY A 99 28.50 31.91 26.99
C GLY A 99 27.08 31.92 27.54
N ALA A 100 26.11 31.52 26.71
CA ALA A 100 24.70 31.49 27.13
C ALA A 100 24.51 30.50 28.29
N TYR A 101 25.10 29.32 28.17
CA TYR A 101 24.98 28.32 29.25
C TYR A 101 25.68 28.76 30.53
N ASN A 102 26.84 29.38 30.39
CA ASN A 102 27.54 29.89 31.58
C ASN A 102 26.75 31.00 32.27
N ARG A 103 26.07 31.84 31.49
CA ARG A 103 25.25 32.91 32.12
C ARG A 103 24.05 32.30 32.86
N GLY A 104 23.48 31.23 32.32
CA GLY A 104 22.36 30.55 32.97
C GLY A 104 22.81 29.95 34.30
N LEU A 105 23.95 29.27 34.27
CA LEU A 105 24.52 28.66 35.48
C LEU A 105 24.80 29.78 36.54
N ASP A 106 25.37 30.91 36.10
CA ASP A 106 25.62 32.03 36.99
C ASP A 106 24.31 32.50 37.64
N SER A 107 23.24 32.58 36.85
CA SER A 107 21.95 33.09 37.35
C SER A 107 21.36 32.21 38.45
N ASN A 108 21.75 30.94 38.47
CA ASN A 108 21.25 30.00 39.45
C ASN A 108 22.28 29.71 40.53
N ASN A 109 23.32 30.56 40.62
CA ASN A 109 24.39 30.48 41.63
C ASN A 109 25.14 29.14 41.65
N ILE A 110 25.33 28.54 40.49
CA ILE A 110 26.05 27.26 40.40
C ILE A 110 27.55 27.51 40.40
N GLU A 111 28.27 26.73 41.21
CA GLU A 111 29.73 26.80 41.26
C GLU A 111 30.22 25.68 40.36
N ARG A 112 31.27 25.93 39.59
CA ARG A 112 31.77 24.94 38.63
C ARG A 112 33.25 24.65 38.70
N ILE A 113 33.57 23.42 38.30
CA ILE A 113 34.94 22.93 38.25
C ILE A 113 35.19 22.33 36.86
N HIS A 114 36.33 22.67 36.27
CA HIS A 114 36.75 22.14 34.98
C HIS A 114 37.72 21.00 35.29
N GLY A 115 37.23 19.77 35.16
CA GLY A 115 38.04 18.58 35.47
C GLY A 115 37.15 17.37 35.55
N TYR A 116 37.77 16.20 35.69
CA TYR A 116 37.06 14.94 35.77
C TYR A 116 36.96 14.41 37.20
N ALA A 117 35.73 14.11 37.60
CA ALA A 117 35.44 13.64 38.93
C ALA A 117 35.47 12.11 39.01
N THR A 118 35.85 11.60 40.17
N THR A 118 35.87 11.60 40.17
CA THR A 118 35.89 10.16 40.45
CA THR A 118 35.88 10.16 40.46
C THR A 118 35.41 9.99 41.88
C THR A 118 35.36 10.02 41.87
N PHE A 119 34.54 9.01 42.13
CA PHE A 119 34.03 8.77 43.48
C PHE A 119 35.16 8.20 44.34
N THR A 120 35.20 8.62 45.61
CA THR A 120 36.16 8.10 46.58
C THR A 120 35.45 7.55 47.82
N GLY A 121 34.13 7.66 47.84
CA GLY A 121 33.28 7.18 48.93
C GLY A 121 31.84 7.27 48.48
N GLU A 122 30.91 6.78 49.29
CA GLU A 122 29.50 6.80 48.91
C GLU A 122 28.92 8.19 48.63
N GLN A 123 29.43 9.22 49.29
CA GLN A 123 28.93 10.59 49.12
C GLN A 123 30.08 11.58 48.93
N THR A 124 31.20 11.10 48.37
CA THR A 124 32.38 11.94 48.19
C THR A 124 33.07 11.71 46.85
N ILE A 125 33.45 12.80 46.19
CA ILE A 125 34.18 12.71 44.92
C ILE A 125 35.47 13.48 45.04
N GLU A 126 36.40 13.16 44.13
CA GLU A 126 37.67 13.86 44.01
C GLU A 126 37.80 14.41 42.59
N VAL A 127 38.31 15.63 42.50
CA VAL A 127 38.59 16.23 41.21
C VAL A 127 39.71 17.24 41.43
N ASN A 128 40.70 17.20 40.55
CA ASN A 128 41.87 18.09 40.62
C ASN A 128 42.53 18.12 42.00
N GLY A 129 42.55 16.96 42.67
N GLY A 129 42.61 16.97 42.67
CA GLY A 129 43.16 16.80 43.99
CA GLY A 129 43.23 16.87 43.99
C GLY A 129 42.29 17.05 45.21
C GLY A 129 42.50 17.65 45.06
N THR A 130 41.22 17.83 45.07
N THR A 130 41.19 17.42 45.16
CA THR A 130 40.39 18.14 46.22
CA THR A 130 40.36 18.09 46.15
C THR A 130 39.10 17.33 46.28
C THR A 130 39.07 17.30 46.27
N GLU A 131 38.67 16.99 47.50
CA GLU A 131 37.45 16.23 47.73
C GLU A 131 36.26 17.10 48.05
N TYR A 132 35.11 16.67 47.53
CA TYR A 132 33.88 17.37 47.72
C TYR A 132 32.83 16.36 48.11
N THR A 133 31.91 16.77 48.96
CA THR A 133 30.87 15.87 49.46
C THR A 133 29.51 16.52 49.43
N ALA A 134 28.49 15.70 49.26
CA ALA A 134 27.11 16.14 49.29
C ALA A 134 26.21 14.94 49.52
N PRO A 135 25.04 15.16 50.16
CA PRO A 135 24.11 14.06 50.37
C PRO A 135 23.41 13.61 49.09
N HIS A 136 23.54 14.40 48.01
CA HIS A 136 22.91 14.07 46.74
C HIS A 136 23.93 14.26 45.62
N ILE A 137 24.20 13.20 44.85
CA ILE A 137 25.14 13.27 43.74
C ILE A 137 24.54 12.70 42.47
N LEU A 138 24.55 13.50 41.41
CA LEU A 138 24.03 13.09 40.13
C LEU A 138 25.12 12.67 39.18
N ILE A 139 24.98 11.46 38.64
CA ILE A 139 25.88 11.02 37.59
C ILE A 139 25.17 11.38 36.29
N ALA A 140 25.78 12.29 35.52
CA ALA A 140 25.22 12.74 34.23
C ALA A 140 26.37 12.83 33.24
N THR A 141 27.16 11.75 33.20
CA THR A 141 28.40 11.68 32.42
C THR A 141 28.26 11.31 30.94
N GLY A 142 27.04 11.00 30.52
CA GLY A 142 26.75 10.66 29.15
C GLY A 142 27.50 9.46 28.63
N GLY A 143 27.80 9.50 27.34
CA GLY A 143 28.48 8.41 26.67
C GLY A 143 29.52 8.90 25.67
N ARG A 144 30.08 7.96 24.94
CA ARG A 144 31.10 8.29 23.94
C ARG A 144 31.07 7.27 22.82
N PRO A 145 31.63 7.63 21.65
CA PRO A 145 31.58 6.63 20.58
C PRO A 145 32.40 5.37 20.84
N LYS A 146 31.91 4.24 20.32
CA LYS A 146 32.63 2.97 20.35
C LYS A 146 33.56 2.99 19.15
N LYS A 147 34.59 2.14 19.18
CA LYS A 147 35.56 2.04 18.08
C LYS A 147 35.02 1.19 16.95
N LEU A 148 35.57 1.40 15.76
CA LEU A 148 35.15 0.64 14.58
C LEU A 148 35.55 -0.82 14.67
N GLY A 149 36.73 -1.09 15.24
CA GLY A 149 37.19 -2.46 15.46
C GLY A 149 37.62 -3.27 14.26
N ILE A 150 38.31 -2.63 13.32
CA ILE A 150 38.84 -3.32 12.15
C ILE A 150 40.23 -2.75 11.84
N PRO A 151 41.04 -3.51 11.09
CA PRO A 151 42.37 -2.99 10.72
C PRO A 151 42.21 -1.70 9.88
N GLY A 152 42.99 -0.69 10.22
CA GLY A 152 42.94 0.60 9.54
C GLY A 152 41.92 1.56 10.14
N GLU A 153 41.35 1.19 11.29
CA GLU A 153 40.36 2.04 11.95
C GLU A 153 40.94 3.37 12.32
N GLU A 154 42.28 3.45 12.46
CA GLU A 154 42.91 4.74 12.76
C GLU A 154 42.71 5.75 11.63
N TYR A 155 42.30 5.27 10.45
CA TYR A 155 42.05 6.16 9.32
C TYR A 155 40.59 6.62 9.24
N ALA A 156 39.71 5.96 10.01
CA ALA A 156 38.29 6.30 10.01
C ALA A 156 38.00 7.37 11.05
N LEU A 157 36.85 8.01 10.90
CA LEU A 157 36.41 9.06 11.79
C LEU A 157 35.10 8.68 12.42
N ASP A 158 34.94 8.92 13.72
CA ASP A 158 33.63 8.74 14.36
C ASP A 158 32.91 10.10 14.25
N SER A 159 31.75 10.26 14.88
CA SER A 159 31.02 11.52 14.81
C SER A 159 31.86 12.70 15.25
N ASN A 160 32.71 12.52 16.26
CA ASN A 160 33.59 13.58 16.72
C ASN A 160 34.57 13.97 15.60
N GLY A 161 35.06 12.95 14.89
CA GLY A 161 35.97 13.16 13.77
C GLY A 161 35.27 13.93 12.65
N PHE A 162 34.00 13.61 12.42
CA PHE A 162 33.19 14.32 11.41
C PHE A 162 33.15 15.79 11.73
N PHE A 163 32.88 16.13 12.99
CA PHE A 163 32.77 17.56 13.36
C PHE A 163 34.12 18.27 13.34
N ALA A 164 35.20 17.49 13.46
CA ALA A 164 36.54 18.05 13.41
C ALA A 164 36.92 18.44 11.96
N LEU A 165 36.19 17.94 10.97
CA LEU A 165 36.51 18.25 9.58
C LEU A 165 36.38 19.73 9.30
N GLU A 166 37.35 20.27 8.57
CA GLU A 166 37.34 21.68 8.16
C GLU A 166 37.33 21.81 6.64
N GLU A 167 37.37 20.68 5.95
N GLU A 167 37.37 20.69 5.93
CA GLU A 167 37.26 20.62 4.50
CA GLU A 167 37.25 20.67 4.47
C GLU A 167 36.43 19.39 4.18
C GLU A 167 36.47 19.41 4.16
N MET A 168 35.65 19.47 3.12
CA MET A 168 34.79 18.36 2.76
C MET A 168 35.48 17.32 1.90
N PRO A 169 35.31 16.03 2.24
CA PRO A 169 35.91 15.02 1.37
C PRO A 169 35.14 14.94 0.02
N LYS A 170 35.84 14.73 -1.07
CA LYS A 170 35.22 14.58 -2.40
C LYS A 170 34.37 13.31 -2.45
N ARG A 171 34.90 12.26 -1.81
CA ARG A 171 34.22 10.95 -1.74
C ARG A 171 34.22 10.51 -0.28
N VAL A 172 33.12 9.96 0.17
CA VAL A 172 33.00 9.53 1.56
C VAL A 172 32.13 8.29 1.70
N VAL A 173 32.52 7.43 2.63
CA VAL A 173 31.75 6.23 2.94
C VAL A 173 31.33 6.31 4.40
N PHE A 174 30.01 6.22 4.63
CA PHE A 174 29.45 6.18 5.96
C PHE A 174 29.15 4.74 6.30
N VAL A 175 29.59 4.32 7.48
CA VAL A 175 29.42 2.96 7.98
C VAL A 175 28.52 3.01 9.22
N GLY A 176 27.44 2.26 9.20
CA GLY A 176 26.49 2.21 10.34
C GLY A 176 25.05 2.25 9.87
N ALA A 177 24.15 1.81 10.74
CA ALA A 177 22.73 1.71 10.40
C ALA A 177 21.83 2.60 11.23
N GLY A 178 22.39 3.30 12.23
CA GLY A 178 21.60 4.13 13.11
C GLY A 178 21.29 5.51 12.56
N TYR A 179 20.58 6.30 13.35
CA TYR A 179 20.16 7.62 12.90
C TYR A 179 21.35 8.57 12.67
N ILE A 180 22.43 8.42 13.45
CA ILE A 180 23.60 9.28 13.28
C ILE A 180 24.20 9.10 11.87
N ALA A 181 24.43 7.86 11.46
CA ALA A 181 24.97 7.61 10.12
C ALA A 181 24.01 8.10 9.06
N ALA A 182 22.71 7.89 9.27
CA ALA A 182 21.70 8.31 8.31
C ALA A 182 21.74 9.82 8.13
N GLU A 183 21.76 10.54 9.24
CA GLU A 183 21.77 12.02 9.21
C GLU A 183 23.05 12.57 8.60
N LEU A 184 24.21 12.10 9.07
CA LEU A 184 25.46 12.64 8.55
C LEU A 184 25.69 12.35 7.05
N ALA A 185 25.25 11.17 6.60
CA ALA A 185 25.36 10.77 5.18
C ALA A 185 24.56 11.73 4.32
N GLY A 186 23.33 12.01 4.74
CA GLY A 186 22.49 12.95 4.01
C GLY A 186 23.10 14.34 3.93
N THR A 187 23.82 14.73 4.99
CA THR A 187 24.45 16.05 5.06
C THR A 187 25.59 16.22 4.04
N LEU A 188 26.55 15.29 4.02
CA LEU A 188 27.65 15.42 3.07
C LEU A 188 27.16 15.19 1.64
N HIS A 189 26.14 14.35 1.49
CA HIS A 189 25.61 14.13 0.16
C HIS A 189 24.93 15.39 -0.39
N GLY A 190 24.16 16.06 0.46
CA GLY A 190 23.48 17.30 0.07
C GLY A 190 24.48 18.40 -0.23
N LEU A 191 25.63 18.36 0.44
CA LEU A 191 26.71 19.33 0.19
C LEU A 191 27.60 19.00 -1.02
N GLY A 192 27.33 17.89 -1.69
CA GLY A 192 28.04 17.56 -2.95
C GLY A 192 29.08 16.48 -2.97
N ALA A 193 29.26 15.78 -1.85
CA ALA A 193 30.23 14.69 -1.83
C ALA A 193 29.62 13.45 -2.48
N GLU A 194 30.47 12.69 -3.15
CA GLU A 194 30.05 11.40 -3.70
C GLU A 194 29.94 10.56 -2.41
N THR A 195 28.71 10.17 -2.08
CA THR A 195 28.40 9.54 -0.80
C THR A 195 27.89 8.12 -0.92
N HIS A 196 28.50 7.26 -0.12
CA HIS A 196 28.16 5.86 0.01
C HIS A 196 27.71 5.62 1.45
N TRP A 197 26.64 4.83 1.62
CA TRP A 197 26.15 4.47 2.94
C TRP A 197 26.10 2.96 2.98
N ALA A 198 26.93 2.37 3.84
CA ALA A 198 27.06 0.91 3.98
C ALA A 198 26.62 0.46 5.33
N PHE A 199 25.72 -0.52 5.35
CA PHE A 199 25.19 -1.05 6.60
C PHE A 199 25.09 -2.57 6.51
N ARG A 200 25.12 -3.21 7.68
CA ARG A 200 25.17 -4.69 7.79
C ARG A 200 24.02 -5.54 7.31
N HIS A 201 22.78 -5.05 7.34
CA HIS A 201 21.66 -5.91 6.94
C HIS A 201 20.98 -5.41 5.68
N GLU A 202 19.84 -5.99 5.37
CA GLU A 202 19.09 -5.60 4.18
C GLU A 202 18.67 -4.12 4.26
N ARG A 203 18.40 -3.67 5.47
CA ARG A 203 17.93 -2.30 5.71
C ARG A 203 18.56 -1.68 6.94
N PRO A 204 18.71 -0.33 6.93
CA PRO A 204 19.23 0.36 8.09
C PRO A 204 18.06 0.79 8.97
N LEU A 205 18.32 1.51 10.05
CA LEU A 205 17.26 2.06 10.91
C LEU A 205 16.23 1.00 11.29
N ARG A 206 16.73 -0.17 11.67
CA ARG A 206 15.86 -1.32 11.97
C ARG A 206 14.90 -1.14 13.15
N SER A 207 15.19 -0.18 14.04
CA SER A 207 14.31 0.08 15.18
C SER A 207 13.13 0.99 14.80
N PHE A 208 13.18 1.58 13.60
CA PHE A 208 12.11 2.46 13.11
C PHE A 208 11.04 1.68 12.37
N ASP A 209 9.87 2.30 12.25
CA ASP A 209 8.78 1.73 11.49
C ASP A 209 9.28 1.45 10.08
N ASP A 210 8.87 0.31 9.53
CA ASP A 210 9.28 -0.09 8.18
C ASP A 210 9.05 0.95 7.09
N MET A 211 7.98 1.73 7.21
CA MET A 211 7.73 2.75 6.22
C MET A 211 8.91 3.74 6.22
N LEU A 212 9.39 4.08 7.41
CA LEU A 212 10.47 5.07 7.54
C LEU A 212 11.82 4.58 7.04
N SER A 213 12.23 3.38 7.44
CA SER A 213 13.49 2.81 6.96
C SER A 213 13.49 2.64 5.42
N GLU A 214 12.35 2.18 4.87
N GLU A 214 12.36 2.19 4.85
CA GLU A 214 12.17 2.02 3.43
CA GLU A 214 12.26 2.03 3.40
C GLU A 214 12.37 3.36 2.70
C GLU A 214 12.36 3.37 2.66
N LYS A 215 11.62 4.38 3.15
CA LYS A 215 11.61 5.69 2.51
C LYS A 215 12.89 6.50 2.66
N VAL A 216 13.55 6.45 3.82
CA VAL A 216 14.83 7.14 3.98
C VAL A 216 15.78 6.66 2.89
N VAL A 217 15.88 5.34 2.71
CA VAL A 217 16.76 4.79 1.70
C VAL A 217 16.29 5.17 0.29
N GLU A 218 14.99 5.04 0.03
CA GLU A 218 14.41 5.36 -1.28
C GLU A 218 14.67 6.81 -1.64
N ARG A 219 14.39 7.73 -0.72
CA ARG A 219 14.61 9.14 -0.97
C ARG A 219 16.11 9.42 -1.23
N TYR A 220 17.00 8.85 -0.40
CA TYR A 220 18.45 9.07 -0.62
C TYR A 220 18.96 8.49 -1.94
N GLN A 221 18.44 7.32 -2.31
N GLN A 221 18.48 7.31 -2.32
CA GLN A 221 18.82 6.60 -3.52
CA GLN A 221 18.92 6.67 -3.57
C GLN A 221 18.43 7.42 -4.76
C GLN A 221 18.47 7.49 -4.79
N GLU A 222 17.21 7.96 -4.77
CA GLU A 222 16.68 8.82 -5.86
C GLU A 222 17.54 10.05 -6.09
N MET A 223 18.08 10.63 -5.02
N MET A 223 18.07 10.58 -4.98
CA MET A 223 18.93 11.82 -5.14
CA MET A 223 18.91 11.77 -4.95
C MET A 223 20.39 11.53 -5.48
C MET A 223 20.37 11.52 -5.39
N GLY A 224 20.76 10.24 -5.54
CA GLY A 224 22.12 9.87 -5.95
C GLY A 224 23.07 9.26 -4.94
N MET A 225 22.61 9.06 -3.70
CA MET A 225 23.49 8.42 -2.71
C MET A 225 23.58 6.95 -3.10
N GLN A 226 24.76 6.37 -2.94
CA GLN A 226 24.97 4.96 -3.26
C GLN A 226 24.74 4.17 -1.98
N ILE A 227 23.84 3.19 -2.06
CA ILE A 227 23.48 2.38 -0.91
C ILE A 227 24.11 1.01 -1.05
N HIS A 228 24.74 0.56 0.03
CA HIS A 228 25.42 -0.72 0.09
C HIS A 228 24.86 -1.53 1.26
N PRO A 229 23.78 -2.28 1.01
CA PRO A 229 23.22 -3.09 2.07
C PRO A 229 24.01 -4.38 2.21
N ASN A 230 23.77 -5.09 3.31
CA ASN A 230 24.44 -6.37 3.57
C ASN A 230 25.94 -6.24 3.48
N ALA A 231 26.43 -5.09 3.96
CA ALA A 231 27.85 -4.75 3.92
C ALA A 231 28.47 -4.67 5.31
N THR A 232 29.32 -5.63 5.62
CA THR A 232 30.05 -5.68 6.89
C THR A 232 31.51 -5.27 6.59
N PRO A 233 32.02 -4.20 7.26
CA PRO A 233 33.40 -3.75 7.01
C PRO A 233 34.47 -4.78 7.36
N ALA A 234 35.50 -4.90 6.52
CA ALA A 234 36.58 -5.85 6.76
C ALA A 234 37.88 -5.13 7.14
N LYS A 235 38.24 -4.12 6.35
CA LYS A 235 39.47 -3.36 6.60
C LYS A 235 39.49 -2.05 5.81
N ILE A 236 40.32 -1.12 6.26
CA ILE A 236 40.57 0.14 5.55
C ILE A 236 42.08 0.18 5.28
N GLU A 237 42.45 0.45 4.02
CA GLU A 237 43.84 0.52 3.61
C GLU A 237 44.14 1.89 3.04
N LYS A 238 45.27 2.46 3.43
CA LYS A 238 45.73 3.74 2.90
C LYS A 238 46.62 3.43 1.72
N THR A 239 46.33 4.01 0.55
CA THR A 239 47.12 3.72 -0.64
C THR A 239 48.22 4.76 -0.83
N ALA A 240 49.12 4.48 -1.77
CA ALA A 240 50.23 5.39 -2.08
C ALA A 240 49.77 6.65 -2.81
N GLN A 241 48.50 6.71 -3.22
CA GLN A 241 47.95 7.85 -3.93
C GLN A 241 47.11 8.81 -3.05
N ASN A 242 47.38 8.84 -1.74
N ASN A 242 47.38 8.85 -1.75
CA ASN A 242 46.69 9.73 -0.78
CA ASN A 242 46.68 9.74 -0.81
C ASN A 242 45.16 9.54 -0.77
C ASN A 242 45.16 9.54 -0.79
N GLU A 243 44.74 8.29 -0.64
CA GLU A 243 43.30 7.94 -0.60
C GLU A 243 43.16 6.59 0.10
N TYR A 244 41.94 6.21 0.43
CA TYR A 244 41.70 4.97 1.16
C TYR A 244 40.79 4.01 0.39
N VAL A 245 40.92 2.72 0.71
CA VAL A 245 40.08 1.70 0.12
C VAL A 245 39.48 0.95 1.29
N ILE A 246 38.15 0.96 1.38
CA ILE A 246 37.45 0.20 2.41
C ILE A 246 36.92 -1.06 1.71
N THR A 247 37.22 -2.22 2.28
CA THR A 247 36.75 -3.48 1.72
C THR A 247 35.79 -4.11 2.71
N PHE A 248 34.76 -4.76 2.19
CA PHE A 248 33.74 -5.42 3.01
C PHE A 248 33.87 -6.96 2.89
N GLU A 249 33.26 -7.68 3.83
CA GLU A 249 33.35 -9.16 3.83
C GLU A 249 32.80 -9.81 2.55
N ASN A 250 31.81 -9.16 1.93
CA ASN A 250 31.20 -9.64 0.68
C ASN A 250 32.14 -9.50 -0.53
N GLY A 251 33.29 -8.84 -0.35
CA GLY A 251 34.25 -8.68 -1.43
C GLY A 251 34.21 -7.32 -2.13
N GLU A 252 33.13 -6.55 -1.96
CA GLU A 252 33.04 -5.26 -2.62
C GLU A 252 34.02 -4.27 -1.96
N SER A 253 34.42 -3.27 -2.72
CA SER A 253 35.36 -2.28 -2.24
C SER A 253 34.94 -0.93 -2.75
N ILE A 254 35.32 0.10 -2.01
CA ILE A 254 35.04 1.47 -2.37
C ILE A 254 36.32 2.29 -2.11
N THR A 255 36.74 3.05 -3.11
CA THR A 255 37.88 3.93 -2.97
C THR A 255 37.28 5.26 -2.51
N THR A 256 37.85 5.84 -1.45
CA THR A 256 37.26 7.02 -0.84
C THR A 256 38.28 7.96 -0.18
N ASP A 257 37.86 9.17 0.14
CA ASP A 257 38.71 10.15 0.79
C ASP A 257 38.54 10.13 2.30
N ALA A 258 37.41 9.59 2.75
CA ALA A 258 37.11 9.51 4.17
C ALA A 258 36.14 8.38 4.45
N VAL A 259 36.25 7.82 5.66
CA VAL A 259 35.33 6.80 6.14
C VAL A 259 34.84 7.31 7.49
N ILE A 260 33.52 7.44 7.60
CA ILE A 260 32.91 7.95 8.81
C ILE A 260 31.99 6.87 9.35
N PHE A 261 32.16 6.53 10.63
CA PHE A 261 31.37 5.46 11.22
C PHE A 261 30.57 5.89 12.43
N GLY A 262 29.41 5.26 12.59
CA GLY A 262 28.50 5.49 13.69
C GLY A 262 27.93 4.12 14.02
N THR A 263 28.71 3.35 14.79
CA THR A 263 28.38 1.98 15.16
C THR A 263 28.06 1.78 16.66
N GLY A 264 27.51 2.80 17.30
CA GLY A 264 27.14 2.71 18.72
C GLY A 264 28.00 3.52 19.66
N ARG A 265 27.42 3.87 20.80
CA ARG A 265 28.08 4.61 21.84
C ARG A 265 28.10 3.76 23.11
N GLN A 266 28.97 4.12 24.04
CA GLN A 266 29.13 3.41 25.31
C GLN A 266 29.09 4.42 26.43
N PRO A 267 28.62 3.99 27.59
CA PRO A 267 28.47 4.92 28.71
C PRO A 267 29.76 5.29 29.42
N ASN A 268 29.81 6.52 29.90
CA ASN A 268 30.99 7.04 30.61
C ASN A 268 30.97 6.69 32.10
N THR A 269 31.09 5.39 32.38
CA THR A 269 31.10 4.85 33.73
C THR A 269 32.43 4.17 34.08
N ASP A 270 33.31 4.03 33.09
CA ASP A 270 34.61 3.39 33.31
C ASP A 270 35.46 4.43 34.02
N GLN A 271 36.25 4.02 35.01
CA GLN A 271 37.11 4.96 35.74
C GLN A 271 36.35 6.11 36.45
N LEU A 272 35.09 5.87 36.81
CA LEU A 272 34.28 6.82 37.56
C LEU A 272 34.42 6.52 39.08
N GLY A 273 35.11 5.42 39.41
CA GLY A 273 35.33 5.05 40.81
C GLY A 273 34.12 4.46 41.50
N LEU A 274 33.20 3.87 40.74
CA LEU A 274 31.96 3.34 41.31
C LEU A 274 32.18 2.18 42.27
N GLU A 275 33.37 1.57 42.24
CA GLU A 275 33.69 0.51 43.20
C GLU A 275 33.65 1.05 44.65
N ASN A 276 33.77 2.38 44.79
CA ASN A 276 33.71 3.05 46.11
C ASN A 276 32.28 3.42 46.54
N THR A 277 31.29 2.98 45.74
CA THR A 277 29.86 3.24 46.01
C THR A 277 29.07 1.92 45.93
N LYS A 278 27.75 2.02 46.10
CA LYS A 278 26.87 0.84 45.95
C LYS A 278 26.08 0.96 44.64
N VAL A 279 26.61 1.75 43.69
CA VAL A 279 25.99 1.95 42.39
C VAL A 279 26.28 0.77 41.46
N ALA A 280 25.22 0.11 40.99
CA ALA A 280 25.36 -1.04 40.09
C ALA A 280 25.20 -0.66 38.62
N LEU A 281 25.98 -1.32 37.78
CA LEU A 281 25.94 -1.15 36.34
C LEU A 281 25.40 -2.40 35.69
N ASP A 282 24.76 -2.27 34.53
CA ASP A 282 24.33 -3.46 33.79
C ASP A 282 25.55 -4.00 33.00
N GLU A 283 25.35 -5.05 32.23
CA GLU A 283 26.45 -5.68 31.49
C GLU A 283 27.15 -4.76 30.50
N LYS A 284 26.40 -3.79 29.95
CA LYS A 284 26.88 -2.82 28.98
C LYS A 284 27.58 -1.60 29.64
N GLY A 285 27.54 -1.51 30.97
CA GLY A 285 28.13 -0.40 31.71
C GLY A 285 27.17 0.74 32.04
N TYR A 286 25.89 0.60 31.70
CA TYR A 286 24.90 1.65 32.01
C TYR A 286 24.52 1.61 33.48
N VAL A 287 24.24 2.79 34.05
CA VAL A 287 23.87 2.88 35.44
C VAL A 287 22.42 2.48 35.62
N LYS A 288 22.19 1.48 36.49
CA LYS A 288 20.84 1.02 36.80
C LYS A 288 20.09 2.09 37.59
N VAL A 289 18.86 2.37 37.20
CA VAL A 289 18.05 3.34 37.93
C VAL A 289 16.61 2.88 38.02
N ASP A 290 15.91 3.44 39.00
CA ASP A 290 14.51 3.17 39.17
C ASP A 290 13.76 4.32 38.45
N LYS A 291 12.43 4.32 38.56
CA LYS A 291 11.65 5.33 37.84
C LYS A 291 11.98 6.77 38.29
N PHE A 292 12.52 6.90 39.51
CA PHE A 292 12.88 8.20 40.07
C PHE A 292 14.33 8.62 39.84
N GLN A 293 15.04 7.90 38.97
CA GLN A 293 16.44 8.16 38.66
C GLN A 293 17.38 7.82 39.83
N ASN A 294 16.87 7.07 40.81
CA ASN A 294 17.71 6.63 41.92
C ASN A 294 18.60 5.48 41.47
N THR A 295 19.89 5.54 41.76
CA THR A 295 20.77 4.39 41.49
C THR A 295 20.47 3.38 42.58
N THR A 296 21.20 2.27 42.59
CA THR A 296 21.02 1.27 43.63
C THR A 296 21.57 1.74 44.99
N GLN A 297 22.18 2.92 45.05
CA GLN A 297 22.63 3.51 46.31
C GLN A 297 21.80 4.75 46.63
N ASN A 298 21.26 4.83 47.84
CA ASN A 298 20.53 6.05 48.24
C ASN A 298 21.58 7.17 48.30
N GLY A 299 21.28 8.32 47.71
CA GLY A 299 22.21 9.46 47.70
C GLY A 299 22.89 9.70 46.35
N ILE A 300 22.77 8.74 45.42
CA ILE A 300 23.35 8.88 44.08
C ILE A 300 22.24 8.58 43.07
N TYR A 301 22.20 9.45 42.05
CA TYR A 301 21.18 9.45 41.00
C TYR A 301 21.84 9.42 39.63
N ALA A 302 21.06 9.13 38.60
CA ALA A 302 21.60 9.14 37.24
C ALA A 302 20.53 9.46 36.21
N VAL A 303 20.92 10.27 35.23
CA VAL A 303 20.06 10.65 34.12
C VAL A 303 20.87 10.74 32.83
N GLY A 304 20.15 10.75 31.71
CA GLY A 304 20.76 10.94 30.40
C GLY A 304 21.28 9.68 29.74
N ASP A 305 22.20 9.87 28.80
CA ASP A 305 22.75 8.74 28.04
C ASP A 305 23.39 7.63 28.91
N VAL A 306 23.88 8.00 30.09
CA VAL A 306 24.59 7.06 30.96
C VAL A 306 23.67 5.95 31.51
N ILE A 307 22.35 6.16 31.44
CA ILE A 307 21.42 5.13 31.91
C ILE A 307 20.94 4.17 30.80
N GLY A 308 21.28 4.46 29.54
CA GLY A 308 20.92 3.56 28.44
C GLY A 308 19.44 3.33 28.18
N LYS A 309 18.65 4.40 28.31
CA LYS A 309 17.20 4.31 28.08
C LYS A 309 16.89 4.96 26.73
N ILE A 310 16.59 6.25 26.72
CA ILE A 310 16.32 6.97 25.48
C ILE A 310 17.36 8.07 25.41
N ASP A 311 18.28 7.93 24.46
CA ASP A 311 19.40 8.84 24.32
C ASP A 311 19.08 10.08 23.51
N LEU A 312 18.33 10.98 24.14
CA LEU A 312 17.93 12.25 23.52
C LEU A 312 18.11 13.35 24.54
N THR A 313 18.45 14.54 24.04
CA THR A 313 18.69 15.67 24.92
C THR A 313 17.48 16.07 25.77
N PRO A 314 16.26 16.18 25.17
CA PRO A 314 15.11 16.57 25.98
C PRO A 314 14.75 15.57 27.08
N VAL A 315 15.10 14.30 26.90
CA VAL A 315 14.84 13.28 27.92
C VAL A 315 15.78 13.51 29.10
N ALA A 316 17.07 13.70 28.81
CA ALA A 316 18.04 13.98 29.85
C ALA A 316 17.65 15.23 30.61
N ILE A 317 17.20 16.27 29.89
CA ILE A 317 16.81 17.52 30.51
C ILE A 317 15.60 17.36 31.45
N ALA A 318 14.57 16.71 30.95
CA ALA A 318 13.34 16.51 31.73
C ALA A 318 13.59 15.63 32.94
N ALA A 319 14.36 14.55 32.74
CA ALA A 319 14.71 13.66 33.86
C ALA A 319 15.48 14.44 34.93
N GLY A 320 16.41 15.29 34.49
CA GLY A 320 17.22 16.09 35.42
C GLY A 320 16.44 17.16 36.16
N ARG A 321 15.51 17.81 35.47
CA ARG A 321 14.68 18.84 36.08
C ARG A 321 13.71 18.23 37.07
N ARG A 322 13.06 17.14 36.67
CA ARG A 322 12.12 16.51 37.56
C ARG A 322 12.82 15.99 38.82
N LEU A 323 14.04 15.50 38.65
CA LEU A 323 14.84 15.00 39.77
C LEU A 323 15.12 16.11 40.78
N SER A 324 15.49 17.29 40.28
CA SER A 324 15.75 18.43 41.16
C SER A 324 14.47 18.94 41.85
N GLU A 325 13.33 18.88 41.15
CA GLU A 325 12.05 19.23 41.75
C GLU A 325 11.75 18.28 42.91
N ARG A 326 12.05 16.99 42.69
CA ARG A 326 11.80 15.97 43.70
C ARG A 326 12.70 16.15 44.91
N LEU A 327 13.98 16.34 44.67
CA LEU A 327 14.94 16.45 45.77
C LEU A 327 14.94 17.79 46.49
N PHE A 328 14.75 18.88 45.75
CA PHE A 328 14.85 20.23 46.32
C PHE A 328 13.59 21.08 46.34
N ASN A 329 12.46 20.58 45.82
CA ASN A 329 11.22 21.34 45.85
C ASN A 329 10.04 20.47 46.29
N GLY A 330 10.34 19.44 47.08
CA GLY A 330 9.34 18.54 47.66
C GLY A 330 8.36 17.80 46.78
N GLN A 331 8.71 17.59 45.51
CA GLN A 331 7.83 16.89 44.59
C GLN A 331 8.17 15.40 44.70
N THR A 332 7.91 14.87 45.89
CA THR A 332 8.29 13.51 46.27
C THR A 332 7.98 12.39 45.25
N ASP A 333 6.83 12.49 44.58
CA ASP A 333 6.41 11.44 43.63
C ASP A 333 6.67 11.76 42.16
N LEU A 334 7.36 12.86 41.87
CA LEU A 334 7.55 13.25 40.49
C LEU A 334 8.58 12.39 39.76
N TYR A 335 8.25 11.99 38.53
CA TYR A 335 9.16 11.24 37.70
C TYR A 335 8.83 11.45 36.24
N LEU A 336 9.80 11.10 35.39
CA LEU A 336 9.65 11.22 33.95
C LEU A 336 9.11 9.93 33.33
N ASP A 337 8.06 10.06 32.53
CA ASP A 337 7.49 8.95 31.80
C ASP A 337 8.31 8.83 30.51
N TYR A 338 8.93 7.65 30.30
CA TYR A 338 9.72 7.36 29.10
C TYR A 338 8.93 6.78 27.91
N ASN A 339 7.60 6.65 28.06
N ASN A 339 7.60 6.69 28.07
CA ASN A 339 6.77 6.17 26.97
CA ASN A 339 6.69 6.19 27.04
C ASN A 339 6.31 7.37 26.12
C ASN A 339 6.25 7.37 26.14
N LEU A 340 6.06 7.13 24.84
CA LEU A 340 5.58 8.15 23.90
C LEU A 340 6.44 9.43 23.79
N VAL A 341 7.76 9.23 23.74
CA VAL A 341 8.69 10.32 23.53
C VAL A 341 8.80 10.46 22.02
N PRO A 342 8.59 11.67 21.50
CA PRO A 342 8.69 11.88 20.06
C PRO A 342 10.14 12.06 19.66
N THR A 343 10.46 11.66 18.43
CA THR A 343 11.81 11.78 17.85
C THR A 343 11.68 12.29 16.43
N VAL A 344 12.61 13.18 16.06
CA VAL A 344 12.76 13.65 14.68
C VAL A 344 14.18 13.26 14.27
N VAL A 345 14.30 12.70 13.07
CA VAL A 345 15.61 12.37 12.51
C VAL A 345 15.76 13.24 11.28
N PHE A 346 16.88 13.97 11.23
CA PHE A 346 17.14 14.89 10.14
C PHE A 346 17.78 14.30 8.90
N THR A 347 17.04 13.38 8.27
CA THR A 347 17.38 12.83 6.99
C THR A 347 16.89 13.88 5.95
N HIS A 348 16.96 13.55 4.67
CA HIS A 348 16.47 14.40 3.56
C HIS A 348 15.41 13.61 2.79
N PRO A 349 14.11 13.86 3.00
CA PRO A 349 13.59 14.82 3.96
C PRO A 349 13.57 14.20 5.36
N PRO A 350 13.22 14.98 6.40
CA PRO A 350 13.26 14.46 7.76
C PRO A 350 12.18 13.42 8.09
N VAL A 351 12.43 12.70 9.17
CA VAL A 351 11.56 11.69 9.70
C VAL A 351 10.99 12.16 11.04
N ALA A 352 9.72 11.83 11.29
CA ALA A 352 9.04 12.13 12.54
C ALA A 352 8.40 10.85 13.03
N THR A 353 8.58 10.53 14.29
CA THR A 353 8.01 9.30 14.81
C THR A 353 7.72 9.36 16.31
N ILE A 354 6.62 8.75 16.68
CA ILE A 354 6.24 8.62 18.08
C ILE A 354 5.42 7.34 18.24
N GLY A 355 5.62 6.65 19.35
CA GLY A 355 4.87 5.45 19.63
C GLY A 355 5.34 4.23 18.85
N LEU A 356 4.46 3.25 18.79
CA LEU A 356 4.79 1.95 18.20
C LEU A 356 4.89 1.90 16.70
N THR A 357 5.78 1.04 16.23
CA THR A 357 5.93 0.72 14.82
C THR A 357 4.74 -0.17 14.46
N GLU A 358 4.47 -0.36 13.17
CA GLU A 358 3.36 -1.21 12.77
C GLU A 358 3.57 -2.63 13.28
N LYS A 359 4.78 -3.15 13.13
CA LYS A 359 5.05 -4.53 13.56
C LYS A 359 4.88 -4.72 15.07
N ALA A 360 5.30 -3.72 15.85
CA ALA A 360 5.17 -3.81 17.31
C ALA A 360 3.71 -3.73 17.74
N ALA A 361 2.91 -2.93 17.02
CA ALA A 361 1.49 -2.81 17.33
C ALA A 361 0.76 -4.13 17.05
N LEU A 362 1.08 -4.74 15.91
CA LEU A 362 0.48 -6.01 15.54
C LEU A 362 0.81 -7.08 16.57
N GLU A 363 2.06 -7.07 17.04
CA GLU A 363 2.51 -8.06 18.03
C GLU A 363 1.80 -7.86 19.36
N GLU A 364 1.65 -6.61 19.78
CA GLU A 364 1.03 -6.33 21.07
C GLU A 364 -0.49 -6.49 21.10
N TYR A 365 -1.17 -6.04 20.07
CA TYR A 365 -2.64 -6.04 20.06
C TYR A 365 -3.33 -7.04 19.13
N GLY A 366 -2.61 -7.58 18.16
CA GLY A 366 -3.19 -8.51 17.19
C GLY A 366 -3.81 -7.80 16.00
N GLU A 367 -3.76 -8.45 14.84
CA GLU A 367 -4.28 -7.91 13.57
C GLU A 367 -5.73 -7.45 13.64
N ASP A 368 -6.57 -8.20 14.38
CA ASP A 368 -7.99 -7.83 14.48
C ASP A 368 -8.22 -6.52 15.23
N GLN A 369 -7.27 -6.12 16.07
CA GLN A 369 -7.39 -4.88 16.85
C GLN A 369 -6.62 -3.68 16.30
N VAL A 370 -5.87 -3.88 15.22
CA VAL A 370 -5.06 -2.79 14.65
C VAL A 370 -5.57 -2.36 13.29
N LYS A 371 -5.69 -1.05 13.11
CA LYS A 371 -6.07 -0.46 11.86
C LYS A 371 -5.00 0.56 11.52
N ILE A 372 -4.52 0.52 10.28
CA ILE A 372 -3.48 1.42 9.83
C ILE A 372 -4.04 2.38 8.81
N TYR A 373 -3.76 3.65 8.99
CA TYR A 373 -4.12 4.68 8.03
C TYR A 373 -2.80 5.07 7.40
N ARG A 374 -2.78 5.15 6.09
CA ARG A 374 -1.56 5.41 5.32
C ARG A 374 -1.86 6.47 4.26
N SER A 375 -1.00 7.48 4.16
CA SER A 375 -1.18 8.54 3.18
C SER A 375 0.13 8.78 2.45
N SER A 376 0.04 9.11 1.17
CA SER A 376 1.22 9.42 0.36
C SER A 376 0.80 10.52 -0.57
N PHE A 377 1.54 11.61 -0.59
CA PHE A 377 1.17 12.75 -1.44
C PHE A 377 2.40 13.53 -1.80
N THR A 378 2.30 14.33 -2.85
CA THR A 378 3.40 15.19 -3.27
C THR A 378 3.16 16.56 -2.63
N PRO A 379 4.08 17.00 -1.76
CA PRO A 379 3.88 18.33 -1.16
C PRO A 379 3.81 19.40 -2.24
N MET A 380 2.95 20.40 -2.04
CA MET A 380 2.76 21.47 -3.02
C MET A 380 4.08 22.18 -3.35
N TYR A 381 5.02 22.16 -2.41
CA TYR A 381 6.32 22.74 -2.62
C TYR A 381 6.96 22.23 -3.92
N PHE A 382 6.70 20.98 -4.27
CA PHE A 382 7.27 20.35 -5.46
C PHE A 382 6.41 20.41 -6.73
N ALA A 383 5.27 21.11 -6.66
CA ALA A 383 4.30 21.14 -7.78
C ALA A 383 4.73 21.80 -9.07
N LEU A 384 5.78 22.60 -9.01
CA LEU A 384 6.25 23.33 -10.19
C LEU A 384 7.49 22.75 -10.85
N GLY A 385 8.14 21.79 -10.22
CA GLY A 385 9.35 21.20 -10.79
C GLY A 385 9.10 19.80 -11.31
N GLU A 386 10.15 19.19 -11.85
CA GLU A 386 10.04 17.81 -12.37
C GLU A 386 10.23 16.75 -11.28
N TYR A 387 10.99 17.09 -10.23
CA TYR A 387 11.20 16.16 -9.13
C TYR A 387 10.01 16.19 -8.17
N ARG A 388 9.20 15.14 -8.18
CA ARG A 388 8.03 15.06 -7.32
C ARG A 388 8.30 14.21 -6.06
N GLN A 389 9.00 14.79 -5.09
CA GLN A 389 9.31 14.10 -3.86
C GLN A 389 8.01 13.78 -3.10
N LYS A 390 7.90 12.57 -2.59
CA LYS A 390 6.71 12.18 -1.85
C LYS A 390 6.87 12.39 -0.35
N CYS A 391 5.73 12.58 0.31
CA CYS A 391 5.64 12.65 1.74
C CYS A 391 4.77 11.45 2.10
N ASP A 392 5.21 10.66 3.06
CA ASP A 392 4.49 9.46 3.49
C ASP A 392 4.18 9.53 4.97
N MET A 393 2.93 9.24 5.31
CA MET A 393 2.42 9.31 6.68
C MET A 393 1.63 8.07 7.03
N LYS A 394 1.68 7.72 8.31
CA LYS A 394 1.02 6.53 8.84
C LYS A 394 0.53 6.77 10.25
N LEU A 395 -0.70 6.33 10.53
CA LEU A 395 -1.28 6.39 11.86
C LEU A 395 -1.64 4.97 12.21
N ILE A 396 -1.26 4.55 13.41
CA ILE A 396 -1.53 3.21 13.88
C ILE A 396 -2.54 3.33 15.00
N CYS A 397 -3.72 2.71 14.78
CA CYS A 397 -4.85 2.79 15.71
C CYS A 397 -5.23 1.45 16.27
N VAL A 398 -5.64 1.44 17.54
CA VAL A 398 -6.01 0.21 18.23
C VAL A 398 -7.45 0.24 18.72
N GLY A 399 -8.13 -0.89 18.56
CA GLY A 399 -9.49 -1.08 19.02
C GLY A 399 -10.61 -0.34 18.30
N LYS A 400 -11.83 -0.61 18.73
CA LYS A 400 -13.02 0.01 18.18
C LYS A 400 -12.87 1.55 18.17
N GLU A 401 -12.37 2.07 19.28
CA GLU A 401 -12.18 3.52 19.46
C GLU A 401 -11.08 4.13 18.57
N GLU A 402 -10.26 3.27 17.96
CA GLU A 402 -9.15 3.70 17.11
C GLU A 402 -8.21 4.66 17.83
N LYS A 403 -7.75 4.23 19.01
CA LYS A 403 -6.81 5.00 19.79
C LYS A 403 -5.47 4.99 19.05
N ILE A 404 -4.86 6.15 18.90
CA ILE A 404 -3.57 6.26 18.20
C ILE A 404 -2.43 5.82 19.11
N VAL A 405 -1.75 4.75 18.70
CA VAL A 405 -0.63 4.25 19.46
C VAL A 405 0.70 4.51 18.76
N GLY A 406 0.63 4.96 17.51
CA GLY A 406 1.84 5.28 16.73
C GLY A 406 1.54 6.23 15.60
N LEU A 407 2.47 7.15 15.34
CA LEU A 407 2.33 8.11 14.27
C LEU A 407 3.72 8.28 13.67
N HIS A 408 3.80 8.17 12.34
CA HIS A 408 5.07 8.24 11.64
C HIS A 408 4.95 9.01 10.36
N GLY A 409 5.98 9.75 10.02
CA GLY A 409 5.95 10.49 8.79
C GLY A 409 7.33 10.81 8.29
N ILE A 410 7.42 10.97 6.98
CA ILE A 410 8.68 11.35 6.32
C ILE A 410 8.29 12.32 5.22
N GLY A 411 8.88 13.50 5.26
CA GLY A 411 8.56 14.49 4.27
C GLY A 411 9.03 15.85 4.69
N ILE A 412 8.99 16.77 3.75
CA ILE A 412 9.40 18.12 4.06
C ILE A 412 8.51 18.69 5.14
N GLY A 413 9.14 19.37 6.10
CA GLY A 413 8.42 20.01 7.19
C GLY A 413 7.98 19.13 8.34
N VAL A 414 8.03 17.79 8.22
CA VAL A 414 7.56 16.94 9.34
C VAL A 414 8.32 17.17 10.64
N ASP A 415 9.53 17.70 10.54
CA ASP A 415 10.35 18.02 11.71
C ASP A 415 9.64 18.98 12.68
N GLU A 416 8.87 19.92 12.12
CA GLU A 416 8.13 20.90 12.92
C GLU A 416 6.67 20.49 13.17
N MET A 417 6.18 19.44 12.53
CA MET A 417 4.79 19.01 12.71
C MET A 417 4.55 18.15 13.93
N LEU A 418 5.58 17.43 14.36
CA LEU A 418 5.38 16.42 15.38
C LEU A 418 5.04 16.85 16.80
N GLN A 419 5.64 17.93 17.30
CA GLN A 419 5.47 18.31 18.71
C GLN A 419 4.01 18.39 19.18
N GLY A 420 3.16 19.04 18.39
CA GLY A 420 1.75 19.18 18.74
C GLY A 420 1.01 17.84 18.76
N PHE A 421 1.28 17.00 17.76
CA PHE A 421 0.66 15.68 17.72
C PHE A 421 1.13 14.83 18.90
N ALA A 422 2.39 15.01 19.32
CA ALA A 422 2.91 14.29 20.48
C ALA A 422 2.10 14.65 21.72
N VAL A 423 1.73 15.93 21.86
CA VAL A 423 0.89 16.35 22.98
C VAL A 423 -0.46 15.62 22.93
N ALA A 424 -1.11 15.64 21.77
CA ALA A 424 -2.41 15.01 21.60
C ALA A 424 -2.38 13.50 21.88
N ILE A 425 -1.32 12.85 21.40
CA ILE A 425 -1.16 11.40 21.57
C ILE A 425 -0.89 11.06 23.04
N LYS A 426 -0.11 11.90 23.71
CA LYS A 426 0.15 11.72 25.14
C LYS A 426 -1.17 11.84 25.90
N MET A 427 -2.08 12.68 25.41
CA MET A 427 -3.41 12.86 26.03
C MET A 427 -4.41 11.73 25.72
N GLY A 428 -4.02 10.80 24.84
CA GLY A 428 -4.86 9.65 24.47
C GLY A 428 -5.72 9.86 23.25
N ALA A 429 -5.25 10.68 22.32
CA ALA A 429 -5.98 10.98 21.10
C ALA A 429 -6.40 9.75 20.30
N THR A 430 -7.61 9.80 19.75
CA THR A 430 -8.16 8.77 18.88
C THR A 430 -8.21 9.32 17.47
N LYS A 431 -8.52 8.46 16.52
CA LYS A 431 -8.69 8.91 15.13
C LYS A 431 -9.79 9.98 15.09
N ALA A 432 -10.86 9.80 15.87
CA ALA A 432 -11.95 10.79 15.93
C ALA A 432 -11.48 12.16 16.41
N ASP A 433 -10.55 12.19 17.38
CA ASP A 433 -10.03 13.47 17.85
C ASP A 433 -9.31 14.21 16.72
N PHE A 434 -8.53 13.46 15.93
CA PHE A 434 -7.84 14.03 14.77
C PHE A 434 -8.86 14.52 13.74
N ASP A 435 -9.82 13.65 13.40
CA ASP A 435 -10.83 13.97 12.39
C ASP A 435 -11.71 15.19 12.73
N ASN A 436 -11.96 15.40 14.02
N ASN A 436 -11.94 15.41 14.03
CA ASN A 436 -12.77 16.54 14.47
CA ASN A 436 -12.75 16.52 14.49
C ASN A 436 -12.00 17.86 14.57
C ASN A 436 -11.96 17.81 14.72
N THR A 437 -10.71 17.84 14.25
CA THR A 437 -9.88 19.05 14.32
C THR A 437 -9.86 19.56 12.88
N VAL A 438 -10.23 20.82 12.70
CA VAL A 438 -10.32 21.36 11.36
C VAL A 438 -8.90 21.49 10.78
N ALA A 439 -8.76 21.12 9.52
CA ALA A 439 -7.48 21.20 8.83
C ALA A 439 -7.01 22.63 8.62
N ILE A 440 -5.70 22.78 8.44
CA ILE A 440 -5.07 24.07 8.10
C ILE A 440 -4.58 23.90 6.66
N HIS A 441 -5.09 24.73 5.75
CA HIS A 441 -4.77 24.62 4.32
C HIS A 441 -4.15 25.91 3.82
N PRO A 442 -3.10 25.87 2.99
CA PRO A 442 -2.45 24.64 2.52
C PRO A 442 -1.18 24.36 3.30
N THR A 443 -1.13 23.19 3.92
CA THR A 443 0.06 22.75 4.67
C THR A 443 0.24 21.26 4.47
N GLY A 444 1.42 20.75 4.82
CA GLY A 444 1.63 19.32 4.78
C GLY A 444 0.96 18.71 6.01
N SER A 445 0.96 19.45 7.12
CA SER A 445 0.40 18.97 8.40
C SER A 445 -1.07 18.56 8.35
N GLU A 446 -1.85 19.21 7.50
CA GLU A 446 -3.28 18.87 7.40
C GLU A 446 -3.54 17.42 6.96
N GLU A 447 -2.59 16.82 6.26
N GLU A 447 -2.59 16.82 6.25
CA GLU A 447 -2.74 15.45 5.78
CA GLU A 447 -2.79 15.45 5.80
C GLU A 447 -2.89 14.44 6.94
C GLU A 447 -3.03 14.52 7.00
N PHE A 448 -2.39 14.79 8.13
CA PHE A 448 -2.54 13.95 9.33
C PHE A 448 -3.97 13.92 9.88
N VAL A 449 -4.73 14.98 9.65
CA VAL A 449 -6.09 15.05 10.16
C VAL A 449 -7.16 14.80 9.07
N THR A 450 -6.74 14.42 7.88
CA THR A 450 -7.69 14.18 6.78
C THR A 450 -7.45 12.81 6.13
N MET A 451 -6.86 11.87 6.90
CA MET A 451 -6.63 10.53 6.38
C MET A 451 -7.94 9.75 6.36
N ARG A 452 -8.12 8.98 5.29
CA ARG A 452 -9.29 8.13 5.12
C ARG A 452 -8.80 6.69 5.09
N LYS B 5 -35.38 19.62 -15.54
CA LYS B 5 -35.18 18.33 -14.79
C LYS B 5 -35.23 18.48 -13.27
N THR B 6 -35.31 17.32 -12.62
CA THR B 6 -35.36 17.20 -11.17
C THR B 6 -34.15 16.40 -10.66
N TYR B 7 -33.61 16.86 -9.54
CA TYR B 7 -32.48 16.23 -8.88
C TYR B 7 -32.81 16.07 -7.41
N ASP B 8 -31.96 15.36 -6.69
CA ASP B 8 -32.10 15.23 -5.23
C ASP B 8 -31.46 16.46 -4.58
N TYR B 9 -30.37 16.94 -5.20
CA TYR B 9 -29.58 18.03 -4.64
C TYR B 9 -29.00 18.92 -5.71
N ILE B 10 -29.18 20.22 -5.55
CA ILE B 10 -28.61 21.22 -6.44
C ILE B 10 -27.63 22.05 -5.60
N VAL B 11 -26.39 22.14 -6.07
CA VAL B 11 -25.35 22.90 -5.39
C VAL B 11 -24.98 24.08 -6.27
N ILE B 12 -25.13 25.28 -5.72
CA ILE B 12 -24.81 26.52 -6.43
C ILE B 12 -23.45 27.00 -5.98
N GLY B 13 -22.45 26.82 -6.83
CA GLY B 13 -21.07 27.21 -6.56
C GLY B 13 -20.17 25.98 -6.56
N GLY B 14 -19.14 26.01 -7.41
CA GLY B 14 -18.17 24.93 -7.54
C GLY B 14 -16.84 25.24 -6.89
N GLY B 15 -16.89 25.82 -5.70
CA GLY B 15 -15.71 26.11 -4.93
C GLY B 15 -15.50 25.09 -3.81
N SER B 16 -14.75 25.48 -2.79
CA SER B 16 -14.41 24.56 -1.69
C SER B 16 -15.62 23.86 -1.06
N GLY B 17 -16.63 24.65 -0.69
CA GLY B 17 -17.82 24.13 -0.04
C GLY B 17 -18.72 23.33 -0.95
N GLY B 18 -18.96 23.86 -2.15
CA GLY B 18 -19.84 23.21 -3.11
C GLY B 18 -19.34 21.88 -3.60
N ILE B 19 -18.07 21.85 -4.00
CA ILE B 19 -17.46 20.59 -4.46
C ILE B 19 -17.49 19.56 -3.34
N ALA B 20 -17.05 19.97 -2.15
CA ALA B 20 -17.03 19.04 -1.02
C ALA B 20 -18.43 18.46 -0.72
N SER B 21 -19.43 19.32 -0.69
CA SER B 21 -20.79 18.87 -0.37
C SER B 21 -21.36 18.01 -1.50
N ALA B 22 -21.12 18.42 -2.74
CA ALA B 22 -21.66 17.69 -3.87
C ALA B 22 -21.07 16.28 -3.93
N ASN B 23 -19.74 16.16 -3.84
CA ASN B 23 -19.08 14.86 -3.87
C ASN B 23 -19.60 13.93 -2.79
N ARG B 24 -19.73 14.45 -1.57
CA ARG B 24 -20.19 13.62 -0.46
C ARG B 24 -21.66 13.15 -0.68
N ALA B 25 -22.48 14.03 -1.26
CA ALA B 25 -23.87 13.66 -1.55
C ALA B 25 -23.92 12.54 -2.61
N GLY B 26 -23.13 12.70 -3.67
CA GLY B 26 -23.06 11.72 -4.76
C GLY B 26 -22.54 10.39 -4.27
N MET B 27 -21.58 10.46 -3.34
CA MET B 27 -20.98 9.27 -2.73
C MET B 27 -22.08 8.46 -2.01
N HIS B 28 -23.07 9.17 -1.47
CA HIS B 28 -24.21 8.52 -0.78
C HIS B 28 -25.44 8.28 -1.66
N GLY B 29 -25.27 8.32 -2.97
CA GLY B 29 -26.36 8.00 -3.91
C GLY B 29 -27.33 9.08 -4.31
N ALA B 30 -27.05 10.33 -3.98
CA ALA B 30 -27.93 11.41 -4.39
C ALA B 30 -27.65 11.76 -5.84
N ASN B 31 -28.70 12.10 -6.58
CA ASN B 31 -28.59 12.59 -7.94
C ASN B 31 -28.27 14.08 -7.76
N VAL B 32 -27.04 14.48 -8.05
CA VAL B 32 -26.59 15.86 -7.80
C VAL B 32 -26.30 16.70 -9.05
N LEU B 33 -26.70 17.98 -8.99
CA LEU B 33 -26.40 18.96 -10.04
C LEU B 33 -25.57 20.05 -9.38
N LEU B 34 -24.40 20.34 -9.93
N LEU B 34 -24.40 20.35 -9.96
CA LEU B 34 -23.55 21.42 -9.41
CA LEU B 34 -23.46 21.37 -9.47
C LEU B 34 -23.43 22.46 -10.51
C LEU B 34 -23.31 22.48 -10.51
N ILE B 35 -23.62 23.72 -10.13
CA ILE B 35 -23.60 24.84 -11.06
C ILE B 35 -22.45 25.78 -10.66
N GLU B 36 -21.62 26.14 -11.64
CA GLU B 36 -20.46 27.02 -11.44
C GLU B 36 -20.37 27.97 -12.63
N GLY B 37 -20.38 29.27 -12.36
CA GLY B 37 -20.34 30.26 -13.45
C GLY B 37 -18.96 30.62 -13.95
N ASN B 38 -17.93 30.30 -13.18
CA ASN B 38 -16.56 30.68 -13.57
C ASN B 38 -15.63 29.45 -13.72
N GLU B 39 -14.74 29.23 -12.77
N GLU B 39 -14.71 29.24 -12.79
CA GLU B 39 -13.77 28.14 -12.84
CA GLU B 39 -13.78 28.11 -12.88
C GLU B 39 -14.01 27.15 -11.71
C GLU B 39 -14.00 27.16 -11.73
N ILE B 40 -13.90 25.87 -12.02
CA ILE B 40 -14.06 24.84 -11.03
C ILE B 40 -12.95 25.00 -9.97
N GLY B 41 -13.30 24.76 -8.71
CA GLY B 41 -12.34 24.87 -7.62
C GLY B 41 -12.47 26.17 -6.87
N GLY B 42 -13.22 27.11 -7.45
CA GLY B 42 -13.49 28.36 -6.79
C GLY B 42 -12.29 29.23 -6.43
N THR B 43 -12.45 29.93 -5.33
CA THR B 43 -11.47 30.93 -4.89
C THR B 43 -10.14 30.30 -4.43
N CYS B 44 -10.22 29.29 -3.59
CA CYS B 44 -9.01 28.66 -3.05
C CYS B 44 -8.07 28.15 -4.12
N VAL B 45 -8.62 27.41 -5.08
CA VAL B 45 -7.80 26.83 -6.12
C VAL B 45 -7.30 27.83 -7.16
N ASN B 46 -8.14 28.77 -7.53
CA ASN B 46 -7.81 29.68 -8.64
C ASN B 46 -7.20 31.01 -8.27
N VAL B 47 -7.68 31.63 -7.22
CA VAL B 47 -7.26 32.97 -6.83
C VAL B 47 -7.16 33.14 -5.33
N GLY B 48 -6.81 32.06 -4.64
CA GLY B 48 -6.77 32.04 -3.19
C GLY B 48 -5.62 31.26 -2.62
N CYS B 49 -5.94 30.35 -1.69
CA CYS B 49 -4.94 29.58 -0.96
C CYS B 49 -3.82 28.98 -1.83
N VAL B 50 -4.18 28.33 -2.92
CA VAL B 50 -3.20 27.64 -3.74
C VAL B 50 -2.19 28.57 -4.43
N PRO B 51 -2.67 29.49 -5.28
CA PRO B 51 -1.66 30.35 -5.90
C PRO B 51 -0.95 31.25 -4.88
N LYS B 52 -1.65 31.62 -3.81
CA LYS B 52 -1.05 32.46 -2.76
C LYS B 52 0.16 31.72 -2.16
N LYS B 53 -0.03 30.44 -1.84
CA LYS B 53 1.03 29.63 -1.24
C LYS B 53 2.20 29.44 -2.20
N VAL B 54 1.90 29.21 -3.48
CA VAL B 54 2.95 29.08 -4.47
C VAL B 54 3.81 30.36 -4.53
N MET B 55 3.16 31.52 -4.59
CA MET B 55 3.89 32.79 -4.68
C MET B 55 4.69 33.06 -3.37
N TRP B 56 4.11 32.70 -2.23
CA TRP B 56 4.77 32.84 -0.94
C TRP B 56 6.03 31.99 -0.92
N GLN B 57 5.94 30.79 -1.47
CA GLN B 57 7.09 29.89 -1.49
C GLN B 57 8.23 30.50 -2.32
N ALA B 58 7.91 31.04 -3.49
CA ALA B 58 8.89 31.68 -4.35
C ALA B 58 9.52 32.86 -3.61
N SER B 59 8.68 33.61 -2.93
N SER B 59 8.69 33.65 -2.96
CA SER B 59 9.15 34.78 -2.19
CA SER B 59 9.19 34.83 -2.23
C SER B 59 10.15 34.37 -1.09
C SER B 59 10.08 34.40 -1.08
N SER B 60 9.79 33.35 -0.33
N SER B 60 9.77 33.27 -0.47
CA SER B 60 10.65 32.82 0.75
CA SER B 60 10.57 32.75 0.63
C SER B 60 11.98 32.30 0.22
C SER B 60 11.94 32.34 0.11
N MET B 61 11.93 31.69 -0.96
N MET B 61 11.97 31.60 -1.00
CA MET B 61 13.11 31.15 -1.62
CA MET B 61 13.23 31.16 -1.56
C MET B 61 14.08 32.27 -2.01
C MET B 61 14.12 32.33 -1.93
N MET B 62 13.55 33.36 -2.56
CA MET B 62 14.38 34.50 -2.95
C MET B 62 15.02 35.17 -1.72
N GLU B 63 14.22 35.35 -0.67
CA GLU B 63 14.72 35.96 0.58
C GLU B 63 15.85 35.13 1.16
N MET B 64 15.64 33.81 1.19
N MET B 64 15.65 33.81 1.18
CA MET B 64 16.65 32.88 1.69
CA MET B 64 16.65 32.90 1.69
C MET B 64 17.97 32.99 0.91
C MET B 64 17.96 33.03 0.91
N MET B 65 17.87 32.98 -0.42
CA MET B 65 19.05 33.04 -1.27
C MET B 65 19.81 34.34 -1.16
N GLU B 66 19.08 35.45 -1.04
CA GLU B 66 19.73 36.74 -0.94
C GLU B 66 20.29 37.04 0.44
N ARG B 67 19.65 36.54 1.48
CA ARG B 67 20.02 36.96 2.84
C ARG B 67 20.72 35.94 3.74
N ASP B 68 20.35 34.67 3.60
CA ASP B 68 20.80 33.64 4.56
C ASP B 68 21.88 32.66 4.07
N THR B 69 22.19 32.68 2.79
CA THR B 69 23.17 31.74 2.23
C THR B 69 24.62 32.02 2.60
N ALA B 70 25.01 33.29 2.69
CA ALA B 70 26.38 33.63 3.04
C ALA B 70 26.83 33.05 4.38
N GLY B 71 25.94 33.11 5.36
CA GLY B 71 26.23 32.59 6.68
C GLY B 71 26.59 31.10 6.71
N TYR B 72 26.03 30.36 5.77
CA TYR B 72 26.29 28.91 5.61
C TYR B 72 27.45 28.61 4.65
N GLY B 73 28.20 29.64 4.23
CA GLY B 73 29.36 29.47 3.36
C GLY B 73 29.12 29.50 1.87
N PHE B 74 27.91 29.91 1.45
CA PHE B 74 27.58 29.93 0.04
C PHE B 74 27.67 31.34 -0.55
N ASP B 75 28.28 31.45 -1.72
CA ASP B 75 28.30 32.72 -2.48
C ASP B 75 27.33 32.43 -3.63
N VAL B 76 26.14 33.01 -3.55
CA VAL B 76 25.09 32.70 -4.51
C VAL B 76 24.66 33.91 -5.29
N GLU B 77 24.40 33.72 -6.58
N GLU B 77 24.36 33.75 -6.56
CA GLU B 77 23.87 34.79 -7.44
CA GLU B 77 23.85 34.86 -7.35
C GLU B 77 22.56 34.32 -8.08
C GLU B 77 22.62 34.39 -8.13
N ILE B 78 21.54 35.15 -7.98
CA ILE B 78 20.30 34.91 -8.68
C ILE B 78 20.58 35.68 -9.99
N LYS B 79 20.91 34.92 -11.02
CA LYS B 79 21.23 35.46 -12.36
C LYS B 79 19.99 36.10 -12.97
N ASN B 80 18.85 35.42 -12.84
CA ASN B 80 17.59 35.91 -13.38
C ASN B 80 16.42 35.41 -12.54
N PHE B 81 15.40 36.24 -12.44
CA PHE B 81 14.15 35.86 -11.83
C PHE B 81 13.07 36.17 -12.85
N SER B 82 12.36 35.13 -13.28
CA SER B 82 11.27 35.31 -14.22
C SER B 82 9.95 35.09 -13.49
N PHE B 83 9.29 36.20 -13.18
CA PHE B 83 7.95 36.18 -12.57
C PHE B 83 6.99 35.56 -13.60
N LYS B 84 7.24 35.82 -14.89
N LYS B 84 7.23 35.83 -14.89
CA LYS B 84 6.43 35.27 -15.98
CA LYS B 84 6.41 35.25 -15.96
C LYS B 84 6.42 33.73 -15.96
C LYS B 84 6.42 33.72 -15.88
N GLN B 85 7.60 33.14 -15.76
CA GLN B 85 7.73 31.66 -15.70
C GLN B 85 7.11 31.10 -14.44
N LEU B 86 7.34 31.79 -13.33
CA LEU B 86 6.73 31.41 -12.05
C LEU B 86 5.21 31.31 -12.20
N VAL B 87 4.59 32.33 -12.79
CA VAL B 87 3.13 32.35 -13.00
C VAL B 87 2.68 31.26 -13.99
N GLU B 88 3.43 31.09 -15.08
N GLU B 88 3.43 31.09 -15.08
CA GLU B 88 3.10 30.03 -16.05
CA GLU B 88 3.09 30.04 -16.05
C GLU B 88 3.09 28.67 -15.34
C GLU B 88 3.11 28.66 -15.37
N ASN B 89 4.13 28.41 -14.55
CA ASN B 89 4.23 27.12 -13.84
C ASN B 89 3.13 26.97 -12.79
N ARG B 90 2.79 28.07 -12.13
CA ARG B 90 1.74 28.08 -11.13
C ARG B 90 0.40 27.72 -11.78
N GLU B 91 0.12 28.37 -12.90
CA GLU B 91 -1.13 28.14 -13.62
C GLU B 91 -1.21 26.75 -14.25
N LYS B 92 -0.07 26.18 -14.59
CA LYS B 92 -0.02 24.83 -15.12
C LYS B 92 -0.46 23.88 -14.01
N TYR B 93 0.01 24.14 -12.79
CA TYR B 93 -0.38 23.32 -11.64
C TYR B 93 -1.89 23.46 -11.35
N ILE B 94 -2.41 24.70 -11.39
CA ILE B 94 -3.84 24.94 -11.18
C ILE B 94 -4.68 24.21 -12.27
N ASP B 95 -4.19 24.17 -13.50
CA ASP B 95 -4.89 23.44 -14.57
C ASP B 95 -4.92 21.95 -14.25
N PHE B 96 -3.84 21.45 -13.67
CA PHE B 96 -3.82 20.06 -13.24
C PHE B 96 -4.89 19.83 -12.18
N LEU B 97 -4.98 20.77 -11.23
CA LEU B 97 -6.00 20.69 -10.18
C LEU B 97 -7.41 20.69 -10.76
N HIS B 98 -7.66 21.51 -11.79
CA HIS B 98 -8.99 21.49 -12.39
C HIS B 98 -9.33 20.08 -12.85
N GLY B 99 -8.37 19.44 -13.52
CA GLY B 99 -8.54 18.10 -14.04
C GLY B 99 -8.83 17.12 -12.92
N ALA B 100 -8.09 17.23 -11.81
CA ALA B 100 -8.29 16.31 -10.66
C ALA B 100 -9.66 16.51 -10.01
N TYR B 101 -10.06 17.78 -9.85
CA TYR B 101 -11.39 18.05 -9.28
C TYR B 101 -12.50 17.51 -10.20
N ASN B 102 -12.33 17.67 -11.50
CA ASN B 102 -13.33 17.16 -12.45
C ASN B 102 -13.42 15.63 -12.40
N ARG B 103 -12.26 14.98 -12.33
CA ARG B 103 -12.24 13.52 -12.20
C ARG B 103 -12.96 13.06 -10.92
N GLY B 104 -12.77 13.81 -9.82
CA GLY B 104 -13.46 13.50 -8.54
C GLY B 104 -14.97 13.65 -8.67
N LEU B 105 -15.42 14.75 -9.26
CA LEU B 105 -16.86 14.97 -9.51
C LEU B 105 -17.43 13.86 -10.39
N ASP B 106 -16.71 13.48 -11.44
CA ASP B 106 -17.13 12.38 -12.32
C ASP B 106 -17.30 11.07 -11.53
N SER B 107 -16.33 10.77 -10.65
CA SER B 107 -16.35 9.53 -9.85
C SER B 107 -17.59 9.42 -8.95
N ASN B 108 -18.15 10.57 -8.57
CA ASN B 108 -19.36 10.61 -7.74
C ASN B 108 -20.61 10.95 -8.55
N ASN B 109 -20.52 10.81 -9.88
CA ASN B 109 -21.66 11.01 -10.81
C ASN B 109 -22.34 12.36 -10.68
N ILE B 110 -21.55 13.40 -10.44
CA ILE B 110 -22.09 14.75 -10.30
C ILE B 110 -22.28 15.33 -11.70
N GLU B 111 -23.44 15.90 -11.97
CA GLU B 111 -23.66 16.56 -13.26
C GLU B 111 -23.30 18.02 -13.03
N ARG B 112 -22.62 18.65 -14.00
CA ARG B 112 -22.24 20.06 -13.89
C ARG B 112 -22.72 20.92 -15.05
N ILE B 113 -23.08 22.15 -14.74
CA ILE B 113 -23.50 23.14 -15.71
C ILE B 113 -22.61 24.36 -15.52
N HIS B 114 -22.13 24.90 -16.63
CA HIS B 114 -21.30 26.07 -16.57
C HIS B 114 -22.19 27.29 -16.81
N GLY B 115 -22.47 28.01 -15.73
CA GLY B 115 -23.30 29.21 -15.81
C GLY B 115 -23.64 29.71 -14.43
N TYR B 116 -24.26 30.88 -14.37
CA TYR B 116 -24.66 31.50 -13.10
C TYR B 116 -26.13 31.21 -12.82
N ALA B 117 -26.40 30.66 -11.64
CA ALA B 117 -27.75 30.31 -11.22
C ALA B 117 -28.44 31.44 -10.48
N THR B 118 -29.75 31.54 -10.66
CA THR B 118 -30.57 32.53 -9.95
C THR B 118 -31.83 31.78 -9.54
N PHE B 119 -32.30 31.93 -8.30
CA PHE B 119 -33.54 31.29 -7.87
C PHE B 119 -34.72 31.93 -8.57
N THR B 120 -35.70 31.12 -8.95
CA THR B 120 -36.95 31.58 -9.57
C THR B 120 -38.14 31.19 -8.68
N GLY B 121 -37.90 30.28 -7.74
CA GLY B 121 -38.91 29.83 -6.80
C GLY B 121 -38.22 29.23 -5.57
N GLU B 122 -39.01 28.79 -4.60
CA GLU B 122 -38.43 28.24 -3.37
C GLU B 122 -37.55 26.99 -3.55
N GLN B 123 -37.83 26.18 -4.57
CA GLN B 123 -37.00 24.98 -4.83
C GLN B 123 -36.63 24.89 -6.31
N THR B 124 -36.55 26.04 -6.98
CA THR B 124 -36.25 26.07 -8.40
C THR B 124 -35.25 27.16 -8.74
N ILE B 125 -34.28 26.81 -9.58
CA ILE B 125 -33.26 27.75 -10.04
C ILE B 125 -33.24 27.80 -11.56
N GLU B 126 -32.70 28.90 -12.10
CA GLU B 126 -32.54 29.09 -13.53
C GLU B 126 -31.06 29.28 -13.86
N VAL B 127 -30.59 28.62 -14.91
CA VAL B 127 -29.22 28.82 -15.39
C VAL B 127 -29.24 28.60 -16.89
N ASN B 128 -28.66 29.55 -17.62
CA ASN B 128 -28.60 29.53 -19.07
C ASN B 128 -30.01 29.41 -19.67
N GLY B 129 -30.96 30.11 -19.04
CA GLY B 129 -32.34 30.13 -19.51
C GLY B 129 -33.17 28.89 -19.28
N THR B 130 -32.66 27.92 -18.51
CA THR B 130 -33.40 26.68 -18.24
C THR B 130 -33.58 26.52 -16.75
N GLU B 131 -34.73 25.98 -16.34
CA GLU B 131 -35.05 25.77 -14.92
C GLU B 131 -34.79 24.34 -14.46
N TYR B 132 -34.35 24.21 -13.21
CA TYR B 132 -34.07 22.90 -12.58
C TYR B 132 -34.60 22.97 -11.18
N THR B 133 -35.08 21.85 -10.65
CA THR B 133 -35.62 21.80 -9.30
C THR B 133 -35.09 20.63 -8.47
N ALA B 134 -35.11 20.82 -7.15
CA ALA B 134 -34.68 19.80 -6.22
C ALA B 134 -35.20 20.16 -4.85
N PRO B 135 -35.49 19.16 -4.01
CA PRO B 135 -35.99 19.42 -2.65
C PRO B 135 -34.92 19.93 -1.68
N HIS B 136 -33.65 19.84 -2.07
CA HIS B 136 -32.54 20.31 -1.25
C HIS B 136 -31.63 21.14 -2.15
N ILE B 137 -31.38 22.39 -1.79
CA ILE B 137 -30.53 23.29 -2.57
C ILE B 137 -29.49 23.92 -1.67
N LEU B 138 -28.21 23.79 -2.04
CA LEU B 138 -27.11 24.38 -1.27
C LEU B 138 -26.61 25.67 -1.93
N ILE B 139 -26.59 26.75 -1.17
CA ILE B 139 -25.98 28.01 -1.59
C ILE B 139 -24.53 27.93 -1.07
N ALA B 140 -23.57 27.87 -1.98
CA ALA B 140 -22.14 27.86 -1.66
C ALA B 140 -21.48 28.79 -2.68
N THR B 141 -22.02 30.00 -2.78
CA THR B 141 -21.58 30.98 -3.78
C THR B 141 -20.38 31.84 -3.40
N GLY B 142 -19.93 31.71 -2.15
CA GLY B 142 -18.76 32.43 -1.66
C GLY B 142 -18.94 33.93 -1.63
N GLY B 143 -17.82 34.63 -1.81
CA GLY B 143 -17.76 36.08 -1.81
C GLY B 143 -16.85 36.60 -2.90
N ARG B 144 -16.69 37.91 -2.91
CA ARG B 144 -15.87 38.57 -3.91
C ARG B 144 -15.25 39.83 -3.31
N PRO B 145 -14.19 40.35 -3.96
CA PRO B 145 -13.60 41.55 -3.35
C PRO B 145 -14.51 42.77 -3.43
N LYS B 146 -14.43 43.60 -2.40
CA LYS B 146 -15.11 44.89 -2.38
C LYS B 146 -14.31 45.85 -3.26
N LYS B 147 -14.90 46.97 -3.62
CA LYS B 147 -14.24 47.98 -4.44
C LYS B 147 -13.63 49.02 -3.53
N LEU B 148 -12.61 49.74 -4.00
CA LEU B 148 -12.00 50.81 -3.19
C LEU B 148 -12.95 51.97 -2.92
N GLY B 149 -13.76 52.31 -3.91
CA GLY B 149 -14.76 53.36 -3.79
C GLY B 149 -14.23 54.79 -3.78
N ILE B 150 -13.07 55.00 -4.39
CA ILE B 150 -12.43 56.32 -4.47
C ILE B 150 -12.08 56.70 -5.91
N PRO B 151 -11.84 57.99 -6.16
CA PRO B 151 -11.43 58.37 -7.51
C PRO B 151 -10.13 57.64 -7.86
N GLY B 152 -10.09 57.08 -9.07
CA GLY B 152 -8.94 56.33 -9.55
C GLY B 152 -8.94 54.87 -9.11
N GLU B 153 -10.03 54.39 -8.52
CA GLU B 153 -10.10 52.98 -8.07
C GLU B 153 -9.82 51.99 -9.21
N GLU B 154 -10.17 52.37 -10.44
CA GLU B 154 -9.96 51.48 -11.61
C GLU B 154 -8.48 51.20 -11.88
N TYR B 155 -7.59 52.03 -11.33
CA TYR B 155 -6.15 51.81 -11.52
C TYR B 155 -5.58 50.78 -10.55
N ALA B 156 -6.34 50.42 -9.52
CA ALA B 156 -5.84 49.50 -8.51
C ALA B 156 -6.29 48.09 -8.81
N LEU B 157 -5.63 47.14 -8.16
CA LEU B 157 -5.91 45.72 -8.34
C LEU B 157 -6.36 45.10 -7.03
N ASP B 158 -7.40 44.29 -7.10
CA ASP B 158 -7.83 43.54 -5.92
C ASP B 158 -7.07 42.21 -5.98
N SER B 159 -7.32 41.27 -5.08
CA SER B 159 -6.56 40.02 -5.09
C SER B 159 -6.73 39.25 -6.40
N ASN B 160 -7.90 39.35 -7.04
CA ASN B 160 -8.10 38.70 -8.33
C ASN B 160 -7.15 39.31 -9.37
N GLY B 161 -7.02 40.63 -9.32
CA GLY B 161 -6.10 41.34 -10.21
C GLY B 161 -4.65 40.96 -9.92
N PHE B 162 -4.33 40.73 -8.65
CA PHE B 162 -2.98 40.30 -8.28
C PHE B 162 -2.63 38.98 -8.94
N PHE B 163 -3.54 38.01 -8.86
CA PHE B 163 -3.27 36.70 -9.48
C PHE B 163 -3.33 36.74 -11.00
N ALA B 164 -3.96 37.77 -11.57
CA ALA B 164 -3.98 37.90 -13.02
C ALA B 164 -2.63 38.43 -13.55
N LEU B 165 -1.79 38.97 -12.66
CA LEU B 165 -0.47 39.48 -13.07
C LEU B 165 0.44 38.40 -13.63
N GLU B 166 1.08 38.70 -14.76
CA GLU B 166 2.09 37.81 -15.34
C GLU B 166 3.46 38.47 -15.24
N GLU B 167 3.50 39.63 -14.62
CA GLU B 167 4.74 40.38 -14.38
C GLU B 167 4.53 41.14 -13.08
N MET B 168 5.63 41.42 -12.40
CA MET B 168 5.60 42.10 -11.12
C MET B 168 5.89 43.59 -11.25
N PRO B 169 5.18 44.43 -10.46
CA PRO B 169 5.51 45.86 -10.45
C PRO B 169 6.80 46.06 -9.63
N LYS B 170 7.65 46.98 -10.08
N LYS B 170 7.64 46.99 -10.08
CA LYS B 170 8.89 47.26 -9.39
CA LYS B 170 8.90 47.27 -9.42
C LYS B 170 8.63 47.93 -8.05
C LYS B 170 8.69 48.03 -8.09
N ARG B 171 7.60 48.80 -8.02
CA ARG B 171 7.22 49.54 -6.81
C ARG B 171 5.74 49.28 -6.64
N VAL B 172 5.33 49.01 -5.41
CA VAL B 172 3.92 48.70 -5.18
C VAL B 172 3.44 49.17 -3.81
N VAL B 173 2.19 49.62 -3.77
CA VAL B 173 1.56 50.02 -2.52
C VAL B 173 0.40 49.07 -2.24
N PHE B 174 0.46 48.39 -1.09
CA PHE B 174 -0.63 47.52 -0.63
C PHE B 174 -1.51 48.32 0.31
N VAL B 175 -2.83 48.19 0.10
CA VAL B 175 -3.82 48.90 0.86
C VAL B 175 -4.73 47.89 1.55
N GLY B 176 -4.94 48.06 2.85
CA GLY B 176 -5.82 47.18 3.63
C GLY B 176 -5.13 46.66 4.86
N ALA B 177 -5.90 46.20 5.84
CA ALA B 177 -5.34 45.76 7.12
C ALA B 177 -5.51 44.28 7.42
N GLY B 178 -6.18 43.56 6.52
CA GLY B 178 -6.46 42.15 6.73
C GLY B 178 -5.32 41.23 6.33
N TYR B 179 -5.54 39.95 6.52
CA TYR B 179 -4.49 38.99 6.26
C TYR B 179 -4.13 38.90 4.78
N ILE B 180 -5.07 39.19 3.89
CA ILE B 180 -4.80 39.14 2.45
C ILE B 180 -3.75 40.19 2.09
N ALA B 181 -3.98 41.43 2.47
CA ALA B 181 -3.01 42.49 2.21
C ALA B 181 -1.67 42.15 2.86
N ALA B 182 -1.70 41.65 4.09
CA ALA B 182 -0.45 41.28 4.79
C ALA B 182 0.36 40.22 4.04
N GLU B 183 -0.34 39.19 3.57
CA GLU B 183 0.31 38.11 2.85
C GLU B 183 0.87 38.55 1.50
N LEU B 184 0.05 39.25 0.73
CA LEU B 184 0.47 39.67 -0.60
C LEU B 184 1.63 40.66 -0.52
N ALA B 185 1.59 41.57 0.47
CA ALA B 185 2.68 42.54 0.66
C ALA B 185 3.99 41.82 0.92
N GLY B 186 3.97 40.82 1.80
CA GLY B 186 5.19 40.07 2.08
C GLY B 186 5.69 39.32 0.86
N THR B 187 4.76 38.83 0.04
CA THR B 187 5.12 38.08 -1.17
C THR B 187 5.87 38.96 -2.17
N LEU B 188 5.30 40.10 -2.55
CA LEU B 188 6.02 40.94 -3.50
C LEU B 188 7.29 41.56 -2.90
N HIS B 189 7.25 41.85 -1.60
CA HIS B 189 8.44 42.40 -0.98
C HIS B 189 9.60 41.37 -1.04
N GLY B 190 9.30 40.11 -0.74
CA GLY B 190 10.34 39.06 -0.78
C GLY B 190 10.82 38.79 -2.19
N LEU B 191 9.97 39.06 -3.18
CA LEU B 191 10.33 38.90 -4.59
C LEU B 191 11.04 40.12 -5.17
N GLY B 192 11.36 41.11 -4.33
CA GLY B 192 12.15 42.25 -4.75
C GLY B 192 11.48 43.59 -4.99
N ALA B 193 10.15 43.65 -4.89
CA ALA B 193 9.46 44.92 -5.13
C ALA B 193 9.72 45.87 -3.99
N GLU B 194 9.83 47.16 -4.32
CA GLU B 194 9.91 48.23 -3.30
C GLU B 194 8.46 48.27 -2.84
N THR B 195 8.22 47.83 -1.62
CA THR B 195 6.88 47.65 -1.12
C THR B 195 6.47 48.57 0.04
N HIS B 196 5.26 49.12 -0.07
CA HIS B 196 4.64 49.95 0.95
C HIS B 196 3.37 49.26 1.41
N TRP B 197 3.06 49.34 2.70
CA TRP B 197 1.83 48.76 3.22
C TRP B 197 1.13 49.84 4.02
N ALA B 198 -0.06 50.25 3.56
CA ALA B 198 -0.83 51.34 4.16
C ALA B 198 -2.17 50.81 4.64
N PHE B 199 -2.52 51.16 5.88
CA PHE B 199 -3.76 50.74 6.53
C PHE B 199 -4.31 51.90 7.35
N ARG B 200 -5.62 51.87 7.56
N ARG B 200 -5.64 51.88 7.54
CA ARG B 200 -6.37 52.96 8.22
CA ARG B 200 -6.38 52.99 8.21
C ARG B 200 -6.08 53.30 9.67
C ARG B 200 -6.10 53.30 9.67
N HIS B 201 -5.84 52.29 10.49
CA HIS B 201 -5.61 52.52 11.92
C HIS B 201 -4.14 52.47 12.32
N GLU B 202 -3.86 52.52 13.62
CA GLU B 202 -2.49 52.52 14.14
C GLU B 202 -1.75 51.22 13.80
N ARG B 203 -2.48 50.11 13.81
CA ARG B 203 -1.95 48.78 13.50
C ARG B 203 -2.91 48.03 12.60
N PRO B 204 -2.38 47.04 11.85
CA PRO B 204 -3.24 46.23 11.00
C PRO B 204 -3.62 44.97 11.77
N LEU B 205 -4.25 44.02 11.08
CA LEU B 205 -4.60 42.71 11.65
C LEU B 205 -5.24 42.83 13.02
N ARG B 206 -6.21 43.75 13.12
CA ARG B 206 -6.84 44.03 14.42
C ARG B 206 -7.65 42.89 15.04
N SER B 207 -8.04 41.90 14.24
CA SER B 207 -8.77 40.76 14.78
C SER B 207 -7.82 39.70 15.38
N PHE B 208 -6.52 39.86 15.14
CA PHE B 208 -5.50 38.93 15.65
C PHE B 208 -4.97 39.39 16.98
N ASP B 209 -4.37 38.45 17.71
CA ASP B 209 -3.74 38.76 18.98
C ASP B 209 -2.73 39.90 18.78
N ASP B 210 -2.66 40.82 19.75
CA ASP B 210 -1.76 41.97 19.62
C ASP B 210 -0.29 41.61 19.36
N MET B 211 0.16 40.47 19.91
CA MET B 211 1.52 40.02 19.66
C MET B 211 1.73 39.76 18.17
N LEU B 212 0.75 39.12 17.55
CA LEU B 212 0.85 38.79 16.12
C LEU B 212 0.82 40.03 15.24
N SER B 213 -0.16 40.90 15.45
CA SER B 213 -0.20 42.12 14.60
C SER B 213 1.07 42.99 14.74
N GLU B 214 1.55 43.14 15.98
N GLU B 214 1.54 43.16 15.98
CA GLU B 214 2.72 43.95 16.27
CA GLU B 214 2.73 43.99 16.23
C GLU B 214 3.98 43.37 15.62
C GLU B 214 4.00 43.37 15.63
N LYS B 215 4.16 42.05 15.75
CA LYS B 215 5.34 41.38 15.21
C LYS B 215 5.31 41.26 13.69
N VAL B 216 4.15 41.10 13.07
CA VAL B 216 4.11 41.09 11.62
C VAL B 216 4.69 42.41 11.09
N VAL B 217 4.25 43.52 11.69
CA VAL B 217 4.74 44.83 11.26
C VAL B 217 6.24 44.98 11.54
N GLU B 218 6.66 44.63 12.75
N GLU B 218 6.67 44.64 12.75
CA GLU B 218 8.06 44.72 13.15
CA GLU B 218 8.09 44.74 13.12
C GLU B 218 8.98 43.90 12.22
C GLU B 218 9.00 43.89 12.22
N ARG B 219 8.58 42.66 11.95
CA ARG B 219 9.37 41.76 11.09
C ARG B 219 9.45 42.31 9.66
N TYR B 220 8.33 42.80 9.14
CA TYR B 220 8.32 43.42 7.81
C TYR B 220 9.18 44.71 7.73
N GLN B 221 9.03 45.57 8.73
N GLN B 221 9.04 45.56 8.73
CA GLN B 221 9.81 46.81 8.80
CA GLN B 221 9.78 46.82 8.74
C GLN B 221 11.29 46.54 8.79
C GLN B 221 11.29 46.59 8.83
N GLU B 222 11.71 45.55 9.58
CA GLU B 222 13.13 45.19 9.67
C GLU B 222 13.73 44.79 8.36
N MET B 223 12.91 44.15 7.52
N MET B 223 12.90 44.17 7.51
CA MET B 223 13.35 43.70 6.20
CA MET B 223 13.35 43.71 6.21
C MET B 223 13.21 44.74 5.08
C MET B 223 13.19 44.74 5.08
N GLY B 224 12.79 45.96 5.43
CA GLY B 224 12.69 47.05 4.45
C GLY B 224 11.35 47.45 3.89
N MET B 225 10.26 46.83 4.36
CA MET B 225 8.94 47.21 3.89
C MET B 225 8.61 48.54 4.55
N GLN B 226 8.03 49.45 3.81
N GLN B 226 8.08 49.49 3.81
CA GLN B 226 7.67 50.76 4.34
CA GLN B 226 7.72 50.80 4.39
C GLN B 226 6.24 50.64 4.84
C GLN B 226 6.25 50.75 4.82
N ILE B 227 6.04 50.98 6.11
CA ILE B 227 4.73 50.88 6.75
C ILE B 227 4.10 52.25 6.90
N HIS B 228 2.83 52.35 6.52
CA HIS B 228 2.11 53.61 6.62
C HIS B 228 0.81 53.41 7.41
N PRO B 229 0.87 53.63 8.74
CA PRO B 229 -0.36 53.53 9.53
C PRO B 229 -1.20 54.80 9.41
N ASN B 230 -2.42 54.74 9.91
CA ASN B 230 -3.33 55.90 9.90
C ASN B 230 -3.44 56.50 8.52
N ALA B 231 -3.51 55.62 7.52
CA ALA B 231 -3.52 56.02 6.12
C ALA B 231 -4.79 55.56 5.43
N THR B 232 -5.76 56.48 5.31
CA THR B 232 -7.03 56.17 4.64
C THR B 232 -6.92 56.58 3.17
N PRO B 233 -7.13 55.64 2.24
CA PRO B 233 -6.97 56.00 0.84
C PRO B 233 -7.93 57.12 0.43
N ALA B 234 -7.41 58.09 -0.32
CA ALA B 234 -8.20 59.23 -0.80
C ALA B 234 -8.41 59.18 -2.30
N LYS B 235 -7.34 58.97 -3.06
CA LYS B 235 -7.45 58.92 -4.51
C LYS B 235 -6.21 58.32 -5.15
N ILE B 236 -6.35 57.90 -6.40
CA ILE B 236 -5.24 57.39 -7.19
C ILE B 236 -5.28 58.13 -8.51
N GLU B 237 -4.15 58.70 -8.92
CA GLU B 237 -4.05 59.44 -10.17
C GLU B 237 -2.94 58.84 -11.02
N LYS B 238 -3.15 58.81 -12.34
CA LYS B 238 -2.16 58.30 -13.27
C LYS B 238 -1.41 59.52 -13.78
N THR B 239 -0.09 59.49 -13.74
CA THR B 239 0.71 60.63 -14.21
C THR B 239 1.06 60.48 -15.69
N ALA B 240 1.60 61.55 -16.26
CA ALA B 240 2.01 61.59 -17.67
C ALA B 240 3.16 60.62 -17.98
N GLN B 241 3.86 60.17 -16.94
CA GLN B 241 4.96 59.22 -17.09
C GLN B 241 4.51 57.76 -16.83
N ASN B 242 3.21 57.49 -17.00
N ASN B 242 3.21 57.51 -17.00
CA ASN B 242 2.65 56.14 -16.80
CA ASN B 242 2.57 56.20 -16.79
C ASN B 242 3.03 55.50 -15.45
C ASN B 242 2.90 55.49 -15.47
N GLU B 243 2.84 56.25 -14.38
CA GLU B 243 3.04 55.74 -13.03
C GLU B 243 1.85 56.27 -12.24
N TYR B 244 1.62 55.75 -11.05
CA TYR B 244 0.48 56.17 -10.27
C TYR B 244 0.90 56.87 -9.01
N VAL B 245 0.04 57.76 -8.54
CA VAL B 245 0.26 58.43 -7.28
C VAL B 245 -0.98 58.19 -6.45
N ILE B 246 -0.80 57.48 -5.33
CA ILE B 246 -1.91 57.25 -4.40
C ILE B 246 -1.72 58.23 -3.24
N THR B 247 -2.80 58.95 -2.94
CA THR B 247 -2.81 59.92 -1.87
C THR B 247 -3.76 59.47 -0.80
N PHE B 248 -3.39 59.70 0.45
CA PHE B 248 -4.19 59.33 1.62
C PHE B 248 -4.77 60.58 2.30
N GLU B 249 -5.76 60.37 3.16
CA GLU B 249 -6.43 61.50 3.85
C GLU B 249 -5.50 62.29 4.77
N ASN B 250 -4.37 61.68 5.17
CA ASN B 250 -3.40 62.37 6.04
C ASN B 250 -2.40 63.24 5.26
N GLY B 251 -2.58 63.33 3.94
CA GLY B 251 -1.66 64.12 3.11
C GLY B 251 -0.51 63.33 2.47
N GLU B 252 -0.24 62.11 2.95
CA GLU B 252 0.83 61.32 2.35
C GLU B 252 0.48 60.96 0.92
N SER B 253 1.48 60.92 0.08
CA SER B 253 1.29 60.48 -1.29
C SER B 253 2.49 59.61 -1.62
N ILE B 254 2.25 58.56 -2.39
CA ILE B 254 3.29 57.63 -2.75
C ILE B 254 3.24 57.42 -4.27
N THR B 255 4.39 57.56 -4.92
CA THR B 255 4.49 57.30 -6.36
C THR B 255 4.83 55.83 -6.50
N THR B 256 4.07 55.13 -7.33
CA THR B 256 4.20 53.71 -7.45
C THR B 256 3.81 53.18 -8.81
N ASP B 257 4.11 51.90 -9.05
CA ASP B 257 3.78 51.24 -10.32
C ASP B 257 2.47 50.44 -10.23
N ALA B 258 2.02 50.15 -9.01
CA ALA B 258 0.76 49.43 -8.82
C ALA B 258 0.23 49.68 -7.43
N VAL B 259 -1.09 49.62 -7.30
CA VAL B 259 -1.75 49.73 -6.04
C VAL B 259 -2.57 48.44 -5.94
N ILE B 260 -2.33 47.65 -4.89
CA ILE B 260 -3.02 46.38 -4.69
C ILE B 260 -3.74 46.46 -3.35
N PHE B 261 -5.03 46.15 -3.37
CA PHE B 261 -5.80 46.29 -2.16
C PHE B 261 -6.59 45.06 -1.75
N GLY B 262 -6.78 44.96 -0.44
CA GLY B 262 -7.58 43.90 0.20
C GLY B 262 -8.29 44.60 1.34
N THR B 263 -9.45 45.18 1.05
CA THR B 263 -10.23 45.92 2.04
C THR B 263 -11.54 45.23 2.44
N GLY B 264 -11.58 43.91 2.28
CA GLY B 264 -12.74 43.12 2.66
C GLY B 264 -13.42 42.52 1.45
N ARG B 265 -14.25 41.51 1.72
CA ARG B 265 -15.00 40.82 0.70
C ARG B 265 -16.48 40.87 1.06
N GLN B 266 -17.31 40.68 0.06
CA GLN B 266 -18.75 40.74 0.22
C GLN B 266 -19.35 39.45 -0.32
N PRO B 267 -20.43 38.99 0.32
CA PRO B 267 -21.03 37.72 -0.10
C PRO B 267 -21.75 37.81 -1.44
N ASN B 268 -21.68 36.71 -2.20
CA ASN B 268 -22.34 36.61 -3.50
C ASN B 268 -23.80 36.18 -3.33
N THR B 269 -24.61 37.11 -2.82
CA THR B 269 -26.04 36.89 -2.60
C THR B 269 -26.90 37.92 -3.32
N ASP B 270 -26.28 38.99 -3.82
CA ASP B 270 -27.06 40.08 -4.41
C ASP B 270 -27.69 39.81 -5.78
N GLN B 271 -27.15 38.89 -6.56
CA GLN B 271 -27.72 38.60 -7.88
C GLN B 271 -28.30 37.21 -7.90
N LEU B 272 -28.55 36.66 -6.72
CA LEU B 272 -28.98 35.28 -6.59
C LEU B 272 -30.48 35.00 -6.69
N GLY B 273 -31.30 36.05 -6.72
CA GLY B 273 -32.76 35.86 -6.82
C GLY B 273 -33.41 35.39 -5.53
N LEU B 274 -32.80 35.71 -4.38
CA LEU B 274 -33.35 35.29 -3.09
C LEU B 274 -34.71 35.86 -2.79
N GLU B 275 -35.11 36.93 -3.52
CA GLU B 275 -36.46 37.46 -3.34
C GLU B 275 -37.52 36.39 -3.69
N ASN B 276 -37.15 35.41 -4.50
CA ASN B 276 -38.04 34.30 -4.85
C ASN B 276 -38.01 33.12 -3.84
N THR B 277 -37.35 33.31 -2.70
CA THR B 277 -37.25 32.29 -1.64
C THR B 277 -37.59 32.94 -0.31
N LYS B 278 -37.53 32.14 0.76
CA LYS B 278 -37.71 32.62 2.13
C LYS B 278 -36.36 32.65 2.87
N VAL B 279 -35.28 32.70 2.11
CA VAL B 279 -33.94 32.75 2.66
C VAL B 279 -33.66 34.18 3.14
N ALA B 280 -33.43 34.34 4.44
CA ALA B 280 -33.11 35.66 5.01
C ALA B 280 -31.61 35.91 5.00
N LEU B 281 -31.24 37.18 4.80
CA LEU B 281 -29.85 37.63 4.83
C LEU B 281 -29.66 38.56 5.99
N ASP B 282 -28.44 38.60 6.53
CA ASP B 282 -28.15 39.55 7.61
C ASP B 282 -27.90 40.92 6.98
N GLU B 283 -27.59 41.90 7.83
CA GLU B 283 -27.35 43.29 7.40
C GLU B 283 -26.22 43.48 6.37
N LYS B 284 -25.26 42.55 6.35
N LYS B 284 -25.25 42.56 6.35
CA LYS B 284 -24.14 42.60 5.42
CA LYS B 284 -24.14 42.62 5.40
C LYS B 284 -24.35 41.73 4.18
C LYS B 284 -24.35 41.72 4.17
N GLY B 285 -25.52 41.09 4.07
CA GLY B 285 -25.84 40.25 2.91
C GLY B 285 -25.45 38.79 3.08
N TYR B 286 -24.97 38.40 4.25
CA TYR B 286 -24.62 36.99 4.46
C TYR B 286 -25.89 36.15 4.66
N VAL B 287 -25.86 34.91 4.20
CA VAL B 287 -27.01 34.03 4.39
C VAL B 287 -27.04 33.57 5.84
N LYS B 288 -28.15 33.81 6.52
CA LYS B 288 -28.31 33.39 7.91
C LYS B 288 -28.52 31.87 7.94
N VAL B 289 -27.82 31.18 8.84
CA VAL B 289 -27.96 29.75 8.99
C VAL B 289 -27.95 29.35 10.44
N ASP B 290 -28.54 28.19 10.72
CA ASP B 290 -28.51 27.64 12.06
C ASP B 290 -27.25 26.77 12.18
N LYS B 291 -27.12 26.02 13.28
CA LYS B 291 -25.90 25.22 13.45
C LYS B 291 -25.75 24.07 12.45
N PHE B 292 -26.85 23.70 11.79
CA PHE B 292 -26.90 22.64 10.80
C PHE B 292 -26.80 23.15 9.35
N GLN B 293 -26.46 24.42 9.17
CA GLN B 293 -26.32 25.06 7.86
C GLN B 293 -27.68 25.29 7.16
N ASN B 294 -28.78 25.16 7.91
CA ASN B 294 -30.12 25.42 7.34
C ASN B 294 -30.34 26.92 7.21
N THR B 295 -30.80 27.37 6.06
CA THR B 295 -31.22 28.76 5.91
C THR B 295 -32.58 28.89 6.62
N THR B 296 -33.14 30.08 6.64
CA THR B 296 -34.46 30.29 7.25
C THR B 296 -35.58 29.64 6.41
N GLN B 297 -35.24 29.08 5.24
CA GLN B 297 -36.22 28.35 4.44
C GLN B 297 -35.85 26.86 4.41
N ASN B 298 -36.79 26.00 4.77
N ASN B 298 -36.79 26.00 4.78
CA ASN B 298 -36.53 24.56 4.71
CA ASN B 298 -36.56 24.54 4.71
C ASN B 298 -36.30 24.22 3.25
C ASN B 298 -36.32 24.19 3.25
N GLY B 299 -35.33 23.33 2.99
CA GLY B 299 -34.99 22.94 1.63
C GLY B 299 -33.82 23.70 1.03
N ILE B 300 -33.36 24.78 1.69
CA ILE B 300 -32.20 25.56 1.23
C ILE B 300 -31.20 25.64 2.40
N TYR B 301 -29.94 25.39 2.08
CA TYR B 301 -28.82 25.37 3.05
C TYR B 301 -27.75 26.30 2.54
N ALA B 302 -26.78 26.62 3.40
CA ALA B 302 -25.63 27.45 2.98
C ALA B 302 -24.39 27.13 3.80
N VAL B 303 -23.25 27.10 3.12
CA VAL B 303 -21.95 26.87 3.75
C VAL B 303 -20.93 27.78 3.07
N GLY B 304 -19.80 27.96 3.75
CA GLY B 304 -18.68 28.70 3.23
C GLY B 304 -18.68 30.18 3.47
N ASP B 305 -17.91 30.89 2.67
CA ASP B 305 -17.79 32.32 2.82
C ASP B 305 -19.11 33.06 2.76
N VAL B 306 -20.10 32.50 2.07
CA VAL B 306 -21.40 33.19 1.93
C VAL B 306 -22.17 33.35 3.26
N ILE B 307 -21.78 32.59 4.30
CA ILE B 307 -22.46 32.69 5.61
C ILE B 307 -21.78 33.67 6.57
N GLY B 308 -20.61 34.17 6.18
CA GLY B 308 -19.89 35.16 6.98
C GLY B 308 -19.52 34.71 8.38
N LYS B 309 -19.07 33.48 8.53
CA LYS B 309 -18.61 32.96 9.82
C LYS B 309 -17.08 32.93 9.82
N ILE B 310 -16.49 31.81 9.42
CA ILE B 310 -15.03 31.69 9.35
C ILE B 310 -14.71 31.42 7.88
N ASP B 311 -14.11 32.41 7.23
CA ASP B 311 -13.81 32.33 5.83
C ASP B 311 -12.50 31.60 5.51
N LEU B 312 -12.55 30.27 5.65
CA LEU B 312 -11.42 29.40 5.37
C LEU B 312 -11.91 28.21 4.58
N THR B 313 -11.03 27.65 3.76
CA THR B 313 -11.37 26.52 2.92
C THR B 313 -11.75 25.24 3.67
N PRO B 314 -10.96 24.84 4.70
CA PRO B 314 -11.31 23.61 5.42
C PRO B 314 -12.64 23.70 6.18
N VAL B 315 -13.02 24.91 6.56
CA VAL B 315 -14.30 25.15 7.22
C VAL B 315 -15.43 24.89 6.23
N ALA B 316 -15.33 25.49 5.04
CA ALA B 316 -16.33 25.29 3.99
C ALA B 316 -16.45 23.81 3.65
N ILE B 317 -15.30 23.15 3.49
CA ILE B 317 -15.25 21.74 3.16
C ILE B 317 -15.94 20.90 4.22
N ALA B 318 -15.56 21.10 5.48
CA ALA B 318 -16.15 20.30 6.57
C ALA B 318 -17.66 20.58 6.74
N ALA B 319 -18.06 21.83 6.59
CA ALA B 319 -19.47 22.16 6.73
C ALA B 319 -20.28 21.49 5.61
N GLY B 320 -19.72 21.50 4.40
CA GLY B 320 -20.38 20.91 3.24
C GLY B 320 -20.49 19.40 3.34
N ARG B 321 -19.43 18.77 3.82
CA ARG B 321 -19.40 17.31 3.96
C ARG B 321 -20.37 16.83 5.00
N ARG B 322 -20.34 17.46 6.16
CA ARG B 322 -21.24 17.12 7.25
C ARG B 322 -22.69 17.40 6.88
N LEU B 323 -22.93 18.46 6.13
CA LEU B 323 -24.30 18.72 5.66
C LEU B 323 -24.79 17.55 4.82
N SER B 324 -23.94 17.08 3.91
CA SER B 324 -24.32 15.97 3.03
C SER B 324 -24.51 14.68 3.83
N GLU B 325 -23.67 14.49 4.86
CA GLU B 325 -23.83 13.32 5.74
C GLU B 325 -25.20 13.36 6.42
N ARG B 326 -25.60 14.56 6.85
CA ARG B 326 -26.89 14.74 7.52
C ARG B 326 -28.07 14.54 6.59
N LEU B 327 -28.03 15.16 5.41
CA LEU B 327 -29.13 15.10 4.46
C LEU B 327 -29.23 13.79 3.71
N PHE B 328 -28.10 13.20 3.35
CA PHE B 328 -28.11 11.98 2.54
C PHE B 328 -27.56 10.69 3.16
N ASN B 329 -27.02 10.74 4.38
CA ASN B 329 -26.55 9.52 5.04
C ASN B 329 -27.16 9.39 6.46
N GLY B 330 -28.31 10.01 6.67
CA GLY B 330 -29.03 9.94 7.95
C GLY B 330 -28.34 10.37 9.24
N GLN B 331 -27.30 11.22 9.15
CA GLN B 331 -26.58 11.69 10.35
C GLN B 331 -27.30 12.93 10.87
N THR B 332 -28.49 12.67 11.42
CA THR B 332 -29.43 13.71 11.85
C THR B 332 -28.87 14.83 12.72
N ASP B 333 -28.01 14.48 13.67
CA ASP B 333 -27.48 15.45 14.63
C ASP B 333 -26.08 15.99 14.31
N LEU B 334 -25.57 15.67 13.11
CA LEU B 334 -24.21 16.07 12.76
C LEU B 334 -24.12 17.55 12.34
N TYR B 335 -23.12 18.24 12.86
CA TYR B 335 -22.87 19.63 12.53
C TYR B 335 -21.40 19.95 12.74
N LEU B 336 -20.97 21.11 12.23
CA LEU B 336 -19.60 21.56 12.37
C LEU B 336 -19.48 22.53 13.51
N ASP B 337 -18.50 22.28 14.39
CA ASP B 337 -18.20 23.19 15.46
C ASP B 337 -17.26 24.27 14.90
N TYR B 338 -17.67 25.54 14.98
CA TYR B 338 -16.88 26.66 14.48
C TYR B 338 -15.89 27.27 15.52
N ASN B 339 -15.81 26.67 16.70
CA ASN B 339 -14.89 27.15 17.74
C ASN B 339 -13.58 26.42 17.59
N LEU B 340 -12.49 27.08 17.97
CA LEU B 340 -11.15 26.49 17.93
C LEU B 340 -10.70 26.01 16.55
N VAL B 341 -11.05 26.78 15.52
CA VAL B 341 -10.58 26.49 14.18
C VAL B 341 -9.19 27.14 14.08
N PRO B 342 -8.15 26.38 13.70
CA PRO B 342 -6.79 26.93 13.57
C PRO B 342 -6.61 27.68 12.27
N THR B 343 -5.75 28.70 12.31
CA THR B 343 -5.46 29.52 11.15
C THR B 343 -3.96 29.74 11.04
N VAL B 344 -3.46 29.68 9.82
CA VAL B 344 -2.07 30.05 9.52
C VAL B 344 -2.15 31.20 8.48
N VAL B 345 -1.39 32.26 8.72
CA VAL B 345 -1.28 33.39 7.80
C VAL B 345 0.14 33.37 7.26
N PHE B 346 0.27 33.38 5.94
CA PHE B 346 1.59 33.31 5.33
C PHE B 346 2.28 34.64 5.13
N THR B 347 2.55 35.29 6.25
CA THR B 347 3.38 36.46 6.29
C THR B 347 4.83 35.94 6.25
N HIS B 348 5.81 36.84 6.33
CA HIS B 348 7.24 36.45 6.42
C HIS B 348 7.80 36.99 7.73
N PRO B 349 8.02 36.14 8.74
CA PRO B 349 7.71 34.72 8.76
C PRO B 349 6.20 34.51 9.01
N PRO B 350 5.70 33.26 8.91
CA PRO B 350 4.29 33.01 9.09
C PRO B 350 3.76 33.18 10.49
N VAL B 351 2.45 33.27 10.55
CA VAL B 351 1.68 33.40 11.77
C VAL B 351 0.80 32.18 11.97
N ALA B 352 0.77 31.68 13.19
CA ALA B 352 -0.07 30.56 13.57
C ALA B 352 -0.96 30.99 14.71
N THR B 353 -2.24 30.69 14.65
CA THR B 353 -3.16 31.09 15.71
C THR B 353 -4.38 30.16 15.85
N ILE B 354 -4.75 29.94 17.10
CA ILE B 354 -5.95 29.18 17.42
C ILE B 354 -6.49 29.70 18.75
N GLY B 355 -7.80 29.80 18.87
CA GLY B 355 -8.40 30.25 20.12
C GLY B 355 -8.42 31.75 20.32
N LEU B 356 -8.64 32.13 21.55
CA LEU B 356 -8.83 33.53 21.91
C LEU B 356 -7.56 34.36 21.92
N THR B 357 -7.74 35.65 21.63
CA THR B 357 -6.67 36.61 21.75
C THR B 357 -6.53 36.89 23.24
N GLU B 358 -5.45 37.53 23.62
CA GLU B 358 -5.25 37.90 25.01
C GLU B 358 -6.38 38.83 25.49
N LYS B 359 -6.75 39.80 24.68
N LYS B 359 -6.75 39.80 24.67
CA LYS B 359 -7.81 40.73 25.07
CA LYS B 359 -7.80 40.75 25.05
C LYS B 359 -9.16 40.03 25.22
C LYS B 359 -9.18 40.08 25.18
N ALA B 360 -9.48 39.13 24.31
CA ALA B 360 -10.75 38.40 24.37
C ALA B 360 -10.79 37.48 25.61
N ALA B 361 -9.65 36.87 25.94
CA ALA B 361 -9.57 36.02 27.12
C ALA B 361 -9.78 36.86 28.38
N LEU B 362 -9.10 37.99 28.44
CA LEU B 362 -9.22 38.88 29.60
C LEU B 362 -10.65 39.36 29.78
N GLU B 363 -11.31 39.72 28.69
CA GLU B 363 -12.68 40.19 28.75
C GLU B 363 -13.62 39.07 29.16
N GLU B 364 -13.42 37.86 28.62
CA GLU B 364 -14.31 36.75 28.93
C GLU B 364 -14.15 36.16 30.32
N TYR B 365 -12.91 35.97 30.75
CA TYR B 365 -12.65 35.30 32.03
C TYR B 365 -12.18 36.16 33.18
N GLY B 366 -11.67 37.35 32.87
CA GLY B 366 -11.19 38.26 33.90
C GLY B 366 -9.72 38.05 34.19
N GLU B 367 -9.06 39.17 34.48
CA GLU B 367 -7.63 39.20 34.77
C GLU B 367 -7.15 38.15 35.76
N ASP B 368 -7.82 38.00 36.90
CA ASP B 368 -7.38 37.03 37.92
C ASP B 368 -7.51 35.53 37.55
N GLN B 369 -8.14 35.22 36.42
N GLN B 369 -8.14 35.21 36.42
CA GLN B 369 -8.30 33.84 35.95
CA GLN B 369 -8.27 33.83 35.97
C GLN B 369 -7.43 33.53 34.73
C GLN B 369 -7.45 33.54 34.70
N VAL B 370 -6.79 34.55 34.15
CA VAL B 370 -5.98 34.38 32.96
C VAL B 370 -4.49 34.44 33.27
N LYS B 371 -3.73 33.47 32.74
CA LYS B 371 -2.27 33.47 32.87
C LYS B 371 -1.69 33.36 31.48
N ILE B 372 -0.73 34.22 31.18
CA ILE B 372 -0.12 34.25 29.85
C ILE B 372 1.32 33.81 29.92
N TYR B 373 1.68 32.86 29.07
CA TYR B 373 3.06 32.42 28.94
C TYR B 373 3.55 33.01 27.62
N ARG B 374 4.76 33.57 27.64
CA ARG B 374 5.41 34.16 26.45
C ARG B 374 6.81 33.61 26.30
N SER B 375 7.22 33.44 25.05
CA SER B 375 8.54 32.99 24.70
C SER B 375 8.98 33.82 23.49
N SER B 376 10.25 34.16 23.47
CA SER B 376 10.86 34.87 22.36
C SER B 376 12.26 34.27 22.23
N PHE B 377 12.64 33.89 21.01
CA PHE B 377 13.94 33.30 20.76
C PHE B 377 14.36 33.50 19.33
N THR B 378 15.64 33.28 19.07
CA THR B 378 16.17 33.36 17.71
C THR B 378 16.27 31.94 17.19
N PRO B 379 15.52 31.59 16.14
CA PRO B 379 15.65 30.24 15.60
C PRO B 379 17.07 29.96 15.19
N MET B 380 17.54 28.75 15.45
CA MET B 380 18.91 28.36 15.12
C MET B 380 19.25 28.56 13.64
N TYR B 381 18.22 28.51 12.78
CA TYR B 381 18.38 28.76 11.36
C TYR B 381 19.13 30.07 11.09
N PHE B 382 18.89 31.05 11.95
CA PHE B 382 19.49 32.39 11.81
C PHE B 382 20.79 32.59 12.59
N ALA B 383 21.27 31.53 13.25
CA ALA B 383 22.44 31.65 14.12
C ALA B 383 23.77 31.99 13.49
N LEU B 384 23.92 31.75 12.19
CA LEU B 384 25.19 31.98 11.49
C LEU B 384 25.29 33.29 10.70
N GLY B 385 24.18 33.96 10.51
CA GLY B 385 24.18 35.22 9.74
C GLY B 385 24.06 36.41 10.66
N GLU B 386 23.94 37.57 10.04
CA GLU B 386 23.84 38.82 10.77
C GLU B 386 22.41 39.13 11.19
N TYR B 387 21.44 38.74 10.38
CA TYR B 387 20.03 38.99 10.70
C TYR B 387 19.47 37.97 11.68
N ARG B 388 19.14 38.40 12.90
CA ARG B 388 18.61 37.50 13.92
C ARG B 388 17.10 37.69 14.03
N GLN B 389 16.37 37.08 13.11
CA GLN B 389 14.92 37.16 13.12
C GLN B 389 14.43 36.45 14.38
N LYS B 390 13.43 37.04 15.04
CA LYS B 390 12.86 36.45 16.23
C LYS B 390 11.62 35.63 15.94
N CYS B 391 11.39 34.67 16.82
CA CYS B 391 10.19 33.87 16.83
C CYS B 391 9.54 34.19 18.18
N ASP B 392 8.25 34.48 18.16
CA ASP B 392 7.52 34.83 19.36
C ASP B 392 6.30 33.93 19.49
N MET B 393 6.13 33.40 20.69
CA MET B 393 5.04 32.50 21.03
C MET B 393 4.30 32.95 22.29
N LYS B 394 3.01 32.61 22.35
CA LYS B 394 2.16 32.97 23.47
C LYS B 394 1.14 31.86 23.75
N LEU B 395 0.99 31.49 25.01
CA LEU B 395 -0.04 30.54 25.44
C LEU B 395 -0.90 31.29 26.42
N ILE B 396 -2.22 31.24 26.23
CA ILE B 396 -3.18 31.93 27.09
C ILE B 396 -3.92 30.82 27.85
N CYS B 397 -3.80 30.83 29.18
CA CYS B 397 -4.37 29.77 30.02
C CYS B 397 -5.42 30.31 30.96
N VAL B 398 -6.43 29.48 31.24
CA VAL B 398 -7.53 29.90 32.12
C VAL B 398 -7.76 28.98 33.31
N GLY B 399 -8.02 29.61 34.46
CA GLY B 399 -8.31 28.91 35.69
C GLY B 399 -7.11 28.31 36.37
N LYS B 400 -7.38 27.69 37.51
CA LYS B 400 -6.36 27.03 38.32
C LYS B 400 -5.68 25.91 37.53
N GLU B 401 -6.45 25.17 36.74
CA GLU B 401 -5.90 24.09 35.91
C GLU B 401 -5.15 24.59 34.69
N GLU B 402 -5.24 25.89 34.40
CA GLU B 402 -4.53 26.50 33.27
C GLU B 402 -4.89 25.84 31.94
N LYS B 403 -6.19 25.81 31.66
CA LYS B 403 -6.69 25.25 30.42
C LYS B 403 -6.27 26.19 29.31
N ILE B 404 -5.75 25.66 28.20
CA ILE B 404 -5.31 26.51 27.10
C ILE B 404 -6.50 26.95 26.28
N VAL B 405 -6.73 28.26 26.23
CA VAL B 405 -7.83 28.83 25.46
C VAL B 405 -7.34 29.58 24.21
N GLY B 406 -6.03 29.83 24.12
CA GLY B 406 -5.42 30.48 22.95
C GLY B 406 -3.96 30.09 22.80
N LEU B 407 -3.51 29.96 21.55
CA LEU B 407 -2.12 29.63 21.22
C LEU B 407 -1.78 30.44 19.98
N HIS B 408 -0.68 31.19 20.07
CA HIS B 408 -0.28 32.09 19.01
C HIS B 408 1.22 32.07 18.82
N GLY B 409 1.62 32.13 17.57
CA GLY B 409 3.03 32.15 17.26
C GLY B 409 3.33 32.81 15.95
N ILE B 410 4.52 33.41 15.87
CA ILE B 410 5.01 34.00 14.65
C ILE B 410 6.49 33.62 14.54
N GLY B 411 6.87 33.01 13.43
CA GLY B 411 8.26 32.64 13.24
C GLY B 411 8.41 31.56 12.20
N ILE B 412 9.63 31.30 11.81
CA ILE B 412 9.86 30.29 10.80
C ILE B 412 9.35 28.92 11.25
N GLY B 413 8.66 28.25 10.35
CA GLY B 413 8.12 26.92 10.63
C GLY B 413 6.82 26.84 11.39
N VAL B 414 6.33 27.94 11.97
CA VAL B 414 5.08 27.84 12.73
C VAL B 414 3.92 27.38 11.86
N ASP B 415 4.01 27.59 10.54
CA ASP B 415 2.96 27.15 9.60
C ASP B 415 2.71 25.64 9.68
N GLU B 416 3.76 24.88 9.96
CA GLU B 416 3.62 23.42 10.05
C GLU B 416 3.48 22.92 11.47
N MET B 417 3.66 23.79 12.46
CA MET B 417 3.57 23.38 13.85
C MET B 417 2.16 23.29 14.42
N LEU B 418 1.28 24.12 13.90
CA LEU B 418 -0.03 24.33 14.49
C LEU B 418 -1.00 23.17 14.50
N GLN B 419 -1.04 22.40 13.41
CA GLN B 419 -2.06 21.35 13.28
C GLN B 419 -2.17 20.42 14.49
N GLY B 420 -1.04 19.87 14.91
CA GLY B 420 -1.00 18.98 16.07
C GLY B 420 -1.47 19.66 17.35
N PHE B 421 -1.02 20.89 17.57
CA PHE B 421 -1.45 21.64 18.74
C PHE B 421 -2.96 21.90 18.71
N ALA B 422 -3.51 22.11 17.52
CA ALA B 422 -4.95 22.29 17.40
C ALA B 422 -5.70 21.03 17.87
N VAL B 423 -5.18 19.86 17.54
CA VAL B 423 -5.80 18.63 17.99
C VAL B 423 -5.85 18.59 19.52
N ALA B 424 -4.71 18.86 20.13
CA ALA B 424 -4.61 18.85 21.60
C ALA B 424 -5.51 19.88 22.27
N ILE B 425 -5.58 21.08 21.70
CA ILE B 425 -6.43 22.16 22.25
C ILE B 425 -7.92 21.82 22.10
N LYS B 426 -8.29 21.22 20.97
CA LYS B 426 -9.66 20.78 20.74
C LYS B 426 -10.01 19.68 21.79
N MET B 427 -9.02 18.91 22.21
CA MET B 427 -9.19 17.88 23.24
C MET B 427 -9.22 18.45 24.68
N GLY B 428 -8.97 19.75 24.82
CA GLY B 428 -9.00 20.42 26.14
C GLY B 428 -7.67 20.43 26.87
N ALA B 429 -6.58 20.50 26.12
CA ALA B 429 -5.23 20.53 26.68
C ALA B 429 -5.02 21.65 27.71
N THR B 430 -4.28 21.32 28.76
CA THR B 430 -3.90 22.25 29.79
C THR B 430 -2.40 22.48 29.68
N LYS B 431 -1.90 23.47 30.40
CA LYS B 431 -0.46 23.73 30.43
C LYS B 431 0.28 22.45 30.90
N ALA B 432 -0.30 21.72 31.85
CA ALA B 432 0.31 20.47 32.34
C ALA B 432 0.42 19.41 31.22
N ASP B 433 -0.56 19.36 30.32
CA ASP B 433 -0.51 18.41 29.19
C ASP B 433 0.66 18.74 28.28
N PHE B 434 0.89 20.03 28.03
CA PHE B 434 2.03 20.49 27.24
C PHE B 434 3.35 20.17 27.98
N ASP B 435 3.43 20.56 29.24
CA ASP B 435 4.63 20.31 30.05
C ASP B 435 5.00 18.83 30.14
N ASN B 436 3.98 17.97 30.18
CA ASN B 436 4.20 16.52 30.28
C ASN B 436 4.54 15.83 28.96
N THR B 437 4.69 16.62 27.90
CA THR B 437 5.07 16.09 26.59
C THR B 437 6.55 16.40 26.38
N VAL B 438 7.36 15.37 26.14
CA VAL B 438 8.78 15.58 25.96
C VAL B 438 9.05 16.38 24.67
N ALA B 439 9.94 17.36 24.80
CA ALA B 439 10.34 18.22 23.71
C ALA B 439 11.10 17.47 22.60
N ILE B 440 11.09 18.05 21.41
CA ILE B 440 11.83 17.55 20.25
C ILE B 440 12.92 18.57 19.96
N HIS B 441 14.18 18.14 20.04
CA HIS B 441 15.31 19.05 19.89
C HIS B 441 16.24 18.62 18.76
N PRO B 442 16.71 19.55 17.91
CA PRO B 442 16.42 20.98 17.96
C PRO B 442 15.36 21.40 16.94
N THR B 443 14.29 22.00 17.43
CA THR B 443 13.21 22.49 16.59
C THR B 443 12.68 23.78 17.20
N GLY B 444 11.94 24.55 16.42
CA GLY B 444 11.27 25.72 16.97
C GLY B 444 10.06 25.24 17.78
N SER B 445 9.45 24.11 17.39
CA SER B 445 8.23 23.60 18.02
C SER B 445 8.38 23.28 19.51
N GLU B 446 9.59 22.88 19.91
CA GLU B 446 9.81 22.53 21.32
C GLU B 446 9.56 23.69 22.26
N GLU B 447 9.70 24.92 21.76
CA GLU B 447 9.48 26.10 22.60
C GLU B 447 8.04 26.17 23.10
N PHE B 448 7.10 25.61 22.34
CA PHE B 448 5.70 25.61 22.82
C PHE B 448 5.49 24.74 24.04
N VAL B 449 6.29 23.68 24.21
CA VAL B 449 6.12 22.79 25.38
C VAL B 449 7.14 23.02 26.51
N THR B 450 7.94 24.08 26.40
CA THR B 450 8.95 24.36 27.42
C THR B 450 8.86 25.78 27.98
N MET B 451 7.71 26.45 27.83
CA MET B 451 7.56 27.80 28.39
C MET B 451 7.37 27.74 29.89
N ARG B 452 7.94 28.71 30.62
CA ARG B 452 7.73 28.81 32.06
CA ARG B 452 7.77 28.82 32.08
C ARG B 452 7.30 30.21 32.45
N MET C 4 -50.43 -11.28 16.44
CA MET C 4 -49.69 -11.40 15.14
C MET C 4 -48.54 -12.42 15.26
N LYS C 5 -48.30 -13.17 14.19
CA LYS C 5 -47.21 -14.18 14.18
C LYS C 5 -45.84 -13.47 14.26
N THR C 6 -45.09 -13.77 15.33
CA THR C 6 -43.81 -13.13 15.61
C THR C 6 -42.61 -14.07 15.40
N TYR C 7 -41.53 -13.51 14.87
CA TYR C 7 -40.27 -14.21 14.63
C TYR C 7 -39.12 -13.35 15.17
N ASP C 8 -37.94 -13.94 15.29
CA ASP C 8 -36.75 -13.17 15.68
C ASP C 8 -36.19 -12.49 14.43
N TYR C 9 -36.35 -13.15 13.29
CA TYR C 9 -35.78 -12.68 12.05
C TYR C 9 -36.61 -13.05 10.85
N ILE C 10 -36.94 -12.05 10.04
CA ILE C 10 -37.64 -12.26 8.78
C ILE C 10 -36.71 -11.85 7.65
N VAL C 11 -36.48 -12.77 6.72
CA VAL C 11 -35.62 -12.52 5.57
C VAL C 11 -36.50 -12.46 4.33
N ILE C 12 -36.43 -11.35 3.61
CA ILE C 12 -37.22 -11.18 2.40
C ILE C 12 -36.30 -11.43 1.21
N GLY C 13 -36.52 -12.56 0.56
CA GLY C 13 -35.75 -13.01 -0.60
C GLY C 13 -34.97 -14.28 -0.26
N GLY C 14 -35.15 -15.32 -1.06
CA GLY C 14 -34.47 -16.61 -0.90
C GLY C 14 -33.41 -16.87 -1.95
N GLY C 15 -32.61 -15.83 -2.19
CA GLY C 15 -31.48 -15.93 -3.09
C GLY C 15 -30.20 -16.10 -2.29
N SER C 16 -29.09 -15.77 -2.92
CA SER C 16 -27.75 -15.96 -2.32
C SER C 16 -27.62 -15.32 -0.96
N GLY C 17 -27.95 -14.05 -0.85
CA GLY C 17 -27.84 -13.34 0.41
C GLY C 17 -28.84 -13.80 1.46
N GLY C 18 -30.09 -13.96 1.04
CA GLY C 18 -31.14 -14.33 1.97
C GLY C 18 -30.94 -15.69 2.58
N ILE C 19 -30.65 -16.68 1.75
CA ILE C 19 -30.42 -18.04 2.23
C ILE C 19 -29.22 -18.07 3.19
N ALA C 20 -28.14 -17.41 2.80
CA ALA C 20 -26.94 -17.42 3.63
C ALA C 20 -27.19 -16.79 5.01
N SER C 21 -27.89 -15.67 5.02
CA SER C 21 -28.17 -14.97 6.26
C SER C 21 -29.16 -15.74 7.11
N ALA C 22 -30.22 -16.27 6.49
CA ALA C 22 -31.23 -17.07 7.20
C ALA C 22 -30.58 -18.29 7.85
N ASN C 23 -29.82 -19.04 7.06
CA ASN C 23 -29.15 -20.25 7.58
C ASN C 23 -28.26 -19.94 8.79
N ARG C 24 -27.46 -18.90 8.70
CA ARG C 24 -26.54 -18.59 9.79
C ARG C 24 -27.29 -18.15 11.06
N ALA C 25 -28.38 -17.42 10.89
CA ALA C 25 -29.20 -16.97 12.00
C ALA C 25 -29.82 -18.18 12.69
N GLY C 26 -30.34 -19.11 11.89
CA GLY C 26 -30.96 -20.33 12.38
C GLY C 26 -29.97 -21.21 13.09
N MET C 27 -28.75 -21.24 12.57
CA MET C 27 -27.66 -22.02 13.17
C MET C 27 -27.37 -21.49 14.58
N HIS C 28 -27.56 -20.18 14.80
CA HIS C 28 -27.33 -19.57 16.13
C HIS C 28 -28.58 -19.52 17.01
N GLY C 29 -29.59 -20.32 16.68
CA GLY C 29 -30.79 -20.46 17.50
C GLY C 29 -31.93 -19.48 17.30
N ALA C 30 -31.82 -18.60 16.30
CA ALA C 30 -32.88 -17.64 16.05
C ALA C 30 -34.08 -18.32 15.36
N ASN C 31 -35.26 -17.81 15.66
CA ASN C 31 -36.52 -18.24 15.05
C ASN C 31 -36.64 -17.41 13.76
N VAL C 32 -36.40 -18.06 12.63
CA VAL C 32 -36.32 -17.38 11.33
C VAL C 32 -37.41 -17.74 10.33
N LEU C 33 -37.89 -16.72 9.62
CA LEU C 33 -38.86 -16.88 8.56
C LEU C 33 -38.20 -16.35 7.29
N LEU C 34 -38.22 -17.16 6.24
N LEU C 34 -38.18 -17.16 6.23
CA LEU C 34 -37.67 -16.77 4.95
CA LEU C 34 -37.63 -16.74 4.95
C LEU C 34 -38.81 -16.74 3.96
C LEU C 34 -38.74 -16.77 3.90
N ILE C 35 -38.88 -15.66 3.18
CA ILE C 35 -39.94 -15.49 2.20
C ILE C 35 -39.34 -15.35 0.80
N GLU C 36 -39.80 -16.20 -0.11
CA GLU C 36 -39.33 -16.21 -1.49
C GLU C 36 -40.51 -16.32 -2.43
N GLY C 37 -40.68 -15.33 -3.30
CA GLY C 37 -41.84 -15.31 -4.19
C GLY C 37 -41.77 -16.19 -5.44
N ASN C 38 -40.57 -16.49 -5.89
CA ASN C 38 -40.35 -17.24 -7.11
C ASN C 38 -39.66 -18.57 -6.76
N GLU C 39 -38.37 -18.73 -7.05
CA GLU C 39 -37.72 -20.01 -6.78
C GLU C 39 -36.58 -19.91 -5.80
N ILE C 40 -36.46 -20.92 -4.95
CA ILE C 40 -35.40 -20.95 -3.97
C ILE C 40 -34.06 -20.93 -4.72
N GLY C 41 -33.08 -20.24 -4.17
CA GLY C 41 -31.75 -20.10 -4.79
C GLY C 41 -31.55 -18.78 -5.52
N GLY C 42 -32.64 -18.09 -5.81
CA GLY C 42 -32.57 -16.80 -6.47
C GLY C 42 -31.94 -16.80 -7.85
N THR C 43 -31.33 -15.67 -8.17
CA THR C 43 -30.76 -15.44 -9.48
C THR C 43 -29.60 -16.36 -9.81
N CYS C 44 -28.66 -16.51 -8.89
CA CYS C 44 -27.49 -17.32 -9.15
C CYS C 44 -27.81 -18.76 -9.52
N VAL C 45 -28.62 -19.40 -8.70
CA VAL C 45 -28.96 -20.80 -8.89
C VAL C 45 -29.83 -21.05 -10.12
N ASN C 46 -30.81 -20.17 -10.34
CA ASN C 46 -31.79 -20.39 -11.41
C ASN C 46 -31.54 -19.76 -12.76
N VAL C 47 -31.02 -18.54 -12.78
CA VAL C 47 -30.88 -17.77 -14.02
C VAL C 47 -29.62 -16.90 -14.01
N GLY C 48 -28.58 -17.40 -13.33
CA GLY C 48 -27.34 -16.67 -13.17
C GLY C 48 -26.10 -17.52 -13.25
N CYS C 49 -25.25 -17.41 -12.22
CA CYS C 49 -23.95 -18.06 -12.18
C CYS C 49 -23.99 -19.53 -12.59
N VAL C 50 -24.95 -20.29 -12.03
CA VAL C 50 -25.00 -21.74 -12.28
C VAL C 50 -25.32 -22.10 -13.72
N PRO C 51 -26.50 -21.73 -14.22
CA PRO C 51 -26.77 -22.07 -15.62
C PRO C 51 -25.77 -21.44 -16.60
N LYS C 52 -25.24 -20.27 -16.27
CA LYS C 52 -24.25 -19.60 -17.12
C LYS C 52 -22.98 -20.47 -17.24
N LYS C 53 -22.51 -20.97 -16.11
CA LYS C 53 -21.28 -21.79 -16.07
C LYS C 53 -21.48 -23.07 -16.84
N VAL C 54 -22.66 -23.67 -16.71
CA VAL C 54 -22.99 -24.91 -17.42
C VAL C 54 -22.93 -24.71 -18.93
N MET C 55 -23.53 -23.62 -19.41
CA MET C 55 -23.53 -23.31 -20.83
C MET C 55 -22.12 -22.97 -21.29
N TRP C 56 -21.36 -22.27 -20.44
CA TRP C 56 -19.96 -21.95 -20.77
C TRP C 56 -19.11 -23.22 -20.94
N GLN C 57 -19.36 -24.20 -20.07
CA GLN C 57 -18.64 -25.46 -20.09
C GLN C 57 -18.95 -26.24 -21.37
N ALA C 58 -20.23 -26.29 -21.74
CA ALA C 58 -20.64 -27.01 -22.96
C ALA C 58 -20.00 -26.35 -24.17
N SER C 59 -19.98 -25.02 -24.14
CA SER C 59 -19.42 -24.21 -25.20
C SER C 59 -17.91 -24.41 -25.34
N SER C 60 -17.19 -24.49 -24.23
CA SER C 60 -15.74 -24.69 -24.26
C SER C 60 -15.43 -26.10 -24.75
N MET C 61 -16.27 -27.03 -24.35
CA MET C 61 -16.14 -28.43 -24.74
C MET C 61 -16.30 -28.57 -26.28
N MET C 62 -17.20 -27.81 -26.90
CA MET C 62 -17.38 -27.91 -28.36
C MET C 62 -16.18 -27.28 -29.07
N GLU C 63 -15.72 -26.13 -28.58
CA GLU C 63 -14.55 -25.44 -29.14
C GLU C 63 -13.33 -26.34 -29.10
N MET C 64 -13.12 -26.99 -27.95
CA MET C 64 -11.99 -27.92 -27.76
C MET C 64 -12.03 -29.08 -28.75
N MET C 65 -13.16 -29.76 -28.81
CA MET C 65 -13.30 -30.94 -29.68
C MET C 65 -13.07 -30.66 -31.16
N GLU C 66 -13.53 -29.50 -31.62
CA GLU C 66 -13.37 -29.12 -33.02
C GLU C 66 -12.00 -28.55 -33.38
N ARG C 67 -11.32 -27.92 -32.42
CA ARG C 67 -10.06 -27.22 -32.69
C ARG C 67 -8.75 -27.81 -32.18
N ASP C 68 -8.79 -28.41 -30.99
CA ASP C 68 -7.55 -28.87 -30.31
C ASP C 68 -7.29 -30.36 -30.24
N THR C 69 -8.23 -31.17 -30.72
CA THR C 69 -8.07 -32.63 -30.64
C THR C 69 -7.07 -33.20 -31.64
N ALA C 70 -7.07 -32.69 -32.87
CA ALA C 70 -6.16 -33.17 -33.92
C ALA C 70 -4.68 -33.12 -33.51
N GLY C 71 -4.29 -32.02 -32.86
CA GLY C 71 -2.92 -31.84 -32.40
C GLY C 71 -2.45 -32.93 -31.45
N TYR C 72 -3.39 -33.52 -30.69
CA TYR C 72 -3.06 -34.58 -29.73
C TYR C 72 -3.26 -36.01 -30.29
N GLY C 73 -3.44 -36.11 -31.61
CA GLY C 73 -3.58 -37.41 -32.30
C GLY C 73 -4.99 -37.96 -32.47
N PHE C 74 -6.00 -37.15 -32.12
CA PHE C 74 -7.40 -37.59 -32.21
C PHE C 74 -8.12 -37.15 -33.48
N ASP C 75 -8.88 -38.08 -34.05
CA ASP C 75 -9.76 -37.82 -35.20
C ASP C 75 -11.14 -37.91 -34.54
N VAL C 76 -11.73 -36.75 -34.24
CA VAL C 76 -13.01 -36.66 -33.53
C VAL C 76 -14.13 -36.06 -34.36
N GLU C 77 -15.31 -36.66 -34.27
CA GLU C 77 -16.49 -36.17 -34.98
C GLU C 77 -17.64 -35.96 -34.00
N ILE C 78 -18.17 -34.74 -33.98
CA ILE C 78 -19.34 -34.46 -33.15
C ILE C 78 -20.52 -34.91 -34.01
N LYS C 79 -20.96 -36.14 -33.77
CA LYS C 79 -22.11 -36.72 -34.52
C LYS C 79 -23.41 -35.94 -34.33
N ASN C 80 -23.59 -35.34 -33.15
CA ASN C 80 -24.78 -34.56 -32.89
C ASN C 80 -24.62 -33.69 -31.65
N PHE C 81 -25.25 -32.52 -31.67
CA PHE C 81 -25.32 -31.64 -30.52
C PHE C 81 -26.78 -31.27 -30.32
N SER C 82 -27.30 -31.57 -29.13
CA SER C 82 -28.67 -31.23 -28.78
C SER C 82 -28.67 -30.15 -27.72
N PHE C 83 -28.92 -28.92 -28.16
CA PHE C 83 -29.02 -27.78 -27.26
C PHE C 83 -30.20 -28.06 -26.33
N LYS C 84 -31.23 -28.74 -26.86
CA LYS C 84 -32.41 -29.08 -26.06
C LYS C 84 -32.07 -30.04 -24.92
N GLN C 85 -31.21 -31.04 -25.18
CA GLN C 85 -30.81 -31.96 -24.12
C GLN C 85 -29.90 -31.27 -23.10
N LEU C 86 -29.00 -30.41 -23.59
CA LEU C 86 -28.12 -29.61 -22.72
C LEU C 86 -28.99 -28.81 -21.74
N VAL C 87 -29.99 -28.12 -22.27
CA VAL C 87 -30.88 -27.31 -21.42
C VAL C 87 -31.66 -28.17 -20.43
N GLU C 88 -32.20 -29.30 -20.88
N GLU C 88 -32.20 -29.30 -20.88
CA GLU C 88 -32.94 -30.22 -20.00
CA GLU C 88 -32.95 -30.21 -19.99
C GLU C 88 -32.06 -30.70 -18.84
C GLU C 88 -32.07 -30.72 -18.84
N ASN C 89 -30.83 -31.08 -19.17
CA ASN C 89 -29.87 -31.58 -18.16
C ASN C 89 -29.47 -30.47 -17.18
N ARG C 90 -29.26 -29.28 -17.71
CA ARG C 90 -28.95 -28.09 -16.92
C ARG C 90 -30.09 -27.84 -15.93
N GLU C 91 -31.33 -27.82 -16.43
CA GLU C 91 -32.49 -27.57 -15.56
C GLU C 91 -32.73 -28.68 -14.54
N LYS C 92 -32.36 -29.91 -14.90
CA LYS C 92 -32.48 -31.03 -13.98
C LYS C 92 -31.50 -30.84 -12.80
N TYR C 93 -30.31 -30.31 -13.10
CA TYR C 93 -29.32 -30.05 -12.07
C TYR C 93 -29.82 -28.91 -11.17
N ILE C 94 -30.39 -27.87 -11.78
CA ILE C 94 -30.96 -26.76 -11.01
C ILE C 94 -32.05 -27.29 -10.06
N ASP C 95 -32.89 -28.22 -10.52
CA ASP C 95 -33.92 -28.82 -9.66
C ASP C 95 -33.26 -29.56 -8.49
N PHE C 96 -32.17 -30.26 -8.78
CA PHE C 96 -31.41 -30.93 -7.72
C PHE C 96 -30.92 -29.91 -6.68
N LEU C 97 -30.42 -28.77 -7.15
CA LEU C 97 -29.94 -27.72 -6.23
C LEU C 97 -31.07 -27.18 -5.34
N HIS C 98 -32.30 -27.08 -5.86
CA HIS C 98 -33.42 -26.64 -5.03
C HIS C 98 -33.55 -27.58 -3.84
N GLY C 99 -33.47 -28.88 -4.11
CA GLY C 99 -33.55 -29.87 -3.04
C GLY C 99 -32.44 -29.67 -2.03
N ALA C 100 -31.23 -29.39 -2.51
CA ALA C 100 -30.08 -29.19 -1.65
C ALA C 100 -30.24 -27.94 -0.76
N TYR C 101 -30.70 -26.84 -1.35
CA TYR C 101 -30.91 -25.62 -0.56
C TYR C 101 -32.03 -25.81 0.45
N ASN C 102 -33.09 -26.51 0.08
CA ASN C 102 -34.17 -26.78 1.03
C ASN C 102 -33.73 -27.65 2.20
N ARG C 103 -32.87 -28.63 1.94
CA ARG C 103 -32.35 -29.48 3.03
C ARG C 103 -31.48 -28.66 3.98
N GLY C 104 -30.73 -27.72 3.44
CA GLY C 104 -29.88 -26.82 4.26
C GLY C 104 -30.75 -25.94 5.15
N LEU C 105 -31.80 -25.37 4.57
CA LEU C 105 -32.73 -24.55 5.32
C LEU C 105 -33.40 -25.38 6.42
N ASP C 106 -33.81 -26.61 6.10
CA ASP C 106 -34.40 -27.50 7.11
C ASP C 106 -33.41 -27.77 8.26
N SER C 107 -32.13 -28.01 7.93
CA SER C 107 -31.12 -28.33 8.97
C SER C 107 -30.94 -27.19 9.95
N ASN C 108 -31.22 -25.98 9.49
CA ASN C 108 -31.14 -24.78 10.33
C ASN C 108 -32.50 -24.31 10.89
N ASN C 109 -33.50 -25.20 10.84
N ASN C 109 -33.50 -25.20 10.85
CA ASN C 109 -34.84 -24.93 11.38
CA ASN C 109 -34.83 -24.93 11.39
C ASN C 109 -35.49 -23.66 10.85
C ASN C 109 -35.49 -23.66 10.86
N ILE C 110 -35.30 -23.38 9.57
CA ILE C 110 -35.88 -22.17 8.94
C ILE C 110 -37.30 -22.47 8.44
N GLU C 111 -38.24 -21.58 8.75
CA GLU C 111 -39.61 -21.70 8.24
C GLU C 111 -39.70 -20.86 6.98
N ARG C 112 -40.44 -21.34 5.98
CA ARG C 112 -40.53 -20.62 4.70
C ARG C 112 -41.92 -20.41 4.16
N ILE C 113 -42.06 -19.32 3.40
CA ILE C 113 -43.29 -18.97 2.70
C ILE C 113 -42.95 -18.71 1.23
N HIS C 114 -43.79 -19.23 0.34
CA HIS C 114 -43.68 -19.01 -1.08
C HIS C 114 -44.68 -17.91 -1.47
N GLY C 115 -44.18 -16.69 -1.57
CA GLY C 115 -45.01 -15.54 -1.90
C GLY C 115 -44.17 -14.27 -1.83
N TYR C 116 -44.73 -13.17 -2.33
CA TYR C 116 -44.04 -11.86 -2.32
C TYR C 116 -44.49 -11.04 -1.12
N ALA C 117 -43.53 -10.56 -0.35
CA ALA C 117 -43.80 -9.81 0.84
C ALA C 117 -43.74 -8.31 0.57
N THR C 118 -44.53 -7.57 1.35
N THR C 118 -44.53 -7.56 1.34
CA THR C 118 -44.56 -6.13 1.28
CA THR C 118 -44.52 -6.11 1.28
C THR C 118 -44.60 -5.63 2.72
C THR C 118 -44.58 -5.64 2.71
N PHE C 119 -43.89 -4.53 2.99
CA PHE C 119 -43.93 -3.92 4.34
C PHE C 119 -45.28 -3.24 4.58
N THR C 120 -45.83 -3.44 5.78
CA THR C 120 -47.08 -2.78 6.21
C THR C 120 -46.80 -1.82 7.36
N GLY C 121 -45.63 -1.98 7.97
CA GLY C 121 -45.20 -1.11 9.07
C GLY C 121 -43.69 -1.19 9.25
N GLU C 122 -43.17 -0.48 10.26
CA GLU C 122 -41.70 -0.49 10.47
C GLU C 122 -41.11 -1.87 10.72
N GLN C 123 -41.86 -2.75 11.37
CA GLN C 123 -41.36 -4.11 11.64
C GLN C 123 -42.41 -5.17 11.29
N THR C 124 -43.27 -4.86 10.33
N THR C 124 -43.30 -4.86 10.34
CA THR C 124 -44.32 -5.79 9.91
CA THR C 124 -44.34 -5.80 9.93
C THR C 124 -44.36 -5.93 8.41
C THR C 124 -44.44 -5.92 8.42
N ILE C 125 -44.56 -7.15 7.93
CA ILE C 125 -44.71 -7.42 6.50
C ILE C 125 -45.99 -8.22 6.30
N GLU C 126 -46.47 -8.22 5.06
N GLU C 126 -46.46 -8.23 5.04
CA GLU C 126 -47.64 -9.00 4.69
CA GLU C 126 -47.67 -8.95 4.64
C GLU C 126 -47.22 -9.88 3.52
C GLU C 126 -47.34 -9.83 3.44
N VAL C 127 -47.71 -11.11 3.52
CA VAL C 127 -47.47 -12.06 2.44
C VAL C 127 -48.64 -13.07 2.46
N ASN C 128 -49.22 -13.32 1.28
CA ASN C 128 -50.35 -14.24 1.14
C ASN C 128 -51.48 -13.97 2.14
N GLY C 129 -51.80 -12.69 2.31
CA GLY C 129 -52.89 -12.25 3.20
C GLY C 129 -52.68 -12.39 4.71
N THR C 130 -51.42 -12.56 5.14
CA THR C 130 -51.12 -12.71 6.56
C THR C 130 -49.96 -11.78 6.95
N GLU C 131 -50.07 -11.15 8.11
CA GLU C 131 -49.00 -10.28 8.61
C GLU C 131 -48.04 -11.00 9.55
N TYR C 132 -46.75 -10.70 9.42
CA TYR C 132 -45.70 -11.27 10.27
C TYR C 132 -44.83 -10.15 10.78
N THR C 133 -44.36 -10.28 12.02
CA THR C 133 -43.53 -9.25 12.61
C THR C 133 -42.25 -9.83 13.20
N ALA C 134 -41.22 -9.00 13.24
CA ALA C 134 -39.93 -9.38 13.81
C ALA C 134 -39.11 -8.12 14.07
N PRO C 135 -38.30 -8.11 15.15
CA PRO C 135 -37.46 -6.94 15.47
C PRO C 135 -36.28 -6.79 14.50
N HIS C 136 -35.97 -7.85 13.75
CA HIS C 136 -34.89 -7.81 12.74
C HIS C 136 -35.46 -8.32 11.42
N ILE C 137 -35.35 -7.49 10.39
CA ILE C 137 -35.86 -7.81 9.06
C ILE C 137 -34.80 -7.51 7.99
N LEU C 138 -34.44 -8.54 7.20
CA LEU C 138 -33.44 -8.39 6.14
C LEU C 138 -34.09 -8.26 4.79
N ILE C 139 -33.71 -7.21 4.07
CA ILE C 139 -34.14 -7.02 2.68
C ILE C 139 -33.02 -7.63 1.84
N ALA C 140 -33.34 -8.72 1.16
CA ALA C 140 -32.37 -9.39 0.29
C ALA C 140 -33.10 -9.78 -0.97
N THR C 141 -33.80 -8.80 -1.54
CA THR C 141 -34.67 -9.00 -2.69
C THR C 141 -34.00 -8.95 -4.07
N GLY C 142 -32.70 -8.63 -4.09
CA GLY C 142 -31.92 -8.61 -5.31
C GLY C 142 -32.40 -7.60 -6.33
N GLY C 143 -32.18 -7.93 -7.59
CA GLY C 143 -32.57 -7.05 -8.68
C GLY C 143 -33.12 -7.83 -9.83
N ARG C 144 -33.37 -7.13 -10.93
CA ARG C 144 -33.94 -7.71 -12.13
C ARG C 144 -33.46 -6.92 -13.36
N PRO C 145 -33.56 -7.52 -14.54
CA PRO C 145 -33.13 -6.83 -15.74
C PRO C 145 -33.94 -5.59 -16.06
N LYS C 146 -33.28 -4.58 -16.60
CA LYS C 146 -33.96 -3.39 -17.11
C LYS C 146 -34.30 -3.69 -18.56
N LYS C 147 -35.31 -3.03 -19.10
CA LYS C 147 -35.72 -3.26 -20.50
C LYS C 147 -34.85 -2.43 -21.45
N LEU C 148 -34.84 -2.78 -22.74
CA LEU C 148 -34.01 -2.05 -23.71
C LEU C 148 -34.29 -0.57 -23.81
N GLY C 149 -35.54 -0.16 -23.60
CA GLY C 149 -35.92 1.25 -23.65
C GLY C 149 -36.13 1.80 -25.05
N ILE C 150 -36.52 0.94 -25.99
CA ILE C 150 -36.75 1.34 -27.38
C ILE C 150 -38.00 0.67 -27.96
N PRO C 151 -38.49 1.17 -29.13
CA PRO C 151 -39.63 0.51 -29.76
C PRO C 151 -39.28 -0.92 -30.17
N GLY C 152 -40.15 -1.87 -29.85
CA GLY C 152 -39.93 -3.28 -30.17
C GLY C 152 -39.09 -4.02 -29.14
N GLU C 153 -38.77 -3.37 -28.03
CA GLU C 153 -37.98 -3.99 -26.95
C GLU C 153 -38.55 -5.35 -26.50
N GLU C 154 -39.87 -5.50 -26.59
CA GLU C 154 -40.54 -6.74 -26.21
C GLU C 154 -40.10 -7.95 -27.03
N TYR C 155 -39.49 -7.72 -28.20
CA TYR C 155 -39.02 -8.83 -29.02
C TYR C 155 -37.69 -9.38 -28.48
N ALA C 156 -36.89 -8.51 -27.88
CA ALA C 156 -35.57 -8.91 -27.35
C ALA C 156 -35.68 -9.71 -26.06
N LEU C 157 -34.65 -10.51 -25.79
CA LEU C 157 -34.58 -11.37 -24.61
C LEU C 157 -33.56 -10.82 -23.62
N ASP C 158 -33.93 -10.78 -22.34
CA ASP C 158 -32.97 -10.38 -21.32
C ASP C 158 -32.26 -11.69 -20.90
N SER C 159 -31.47 -11.66 -19.84
CA SER C 159 -30.79 -12.88 -19.42
C SER C 159 -31.78 -13.98 -19.05
N ASN C 160 -32.94 -13.60 -18.49
CA ASN C 160 -33.98 -14.60 -18.16
C ASN C 160 -34.51 -15.28 -19.42
N GLY C 161 -34.69 -14.48 -20.47
CA GLY C 161 -35.15 -14.99 -21.76
C GLY C 161 -34.12 -15.94 -22.39
N PHE C 162 -32.83 -15.62 -22.17
CA PHE C 162 -31.73 -16.46 -22.67
C PHE C 162 -31.82 -17.85 -22.08
N PHE C 163 -32.01 -17.91 -20.76
CA PHE C 163 -32.11 -19.19 -20.09
C PHE C 163 -33.43 -19.93 -20.37
N ALA C 164 -34.48 -19.20 -20.74
CA ALA C 164 -35.76 -19.83 -21.09
C ALA C 164 -35.69 -20.58 -22.43
N LEU C 165 -34.65 -20.30 -23.23
CA LEU C 165 -34.46 -20.96 -24.52
C LEU C 165 -34.24 -22.45 -24.37
N GLU C 166 -34.94 -23.22 -25.19
CA GLU C 166 -34.80 -24.68 -25.22
C GLU C 166 -34.27 -25.12 -26.60
N GLU C 167 -33.96 -24.15 -27.46
CA GLU C 167 -33.39 -24.38 -28.79
C GLU C 167 -32.47 -23.21 -29.10
N MET C 168 -31.34 -23.48 -29.78
CA MET C 168 -30.37 -22.42 -30.09
C MET C 168 -30.71 -21.69 -31.40
N PRO C 169 -30.68 -20.35 -31.37
CA PRO C 169 -30.91 -19.59 -32.59
C PRO C 169 -29.64 -19.56 -33.47
N LYS C 170 -29.79 -19.81 -34.78
CA LYS C 170 -28.66 -19.86 -35.72
C LYS C 170 -27.83 -18.57 -35.83
N ARG C 171 -28.48 -17.44 -35.59
CA ARG C 171 -27.85 -16.14 -35.70
C ARG C 171 -28.38 -15.25 -34.58
N VAL C 172 -27.47 -14.59 -33.87
CA VAL C 172 -27.83 -13.77 -32.71
C VAL C 172 -27.08 -12.45 -32.63
N VAL C 173 -27.74 -11.48 -32.01
CA VAL C 173 -27.14 -10.17 -31.78
C VAL C 173 -27.19 -9.92 -30.28
N PHE C 174 -26.02 -9.87 -29.66
CA PHE C 174 -25.92 -9.58 -28.23
C PHE C 174 -25.73 -8.09 -28.05
N VAL C 175 -26.58 -7.49 -27.22
CA VAL C 175 -26.52 -6.05 -26.95
C VAL C 175 -26.13 -5.80 -25.50
N GLY C 176 -25.16 -4.92 -25.30
CA GLY C 176 -24.69 -4.55 -23.97
C GLY C 176 -23.18 -4.70 -23.89
N ALA C 177 -22.57 -3.90 -23.02
CA ALA C 177 -21.12 -3.86 -22.86
C ALA C 177 -20.60 -4.52 -21.57
N GLY C 178 -21.51 -5.01 -20.72
CA GLY C 178 -21.13 -5.61 -19.45
C GLY C 178 -20.71 -7.07 -19.53
N TYR C 179 -20.33 -7.64 -18.38
CA TYR C 179 -19.84 -9.02 -18.34
C TYR C 179 -20.90 -10.04 -18.73
N ILE C 180 -22.19 -9.75 -18.47
CA ILE C 180 -23.26 -10.68 -18.83
C ILE C 180 -23.31 -10.87 -20.35
N ALA C 181 -23.37 -9.75 -21.09
CA ALA C 181 -23.39 -9.81 -22.54
C ALA C 181 -22.13 -10.50 -23.07
N ALA C 182 -20.97 -10.14 -22.52
CA ALA C 182 -19.70 -10.73 -22.93
C ALA C 182 -19.69 -12.25 -22.73
N GLU C 183 -20.21 -12.70 -21.59
CA GLU C 183 -20.25 -14.14 -21.29
C GLU C 183 -21.22 -14.91 -22.17
N LEU C 184 -22.45 -14.41 -22.29
CA LEU C 184 -23.46 -15.09 -23.08
C LEU C 184 -23.12 -15.10 -24.59
N ALA C 185 -22.46 -14.04 -25.07
CA ALA C 185 -22.04 -14.00 -26.48
C ALA C 185 -21.05 -15.11 -26.80
N GLY C 186 -20.03 -15.23 -25.97
CA GLY C 186 -19.00 -16.27 -26.13
C GLY C 186 -19.55 -17.68 -26.06
N THR C 187 -20.59 -17.87 -25.26
CA THR C 187 -21.25 -19.16 -25.08
C THR C 187 -22.01 -19.64 -26.32
N LEU C 188 -22.84 -18.77 -26.92
CA LEU C 188 -23.58 -19.16 -28.13
C LEU C 188 -22.67 -19.23 -29.34
N HIS C 189 -21.64 -18.39 -29.37
CA HIS C 189 -20.68 -18.45 -30.46
C HIS C 189 -19.90 -19.76 -30.43
N GLY C 190 -19.48 -20.17 -29.24
CA GLY C 190 -18.75 -21.43 -29.09
C GLY C 190 -19.62 -22.65 -29.37
N LEU C 191 -20.94 -22.47 -29.24
CA LEU C 191 -21.89 -23.55 -29.53
C LEU C 191 -22.36 -23.56 -30.99
N GLY C 192 -21.75 -22.73 -31.84
CA GLY C 192 -22.04 -22.72 -33.28
C GLY C 192 -22.89 -21.60 -33.86
N ALA C 193 -23.47 -20.74 -33.02
CA ALA C 193 -24.33 -19.65 -33.54
C ALA C 193 -23.53 -18.51 -34.17
N GLU C 194 -24.02 -18.02 -35.32
CA GLU C 194 -23.41 -16.87 -35.98
C GLU C 194 -23.70 -15.73 -34.99
N THR C 195 -22.65 -15.19 -34.40
CA THR C 195 -22.82 -14.22 -33.32
C THR C 195 -22.29 -12.84 -33.59
N HIS C 196 -23.08 -11.85 -33.17
CA HIS C 196 -22.73 -10.44 -33.27
C HIS C 196 -22.79 -9.85 -31.86
N TRP C 197 -21.80 -9.04 -31.50
CA TRP C 197 -21.79 -8.38 -30.20
C TRP C 197 -21.75 -6.87 -30.43
N ALA C 198 -22.82 -6.19 -30.02
CA ALA C 198 -22.98 -4.75 -30.20
C ALA C 198 -23.07 -4.00 -28.88
N PHE C 199 -22.30 -2.92 -28.77
CA PHE C 199 -22.28 -2.07 -27.56
C PHE C 199 -22.18 -0.59 -27.92
N ARG C 200 -22.60 0.26 -26.98
CA ARG C 200 -22.65 1.73 -27.18
C ARG C 200 -21.35 2.45 -27.52
N HIS C 201 -20.34 2.29 -26.69
CA HIS C 201 -19.07 2.99 -26.86
C HIS C 201 -18.12 2.22 -27.79
N GLU C 202 -16.87 2.68 -27.86
CA GLU C 202 -15.89 2.03 -28.74
C GLU C 202 -15.32 0.73 -28.19
N ARG C 203 -15.38 0.59 -26.87
CA ARG C 203 -14.79 -0.56 -26.20
C ARG C 203 -15.79 -1.09 -25.17
N PRO C 204 -15.92 -2.42 -25.04
CA PRO C 204 -16.83 -2.97 -24.04
C PRO C 204 -16.10 -3.18 -22.72
N LEU C 205 -16.80 -3.69 -21.70
CA LEU C 205 -16.18 -4.00 -20.41
C LEU C 205 -15.32 -2.82 -19.92
N ARG C 206 -15.88 -1.61 -19.97
CA ARG C 206 -15.11 -0.42 -19.62
C ARG C 206 -14.66 -0.28 -18.17
N SER C 207 -15.26 -1.04 -17.24
CA SER C 207 -14.83 -1.02 -15.85
C SER C 207 -13.62 -1.94 -15.61
N PHE C 208 -13.30 -2.78 -16.59
CA PHE C 208 -12.16 -3.69 -16.46
C PHE C 208 -10.86 -3.07 -16.97
N ASP C 209 -9.74 -3.64 -16.53
CA ASP C 209 -8.43 -3.18 -16.99
C ASP C 209 -8.39 -3.22 -18.52
N ASP C 210 -7.81 -2.19 -19.16
CA ASP C 210 -7.74 -2.12 -20.64
C ASP C 210 -7.17 -3.37 -21.32
N MET C 211 -6.22 -4.04 -20.68
CA MET C 211 -5.66 -5.27 -21.22
C MET C 211 -6.77 -6.33 -21.36
N LEU C 212 -7.64 -6.42 -20.36
CA LEU C 212 -8.71 -7.42 -20.36
C LEU C 212 -9.79 -7.15 -21.43
N SER C 213 -10.30 -5.93 -21.47
CA SER C 213 -11.33 -5.57 -22.45
C SER C 213 -10.80 -5.72 -23.87
N GLU C 214 -9.55 -5.33 -24.07
CA GLU C 214 -8.90 -5.45 -25.38
C GLU C 214 -8.82 -6.90 -25.84
N LYS C 215 -8.34 -7.77 -24.96
CA LYS C 215 -8.14 -9.18 -25.31
C LYS C 215 -9.41 -10.01 -25.42
N VAL C 216 -10.44 -9.70 -24.62
CA VAL C 216 -11.72 -10.42 -24.75
C VAL C 216 -12.25 -10.22 -26.18
N VAL C 217 -12.27 -8.97 -26.62
CA VAL C 217 -12.73 -8.63 -27.97
C VAL C 217 -11.83 -9.29 -29.02
N GLU C 218 -10.52 -9.13 -28.84
CA GLU C 218 -9.54 -9.69 -29.76
C GLU C 218 -9.70 -11.22 -29.90
N ARG C 219 -9.85 -11.91 -28.77
CA ARG C 219 -10.01 -13.36 -28.77
C ARG C 219 -11.32 -13.75 -29.45
N TYR C 220 -12.40 -13.01 -29.19
CA TYR C 220 -13.66 -13.34 -29.85
C TYR C 220 -13.57 -13.12 -31.35
N GLN C 221 -12.86 -12.07 -31.76
CA GLN C 221 -12.67 -11.77 -33.19
C GLN C 221 -11.91 -12.86 -33.94
N GLU C 222 -10.80 -13.35 -33.36
CA GLU C 222 -9.99 -14.41 -33.99
C GLU C 222 -10.71 -15.78 -34.00
N MET C 223 -11.83 -15.87 -33.26
CA MET C 223 -12.66 -17.09 -33.19
C MET C 223 -13.87 -16.99 -34.15
N GLY C 224 -14.10 -15.82 -34.75
CA GLY C 224 -15.19 -15.60 -35.71
C GLY C 224 -16.38 -14.77 -35.28
N MET C 225 -16.35 -14.18 -34.08
CA MET C 225 -17.46 -13.34 -33.61
C MET C 225 -17.37 -11.97 -34.27
N GLN C 226 -18.51 -11.40 -34.65
CA GLN C 226 -18.54 -10.07 -35.29
C GLN C 226 -18.77 -9.02 -34.21
N ILE C 227 -17.78 -8.15 -34.00
CA ILE C 227 -17.88 -7.09 -33.00
C ILE C 227 -18.34 -5.78 -33.65
N HIS C 228 -19.39 -5.19 -33.07
CA HIS C 228 -19.99 -3.95 -33.56
C HIS C 228 -19.85 -2.82 -32.53
N PRO C 229 -18.72 -2.08 -32.58
CA PRO C 229 -18.51 -0.96 -31.64
C PRO C 229 -19.27 0.29 -32.07
N ASN C 230 -19.45 1.22 -31.13
CA ASN C 230 -20.14 2.49 -31.38
C ASN C 230 -21.56 2.28 -31.92
N ALA C 231 -22.25 1.27 -31.38
CA ALA C 231 -23.60 0.88 -31.80
C ALA C 231 -24.62 1.09 -30.67
N THR C 232 -25.49 2.08 -30.85
CA THR C 232 -26.53 2.43 -29.87
C THR C 232 -27.91 2.01 -30.39
N PRO C 233 -28.56 1.02 -29.72
CA PRO C 233 -29.88 0.51 -30.14
C PRO C 233 -30.92 1.60 -30.36
N ALA C 234 -31.66 1.50 -31.48
CA ALA C 234 -32.70 2.46 -31.84
C ALA C 234 -34.09 1.81 -31.89
N LYS C 235 -34.19 0.65 -32.54
CA LYS C 235 -35.48 -0.05 -32.66
C LYS C 235 -35.32 -1.52 -33.05
N ILE C 236 -36.37 -2.30 -32.78
CA ILE C 236 -36.40 -3.73 -33.10
C ILE C 236 -37.62 -4.03 -33.95
N GLU C 237 -37.42 -4.11 -35.27
CA GLU C 237 -38.50 -4.43 -36.19
C GLU C 237 -38.52 -5.93 -36.42
N LYS C 238 -39.72 -6.52 -36.39
CA LYS C 238 -39.91 -7.94 -36.66
C LYS C 238 -40.45 -8.05 -38.10
N THR C 239 -39.71 -8.74 -38.97
CA THR C 239 -40.11 -8.87 -40.38
C THR C 239 -41.24 -9.89 -40.59
N ALA C 240 -41.70 -9.97 -41.84
CA ALA C 240 -42.78 -10.89 -42.24
C ALA C 240 -42.44 -12.37 -42.04
N GLN C 241 -41.14 -12.71 -42.05
CA GLN C 241 -40.69 -14.10 -41.85
C GLN C 241 -40.33 -14.41 -40.40
N ASN C 242 -40.99 -13.73 -39.46
CA ASN C 242 -40.78 -13.91 -38.02
C ASN C 242 -39.32 -13.76 -37.53
N GLU C 243 -38.48 -13.12 -38.35
CA GLU C 243 -37.10 -12.84 -37.97
C GLU C 243 -37.11 -11.47 -37.30
N TYR C 244 -35.95 -11.01 -36.85
CA TYR C 244 -35.85 -9.71 -36.21
C TYR C 244 -34.80 -8.87 -36.91
N VAL C 245 -35.05 -7.57 -36.97
CA VAL C 245 -34.14 -6.62 -37.57
C VAL C 245 -33.86 -5.57 -36.52
N ILE C 246 -32.62 -5.57 -36.02
CA ILE C 246 -32.22 -4.58 -35.03
C ILE C 246 -31.47 -3.47 -35.75
N THR C 247 -31.93 -2.25 -35.55
CA THR C 247 -31.36 -1.06 -36.17
C THR C 247 -30.76 -0.19 -35.08
N PHE C 248 -29.57 0.34 -35.34
CA PHE C 248 -28.87 1.22 -34.39
C PHE C 248 -28.93 2.67 -34.85
N GLU C 249 -28.46 3.59 -34.01
CA GLU C 249 -28.48 5.04 -34.33
C GLU C 249 -27.49 5.43 -35.43
N ASN C 250 -26.33 4.78 -35.46
CA ASN C 250 -25.31 5.10 -36.48
C ASN C 250 -25.69 4.68 -37.92
N GLY C 251 -26.84 4.00 -38.07
CA GLY C 251 -27.32 3.58 -39.39
C GLY C 251 -27.21 2.10 -39.68
N GLU C 252 -26.40 1.38 -38.89
CA GLU C 252 -26.23 -0.06 -39.08
C GLU C 252 -27.52 -0.85 -38.87
N SER C 253 -27.62 -1.98 -39.57
CA SER C 253 -28.77 -2.86 -39.46
C SER C 253 -28.29 -4.32 -39.51
N ILE C 254 -28.88 -5.16 -38.67
CA ILE C 254 -28.53 -6.58 -38.62
C ILE C 254 -29.81 -7.42 -38.56
N THR C 255 -29.91 -8.41 -39.43
CA THR C 255 -31.04 -9.33 -39.44
C THR C 255 -30.60 -10.56 -38.64
N THR C 256 -31.44 -11.01 -37.72
CA THR C 256 -31.10 -12.12 -36.83
C THR C 256 -32.32 -12.91 -36.32
N ASP C 257 -32.06 -14.06 -35.69
CA ASP C 257 -33.13 -14.92 -35.12
C ASP C 257 -33.48 -14.53 -33.68
N ALA C 258 -32.58 -13.82 -33.03
CA ALA C 258 -32.83 -13.37 -31.66
C ALA C 258 -31.93 -12.21 -31.28
N VAL C 259 -32.46 -11.33 -30.44
CA VAL C 259 -31.74 -10.20 -29.90
C VAL C 259 -31.71 -10.44 -28.41
N ILE C 260 -30.52 -10.65 -27.87
CA ILE C 260 -30.34 -10.91 -26.44
C ILE C 260 -29.54 -9.75 -25.88
N PHE C 261 -30.04 -9.14 -24.82
CA PHE C 261 -29.37 -7.97 -24.26
C PHE C 261 -29.12 -8.05 -22.76
N GLY C 262 -28.14 -7.26 -22.34
CA GLY C 262 -27.77 -7.13 -20.94
C GLY C 262 -27.22 -5.73 -20.82
N THR C 263 -28.11 -4.78 -20.54
CA THR C 263 -27.77 -3.36 -20.43
C THR C 263 -28.02 -2.79 -19.03
N GLY C 264 -27.85 -3.63 -18.01
CA GLY C 264 -28.02 -3.20 -16.64
C GLY C 264 -29.25 -3.78 -15.95
N ARG C 265 -29.16 -3.85 -14.63
CA ARG C 265 -30.23 -4.36 -13.78
C ARG C 265 -30.72 -3.24 -12.85
N GLN C 266 -31.86 -3.47 -12.22
CA GLN C 266 -32.49 -2.52 -11.28
C GLN C 266 -32.88 -3.25 -9.99
N PRO C 267 -32.82 -2.56 -8.85
CA PRO C 267 -33.14 -3.22 -7.57
C PRO C 267 -34.63 -3.48 -7.37
N ASN C 268 -34.93 -4.58 -6.69
CA ASN C 268 -36.29 -4.97 -6.38
C ASN C 268 -36.78 -4.30 -5.10
N THR C 269 -36.97 -2.98 -5.19
CA THR C 269 -37.47 -2.17 -4.08
C THR C 269 -38.76 -1.42 -4.47
N ASP C 270 -39.29 -1.70 -5.65
CA ASP C 270 -40.46 -0.97 -6.18
C ASP C 270 -41.82 -1.20 -5.56
N GLN C 271 -42.18 -2.44 -5.31
CA GLN C 271 -43.48 -2.71 -4.69
C GLN C 271 -43.28 -3.44 -3.38
N LEU C 272 -42.24 -3.02 -2.68
CA LEU C 272 -41.86 -3.61 -1.41
C LEU C 272 -42.53 -2.93 -0.21
N GLY C 273 -43.29 -1.86 -0.45
CA GLY C 273 -43.99 -1.16 0.63
C GLY C 273 -43.12 -0.35 1.55
N LEU C 274 -41.95 0.08 1.06
CA LEU C 274 -41.01 0.83 1.90
C LEU C 274 -41.54 2.18 2.38
N GLU C 275 -42.61 2.67 1.78
CA GLU C 275 -43.21 3.92 2.28
C GLU C 275 -43.75 3.73 3.71
N ASN C 276 -43.92 2.48 4.13
CA ASN C 276 -44.38 2.15 5.49
C ASN C 276 -43.23 1.98 6.49
N THR C 277 -42.01 2.31 6.04
CA THR C 277 -40.82 2.21 6.85
C THR C 277 -40.05 3.51 6.73
N LYS C 278 -38.90 3.56 7.38
CA LYS C 278 -38.00 4.68 7.31
C LYS C 278 -36.75 4.29 6.52
N VAL C 279 -36.87 3.25 5.67
CA VAL C 279 -35.76 2.78 4.85
C VAL C 279 -35.61 3.70 3.65
N ALA C 280 -34.44 4.33 3.54
CA ALA C 280 -34.19 5.26 2.45
C ALA C 280 -33.57 4.56 1.24
N LEU C 281 -34.02 4.96 0.05
CA LEU C 281 -33.48 4.45 -1.19
C LEU C 281 -32.66 5.54 -1.84
N ASP C 282 -31.66 5.16 -2.63
CA ASP C 282 -30.87 6.16 -3.34
C ASP C 282 -31.57 6.48 -4.67
N GLU C 283 -30.94 7.29 -5.52
CA GLU C 283 -31.55 7.73 -6.78
C GLU C 283 -31.93 6.61 -7.76
N LYS C 284 -31.17 5.51 -7.72
CA LYS C 284 -31.45 4.39 -8.62
C LYS C 284 -32.33 3.31 -7.94
N GLY C 285 -32.78 3.59 -6.72
CA GLY C 285 -33.64 2.68 -5.96
C GLY C 285 -32.94 1.67 -5.06
N TYR C 286 -31.62 1.77 -4.94
CA TYR C 286 -30.93 0.84 -4.06
C TYR C 286 -31.15 1.20 -2.60
N VAL C 287 -31.14 0.20 -1.73
CA VAL C 287 -31.30 0.41 -0.30
C VAL C 287 -29.97 0.93 0.24
N LYS C 288 -29.99 2.14 0.82
CA LYS C 288 -28.78 2.71 1.40
C LYS C 288 -28.46 1.98 2.69
N VAL C 289 -27.19 1.57 2.86
CA VAL C 289 -26.76 0.89 4.09
C VAL C 289 -25.43 1.40 4.59
N ASP C 290 -25.19 1.19 5.89
CA ASP C 290 -23.88 1.53 6.46
C ASP C 290 -22.98 0.29 6.30
N LYS C 291 -21.79 0.33 6.87
CA LYS C 291 -20.86 -0.79 6.70
C LYS C 291 -21.33 -2.08 7.39
N PHE C 292 -22.29 -1.97 8.30
CA PHE C 292 -22.85 -3.12 9.02
C PHE C 292 -24.14 -3.66 8.37
N GLN C 293 -24.45 -3.18 7.15
CA GLN C 293 -25.64 -3.56 6.42
C GLN C 293 -26.93 -3.00 7.04
N ASN C 294 -26.82 -2.06 7.98
CA ASN C 294 -28.02 -1.44 8.57
C ASN C 294 -28.61 -0.46 7.56
N THR C 295 -29.92 -0.52 7.34
CA THR C 295 -30.59 0.50 6.50
C THR C 295 -30.69 1.76 7.38
N THR C 296 -31.33 2.81 6.86
CA THR C 296 -31.56 4.04 7.63
C THR C 296 -32.58 3.87 8.78
N GLN C 297 -33.25 2.72 8.83
CA GLN C 297 -34.16 2.43 9.94
C GLN C 297 -33.60 1.32 10.81
N ASN C 298 -33.52 1.55 12.11
N ASN C 298 -33.58 1.54 12.12
CA ASN C 298 -33.04 0.48 12.99
CA ASN C 298 -33.11 0.52 13.06
C ASN C 298 -34.05 -0.67 12.90
C ASN C 298 -34.06 -0.68 12.99
N GLY C 299 -33.53 -1.89 12.82
CA GLY C 299 -34.37 -3.08 12.74
C GLY C 299 -34.54 -3.65 11.34
N ILE C 300 -34.10 -2.91 10.33
CA ILE C 300 -34.12 -3.37 8.94
C ILE C 300 -32.70 -3.29 8.39
N TYR C 301 -32.30 -4.34 7.66
CA TYR C 301 -30.98 -4.49 7.10
C TYR C 301 -31.11 -4.82 5.62
N ALA C 302 -30.00 -4.75 4.90
CA ALA C 302 -30.02 -5.13 3.48
C ALA C 302 -28.67 -5.60 3.00
N VAL C 303 -28.67 -6.67 2.19
CA VAL C 303 -27.46 -7.21 1.58
C VAL C 303 -27.75 -7.60 0.14
N GLY C 304 -26.66 -7.84 -0.59
CA GLY C 304 -26.74 -8.35 -1.95
C GLY C 304 -26.98 -7.34 -3.03
N ASP C 305 -27.53 -7.79 -4.15
CA ASP C 305 -27.75 -6.88 -5.29
C ASP C 305 -28.62 -5.66 -5.00
N VAL C 306 -29.52 -5.77 -4.02
CA VAL C 306 -30.44 -4.67 -3.71
C VAL C 306 -29.75 -3.40 -3.15
N ILE C 307 -28.50 -3.52 -2.71
CA ILE C 307 -27.76 -2.37 -2.19
C ILE C 307 -26.85 -1.68 -3.22
N GLY C 308 -26.72 -2.25 -4.42
CA GLY C 308 -25.94 -1.63 -5.49
C GLY C 308 -24.46 -1.40 -5.22
N LYS C 309 -23.83 -2.34 -4.52
CA LYS C 309 -22.39 -2.23 -4.24
C LYS C 309 -21.63 -3.16 -5.19
N ILE C 310 -21.44 -4.40 -4.82
CA ILE C 310 -20.74 -5.36 -5.70
C ILE C 310 -21.70 -6.52 -5.93
N ASP C 311 -22.22 -6.60 -7.15
CA ASP C 311 -23.23 -7.62 -7.49
C ASP C 311 -22.63 -8.97 -7.81
N LEU C 312 -22.22 -9.66 -6.75
CA LEU C 312 -21.69 -11.02 -6.87
C LEU C 312 -22.28 -11.87 -5.77
N THR C 313 -22.42 -13.15 -6.06
CA THR C 313 -22.98 -14.11 -5.11
C THR C 313 -22.19 -14.23 -3.82
N PRO C 314 -20.85 -14.39 -3.90
CA PRO C 314 -20.08 -14.54 -2.65
C PRO C 314 -20.13 -13.32 -1.74
N VAL C 315 -20.32 -12.14 -2.33
CA VAL C 315 -20.41 -10.91 -1.56
C VAL C 315 -21.75 -10.92 -0.80
N ALA C 316 -22.83 -11.28 -1.49
CA ALA C 316 -24.13 -11.34 -0.84
C ALA C 316 -24.08 -12.33 0.31
N ILE C 317 -23.43 -13.46 0.08
CA ILE C 317 -23.33 -14.53 1.08
C ILE C 317 -22.56 -14.10 2.31
N ALA C 318 -21.37 -13.54 2.10
CA ALA C 318 -20.51 -13.10 3.18
C ALA C 318 -21.18 -11.97 3.96
N ALA C 319 -21.80 -11.02 3.26
CA ALA C 319 -22.49 -9.93 3.94
C ALA C 319 -23.64 -10.47 4.81
N GLY C 320 -24.38 -11.43 4.28
CA GLY C 320 -25.51 -12.03 5.00
C GLY C 320 -25.06 -12.85 6.19
N ARG C 321 -23.99 -13.63 6.02
CA ARG C 321 -23.44 -14.43 7.12
C ARG C 321 -22.88 -13.57 8.24
N ARG C 322 -22.08 -12.57 7.89
CA ARG C 322 -21.49 -11.69 8.91
C ARG C 322 -22.56 -10.91 9.65
N LEU C 323 -23.61 -10.49 8.92
CA LEU C 323 -24.73 -9.80 9.55
C LEU C 323 -25.41 -10.69 10.62
N SER C 324 -25.63 -11.96 10.29
CA SER C 324 -26.25 -12.88 11.25
C SER C 324 -25.34 -13.15 12.45
N GLU C 325 -24.02 -13.16 12.23
CA GLU C 325 -23.05 -13.33 13.32
C GLU C 325 -23.15 -12.12 14.25
N ARG C 326 -23.36 -10.95 13.66
CA ARG C 326 -23.46 -9.71 14.43
C ARG C 326 -24.76 -9.65 15.24
N LEU C 327 -25.88 -9.92 14.58
CA LEU C 327 -27.18 -9.86 15.25
C LEU C 327 -27.46 -11.00 16.20
N PHE C 328 -27.02 -12.21 15.84
CA PHE C 328 -27.37 -13.39 16.62
C PHE C 328 -26.27 -14.18 17.30
N ASN C 329 -25.01 -13.78 17.12
CA ASN C 329 -23.89 -14.45 17.79
C ASN C 329 -22.95 -13.44 18.48
N GLY C 330 -23.48 -12.26 18.82
CA GLY C 330 -22.71 -11.22 19.53
C GLY C 330 -21.48 -10.61 18.90
N GLN C 331 -21.29 -10.77 17.59
CA GLN C 331 -20.12 -10.22 16.91
C GLN C 331 -20.44 -8.77 16.49
N THR C 332 -20.60 -7.93 17.52
CA THR C 332 -21.01 -6.53 17.41
C THR C 332 -20.31 -5.65 16.37
N ASP C 333 -19.02 -5.85 16.19
CA ASP C 333 -18.26 -5.00 15.29
C ASP C 333 -17.87 -5.66 13.98
N LEU C 334 -18.47 -6.82 13.70
CA LEU C 334 -18.14 -7.57 12.50
C LEU C 334 -18.84 -7.00 11.26
N TYR C 335 -18.09 -6.83 10.18
CA TYR C 335 -18.64 -6.34 8.92
C TYR C 335 -17.83 -6.91 7.75
N LEU C 336 -18.37 -6.77 6.55
CA LEU C 336 -17.68 -7.23 5.36
C LEU C 336 -16.88 -6.11 4.70
N ASP C 337 -15.65 -6.42 4.35
CA ASP C 337 -14.79 -5.51 3.62
C ASP C 337 -15.13 -5.69 2.14
N TYR C 338 -15.57 -4.62 1.49
CA TYR C 338 -15.91 -4.65 0.07
C TYR C 338 -14.70 -4.35 -0.86
N ASN C 339 -13.51 -4.19 -0.27
N ASN C 339 -13.50 -4.19 -0.26
CA ASN C 339 -12.29 -3.93 -1.05
CA ASN C 339 -12.27 -3.90 -1.00
C ASN C 339 -11.59 -5.23 -1.40
C ASN C 339 -11.56 -5.21 -1.37
N LEU C 340 -10.90 -5.21 -2.53
CA LEU C 340 -10.14 -6.38 -3.03
C LEU C 340 -10.95 -7.67 -3.16
N VAL C 341 -12.17 -7.53 -3.66
CA VAL C 341 -13.04 -8.67 -3.97
C VAL C 341 -12.59 -9.17 -5.36
N PRO C 342 -12.22 -10.45 -5.47
CA PRO C 342 -11.80 -10.98 -6.75
C PRO C 342 -13.00 -11.34 -7.63
N THR C 343 -12.83 -11.30 -8.94
N THR C 343 -12.81 -11.25 -8.96
CA THR C 343 -13.89 -11.69 -9.87
CA THR C 343 -13.87 -11.57 -9.93
C THR C 343 -13.31 -12.43 -11.05
C THR C 343 -13.31 -12.40 -11.10
N VAL C 344 -14.08 -13.37 -11.57
CA VAL C 344 -13.74 -14.11 -12.75
C VAL C 344 -14.91 -13.93 -13.71
N VAL C 345 -14.60 -13.67 -14.97
CA VAL C 345 -15.61 -13.53 -16.02
C VAL C 345 -15.35 -14.66 -16.99
N PHE C 346 -16.40 -15.44 -17.27
CA PHE C 346 -16.28 -16.59 -18.15
C PHE C 346 -16.45 -16.30 -19.63
N THR C 347 -15.47 -15.57 -20.14
CA THR C 347 -15.34 -15.29 -21.54
C THR C 347 -14.56 -16.49 -22.09
N HIS C 348 -14.17 -16.43 -23.35
CA HIS C 348 -13.40 -17.50 -24.00
C HIS C 348 -12.07 -16.91 -24.51
N PRO C 349 -10.96 -17.09 -23.79
CA PRO C 349 -10.87 -17.78 -22.51
C PRO C 349 -11.28 -16.88 -21.36
N PRO C 350 -11.35 -17.42 -20.13
CA PRO C 350 -11.78 -16.59 -18.99
C PRO C 350 -10.84 -15.46 -18.61
N VAL C 351 -11.42 -14.53 -17.85
CA VAL C 351 -10.75 -13.35 -17.32
C VAL C 351 -10.74 -13.43 -15.80
N ALA C 352 -9.63 -13.04 -15.20
CA ALA C 352 -9.49 -13.04 -13.74
C ALA C 352 -8.99 -11.65 -13.34
N THR C 353 -9.60 -11.06 -12.32
CA THR C 353 -9.17 -9.74 -11.91
C THR C 353 -9.41 -9.47 -10.44
N ILE C 354 -8.47 -8.75 -9.85
CA ILE C 354 -8.60 -8.28 -8.47
C ILE C 354 -7.87 -6.95 -8.35
N GLY C 355 -8.42 -6.05 -7.55
CA GLY C 355 -7.76 -4.78 -7.33
C GLY C 355 -7.91 -3.77 -8.45
N LEU C 356 -7.04 -2.77 -8.43
CA LEU C 356 -7.14 -1.68 -9.37
C LEU C 356 -6.70 -1.97 -10.79
N THR C 357 -7.35 -1.27 -11.73
CA THR C 357 -6.99 -1.32 -13.12
C THR C 357 -5.74 -0.44 -13.28
N GLU C 358 -5.06 -0.53 -14.41
CA GLU C 358 -3.89 0.31 -14.61
C GLU C 358 -4.25 1.80 -14.53
N LYS C 359 -5.36 2.20 -15.14
CA LYS C 359 -5.75 3.61 -15.10
C LYS C 359 -6.02 4.12 -13.68
N ALA C 360 -6.72 3.32 -12.88
CA ALA C 360 -7.06 3.70 -11.52
C ALA C 360 -5.82 3.80 -10.64
N ALA C 361 -4.86 2.89 -10.83
CA ALA C 361 -3.63 2.88 -10.06
C ALA C 361 -2.76 4.10 -10.37
N LEU C 362 -2.68 4.45 -11.66
CA LEU C 362 -1.90 5.61 -12.08
C LEU C 362 -2.48 6.89 -11.48
N GLU C 363 -3.80 7.00 -11.52
CA GLU C 363 -4.49 8.17 -11.00
C GLU C 363 -4.36 8.29 -9.47
N GLU C 364 -4.46 7.17 -8.76
N GLU C 364 -4.47 7.16 -8.76
CA GLU C 364 -4.38 7.18 -7.31
CA GLU C 364 -4.39 7.13 -7.29
C GLU C 364 -2.96 7.39 -6.77
C GLU C 364 -2.97 7.32 -6.73
N TYR C 365 -1.98 6.73 -7.40
CA TYR C 365 -0.58 6.79 -6.92
C TYR C 365 0.42 7.61 -7.72
N GLY C 366 0.12 7.90 -8.98
CA GLY C 366 1.03 8.64 -9.85
C GLY C 366 1.93 7.74 -10.65
N GLU C 367 2.20 8.11 -11.91
CA GLU C 367 3.07 7.32 -12.79
C GLU C 367 4.46 7.02 -12.23
N ASP C 368 5.02 7.93 -11.44
CA ASP C 368 6.35 7.74 -10.84
C ASP C 368 6.36 6.68 -9.72
N GLN C 369 5.19 6.31 -9.22
CA GLN C 369 5.06 5.33 -8.15
C GLN C 369 4.58 3.94 -8.63
N VAL C 370 4.05 3.87 -9.85
CA VAL C 370 3.50 2.62 -10.38
C VAL C 370 4.44 1.89 -11.34
N LYS C 371 4.60 0.58 -11.11
CA LYS C 371 5.37 -0.28 -12.01
C LYS C 371 4.48 -1.43 -12.45
N ILE C 372 4.37 -1.59 -13.77
CA ILE C 372 3.55 -2.61 -14.38
C ILE C 372 4.41 -3.77 -14.90
N TYR C 373 4.12 -4.97 -14.42
CA TYR C 373 4.76 -6.19 -14.90
C TYR C 373 3.76 -6.81 -15.87
N ARG C 374 4.24 -7.18 -17.05
CA ARG C 374 3.38 -7.68 -18.11
C ARG C 374 3.98 -8.95 -18.71
N SER C 375 3.18 -10.01 -18.77
CA SER C 375 3.62 -11.28 -19.34
C SER C 375 2.64 -11.76 -20.42
N SER C 376 3.17 -12.31 -21.50
CA SER C 376 2.34 -12.83 -22.59
C SER C 376 3.00 -14.11 -23.07
N PHE C 377 2.27 -15.22 -23.03
CA PHE C 377 2.82 -16.51 -23.44
C PHE C 377 1.75 -17.38 -24.08
N THR C 378 2.20 -18.41 -24.80
CA THR C 378 1.30 -19.38 -25.38
C THR C 378 1.23 -20.53 -24.38
N PRO C 379 0.06 -20.80 -23.80
CA PRO C 379 -0.01 -21.93 -22.88
C PRO C 379 0.44 -23.21 -23.59
N MET C 380 1.09 -24.11 -22.83
CA MET C 380 1.60 -25.37 -23.37
C MET C 380 0.49 -26.24 -23.97
N TYR C 381 -0.73 -26.04 -23.47
CA TYR C 381 -1.91 -26.73 -23.97
C TYR C 381 -2.05 -26.58 -25.49
N PHE C 382 -1.62 -25.44 -26.03
CA PHE C 382 -1.72 -25.15 -27.46
C PHE C 382 -0.45 -25.43 -28.26
N ALA C 383 0.56 -26.02 -27.63
CA ALA C 383 1.84 -26.24 -28.28
C ALA C 383 1.84 -27.25 -29.43
N LEU C 384 0.87 -28.15 -29.47
CA LEU C 384 0.82 -29.18 -30.50
C LEU C 384 -0.04 -28.84 -31.73
N GLY C 385 -0.95 -27.86 -31.59
CA GLY C 385 -1.83 -27.48 -32.70
C GLY C 385 -1.39 -26.25 -33.47
N GLU C 386 -2.21 -25.88 -34.44
CA GLU C 386 -1.96 -24.72 -35.29
C GLU C 386 -2.35 -23.43 -34.59
N TYR C 387 -3.50 -23.43 -33.94
CA TYR C 387 -4.02 -22.26 -33.24
C TYR C 387 -3.21 -21.96 -31.98
N ARG C 388 -2.62 -20.77 -31.91
CA ARG C 388 -1.79 -20.38 -30.76
C ARG C 388 -2.42 -19.26 -29.94
N GLN C 389 -3.36 -19.63 -29.08
CA GLN C 389 -4.04 -18.68 -28.20
C GLN C 389 -3.07 -18.22 -27.13
N LYS C 390 -3.02 -16.90 -26.91
CA LYS C 390 -2.13 -16.32 -25.92
C LYS C 390 -2.79 -16.12 -24.56
N CYS C 391 -1.98 -16.19 -23.51
CA CYS C 391 -2.40 -15.90 -22.14
C CYS C 391 -1.68 -14.60 -21.82
N ASP C 392 -2.41 -13.63 -21.29
CA ASP C 392 -1.85 -12.33 -20.92
C ASP C 392 -2.13 -12.04 -19.47
N MET C 393 -1.09 -11.63 -18.76
CA MET C 393 -1.14 -11.36 -17.33
C MET C 393 -0.50 -10.04 -17.03
N LYS C 394 -0.96 -9.41 -15.95
CA LYS C 394 -0.46 -8.10 -15.54
C LYS C 394 -0.49 -7.98 -14.03
N LEU C 395 0.59 -7.45 -13.47
CA LEU C 395 0.69 -7.14 -12.04
C LEU C 395 0.96 -5.65 -11.94
N ILE C 396 0.18 -4.97 -11.11
CA ILE C 396 0.32 -3.53 -10.91
C ILE C 396 0.89 -3.35 -9.51
N CYS C 397 2.11 -2.79 -9.45
CA CYS C 397 2.83 -2.61 -8.19
C CYS C 397 3.01 -1.14 -7.87
N VAL C 398 3.11 -0.83 -6.58
CA VAL C 398 3.29 0.55 -6.14
C VAL C 398 4.47 0.70 -5.20
N GLY C 399 5.27 1.74 -5.44
CA GLY C 399 6.41 2.08 -4.61
C GLY C 399 7.61 1.17 -4.72
N LYS C 400 8.64 1.51 -3.96
N LYS C 400 8.64 1.52 -3.94
CA LYS C 400 9.89 0.75 -3.91
CA LYS C 400 9.89 0.77 -3.87
C LYS C 400 9.66 -0.68 -3.46
C LYS C 400 9.64 -0.68 -3.47
N GLU C 401 8.76 -0.87 -2.48
CA GLU C 401 8.43 -2.20 -1.98
C GLU C 401 7.59 -3.01 -3.00
N GLU C 402 7.10 -2.36 -4.04
CA GLU C 402 6.30 -3.00 -5.08
C GLU C 402 5.11 -3.76 -4.50
N LYS C 403 4.31 -3.04 -3.73
CA LYS C 403 3.11 -3.61 -3.16
C LYS C 403 2.15 -3.85 -4.32
N ILE C 404 1.56 -5.03 -4.39
CA ILE C 404 0.64 -5.37 -5.48
C ILE C 404 -0.74 -4.78 -5.21
N VAL C 405 -1.18 -3.90 -6.09
CA VAL C 405 -2.49 -3.25 -5.95
C VAL C 405 -3.50 -3.73 -6.97
N GLY C 406 -3.05 -4.47 -7.96
CA GLY C 406 -3.92 -5.01 -8.98
C GLY C 406 -3.28 -6.21 -9.64
N LEU C 407 -4.08 -7.22 -9.97
CA LEU C 407 -3.63 -8.43 -10.65
C LEU C 407 -4.70 -8.79 -11.66
N HIS C 408 -4.30 -9.01 -12.92
CA HIS C 408 -5.24 -9.26 -14.00
C HIS C 408 -4.73 -10.32 -14.96
N GLY C 409 -5.63 -11.18 -15.42
CA GLY C 409 -5.26 -12.21 -16.35
C GLY C 409 -6.36 -12.66 -17.27
N ILE C 410 -5.96 -13.05 -18.48
CA ILE C 410 -6.86 -13.63 -19.46
C ILE C 410 -6.14 -14.82 -20.09
N GLY C 411 -6.77 -15.98 -20.05
CA GLY C 411 -6.18 -17.20 -20.61
C GLY C 411 -6.77 -18.45 -20.03
N ILE C 412 -6.38 -19.57 -20.62
CA ILE C 412 -6.89 -20.85 -20.18
C ILE C 412 -6.52 -21.10 -18.70
N GLY C 413 -7.52 -21.53 -17.92
CA GLY C 413 -7.33 -21.84 -16.52
C GLY C 413 -7.24 -20.69 -15.54
N VAL C 414 -7.22 -19.43 -16.01
CA VAL C 414 -7.11 -18.31 -15.06
C VAL C 414 -8.30 -18.28 -14.10
N ASP C 415 -9.42 -18.89 -14.49
CA ASP C 415 -10.61 -18.98 -13.64
C ASP C 415 -10.33 -19.68 -12.30
N GLU C 416 -9.43 -20.66 -12.32
CA GLU C 416 -9.08 -21.40 -11.09
C GLU C 416 -7.81 -20.90 -10.41
N MET C 417 -7.09 -19.98 -11.04
CA MET C 417 -5.84 -19.48 -10.47
C MET C 417 -6.00 -18.36 -9.46
N LEU C 418 -7.05 -17.57 -9.64
CA LEU C 418 -7.20 -16.34 -8.89
C LEU C 418 -7.41 -16.41 -7.38
N GLN C 419 -8.21 -17.36 -6.91
CA GLN C 419 -8.57 -17.40 -5.49
C GLN C 419 -7.38 -17.28 -4.55
N GLY C 420 -6.35 -18.09 -4.77
CA GLY C 420 -5.16 -18.07 -3.91
C GLY C 420 -4.40 -16.77 -3.93
N PHE C 421 -4.26 -16.19 -5.11
CA PHE C 421 -3.59 -14.89 -5.27
C PHE C 421 -4.41 -13.83 -4.56
N ALA C 422 -5.73 -13.99 -4.55
CA ALA C 422 -6.61 -13.05 -3.89
C ALA C 422 -6.31 -13.05 -2.39
N VAL C 423 -6.09 -14.25 -1.83
CA VAL C 423 -5.72 -14.33 -0.40
C VAL C 423 -4.42 -13.57 -0.14
N ALA C 424 -3.41 -13.81 -0.97
CA ALA C 424 -2.10 -13.16 -0.82
C ALA C 424 -2.19 -11.63 -0.95
N ILE C 425 -2.97 -11.16 -1.92
CA ILE C 425 -3.12 -9.71 -2.12
C ILE C 425 -3.85 -9.07 -0.93
N LYS C 426 -4.86 -9.76 -0.40
CA LYS C 426 -5.55 -9.28 0.81
C LYS C 426 -4.58 -9.17 1.97
N MET C 427 -3.60 -10.08 2.02
CA MET C 427 -2.58 -10.08 3.08
C MET C 427 -1.50 -9.02 2.86
N GLY C 428 -1.58 -8.29 1.74
CA GLY C 428 -0.65 -7.22 1.43
C GLY C 428 0.60 -7.65 0.69
N ALA C 429 0.45 -8.64 -0.19
CA ALA C 429 1.59 -9.18 -0.94
C ALA C 429 2.32 -8.14 -1.79
N THR C 430 3.64 -8.26 -1.83
CA THR C 430 4.49 -7.44 -2.65
C THR C 430 5.04 -8.33 -3.76
N LYS C 431 5.69 -7.73 -4.76
CA LYS C 431 6.30 -8.50 -5.82
C LYS C 431 7.32 -9.50 -5.24
N ALA C 432 8.02 -9.09 -4.18
CA ALA C 432 9.01 -9.97 -3.51
C ALA C 432 8.34 -11.24 -2.93
N ASP C 433 7.15 -11.08 -2.35
CA ASP C 433 6.40 -12.23 -1.83
C ASP C 433 6.10 -13.24 -2.95
N PHE C 434 5.72 -12.73 -4.12
CA PHE C 434 5.47 -13.58 -5.30
C PHE C 434 6.75 -14.24 -5.80
N ASP C 435 7.80 -13.44 -5.94
CA ASP C 435 9.07 -13.93 -6.43
C ASP C 435 9.72 -14.96 -5.49
N ASN C 436 9.50 -14.80 -4.18
N ASN C 436 9.49 -14.81 -4.18
CA ASN C 436 10.04 -15.74 -3.19
CA ASN C 436 10.05 -15.73 -3.21
C ASN C 436 9.24 -17.05 -3.06
C ASN C 436 9.25 -17.03 -3.06
N THR C 437 8.18 -17.19 -3.85
CA THR C 437 7.37 -18.41 -3.83
C THR C 437 7.84 -19.27 -4.99
N VAL C 438 8.20 -20.52 -4.70
CA VAL C 438 8.70 -21.40 -5.75
C VAL C 438 7.58 -21.72 -6.72
N ALA C 439 7.90 -21.65 -8.01
CA ALA C 439 6.94 -21.94 -9.06
C ALA C 439 6.54 -23.42 -9.13
N ILE C 440 5.37 -23.67 -9.71
CA ILE C 440 4.86 -25.01 -9.93
C ILE C 440 4.94 -25.20 -11.44
N HIS C 441 5.72 -26.18 -11.88
CA HIS C 441 5.94 -26.41 -13.29
C HIS C 441 5.51 -27.83 -13.70
N PRO C 442 4.83 -28.00 -14.84
CA PRO C 442 4.44 -26.95 -15.77
C PRO C 442 2.96 -26.56 -15.63
N THR C 443 2.71 -25.28 -15.33
CA THR C 443 1.34 -24.75 -15.20
C THR C 443 1.32 -23.35 -15.79
N GLY C 444 0.13 -22.82 -15.99
CA GLY C 444 0.02 -21.44 -16.45
C GLY C 444 0.24 -20.54 -15.24
N SER C 445 -0.23 -20.98 -14.08
CA SER C 445 -0.15 -20.20 -12.85
C SER C 445 1.25 -19.75 -12.46
N GLU C 446 2.27 -20.54 -12.81
CA GLU C 446 3.65 -20.15 -12.44
C GLU C 446 4.10 -18.83 -13.07
N GLU C 447 3.49 -18.44 -14.18
CA GLU C 447 3.85 -17.20 -14.85
C GLU C 447 3.63 -15.99 -13.94
N PHE C 448 2.66 -16.06 -13.03
CA PHE C 448 2.42 -14.96 -12.08
C PHE C 448 3.57 -14.75 -11.09
N VAL C 449 4.33 -15.80 -10.80
CA VAL C 449 5.44 -15.70 -9.84
C VAL C 449 6.82 -15.68 -10.50
N THR C 450 6.86 -15.61 -11.83
CA THR C 450 8.13 -15.58 -12.57
C THR C 450 8.20 -14.38 -13.54
N MET C 451 7.42 -13.33 -13.28
CA MET C 451 7.43 -12.16 -14.17
C MET C 451 8.69 -11.33 -13.99
N ARG C 452 9.28 -10.95 -15.13
CA ARG C 452 10.54 -10.21 -15.18
C ARG C 452 10.28 -8.73 -15.41
N ALA D 3 49.09 -22.60 -21.77
CA ALA D 3 47.88 -21.89 -21.23
C ALA D 3 46.59 -22.72 -21.39
N MET D 4 46.25 -23.46 -20.33
CA MET D 4 45.03 -24.31 -20.28
C MET D 4 43.75 -23.46 -20.42
N LYS D 5 42.65 -24.09 -20.84
CA LYS D 5 41.36 -23.39 -20.97
C LYS D 5 40.82 -23.05 -19.57
N THR D 6 40.70 -21.75 -19.28
CA THR D 6 40.27 -21.24 -17.99
C THR D 6 38.99 -20.42 -18.12
N TYR D 7 38.11 -20.57 -17.14
CA TYR D 7 36.83 -19.87 -17.10
C TYR D 7 36.60 -19.36 -15.71
N ASP D 8 35.58 -18.50 -15.57
CA ASP D 8 35.19 -18.04 -14.24
C ASP D 8 34.27 -19.08 -13.59
N TYR D 9 33.49 -19.79 -14.42
CA TYR D 9 32.50 -20.75 -13.91
C TYR D 9 32.30 -21.86 -14.88
N ILE D 10 32.34 -23.09 -14.39
CA ILE D 10 32.05 -24.26 -15.20
C ILE D 10 30.81 -24.90 -14.58
N VAL D 11 29.82 -25.19 -15.43
CA VAL D 11 28.58 -25.82 -15.01
C VAL D 11 28.50 -27.20 -15.64
N ILE D 12 28.39 -28.24 -14.82
CA ILE D 12 28.33 -29.60 -15.32
C ILE D 12 26.87 -30.03 -15.28
N GLY D 13 26.26 -30.13 -16.47
CA GLY D 13 24.86 -30.51 -16.60
C GLY D 13 24.09 -29.37 -17.23
N GLY D 14 23.43 -29.68 -18.34
CA GLY D 14 22.62 -28.73 -19.08
C GLY D 14 21.13 -28.91 -18.86
N GLY D 15 20.76 -29.23 -17.63
CA GLY D 15 19.36 -29.39 -17.26
C GLY D 15 18.82 -28.12 -16.61
N SER D 16 17.75 -28.28 -15.85
CA SER D 16 17.06 -27.17 -15.20
C SER D 16 17.98 -26.29 -14.36
N GLY D 17 18.72 -26.92 -13.48
CA GLY D 17 19.60 -26.19 -12.58
C GLY D 17 20.81 -25.61 -13.27
N GLY D 18 21.43 -26.37 -14.17
CA GLY D 18 22.66 -25.89 -14.83
C GLY D 18 22.41 -24.71 -15.75
N ILE D 19 21.39 -24.85 -16.59
CA ILE D 19 21.03 -23.76 -17.49
C ILE D 19 20.69 -22.50 -16.72
N ALA D 20 19.86 -22.64 -15.69
CA ALA D 20 19.44 -21.48 -14.90
C ALA D 20 20.65 -20.78 -14.24
N SER D 21 21.57 -21.56 -13.68
CA SER D 21 22.75 -21.00 -13.03
C SER D 21 23.72 -20.38 -14.03
N ALA D 22 23.94 -21.08 -15.14
CA ALA D 22 24.84 -20.59 -16.19
C ALA D 22 24.36 -19.24 -16.74
N ASN D 23 23.08 -19.18 -17.11
CA ASN D 23 22.53 -17.94 -17.65
C ASN D 23 22.66 -16.76 -16.71
N ARG D 24 22.36 -17.00 -15.43
CA ARG D 24 22.42 -15.92 -14.43
C ARG D 24 23.86 -15.45 -14.21
N ALA D 25 24.81 -16.38 -14.23
CA ALA D 25 26.23 -16.01 -14.06
C ALA D 25 26.67 -15.15 -15.25
N GLY D 26 26.27 -15.58 -16.44
CA GLY D 26 26.60 -14.84 -17.68
C GLY D 26 26.03 -13.42 -17.68
N MET D 27 24.85 -13.26 -17.09
N MET D 27 24.84 -13.27 -17.10
CA MET D 27 24.20 -11.95 -16.99
CA MET D 27 24.20 -11.95 -16.98
C MET D 27 25.03 -10.99 -16.13
C MET D 27 25.03 -11.00 -16.14
N HIS D 28 25.80 -11.56 -15.20
CA HIS D 28 26.69 -10.76 -14.33
C HIS D 28 28.13 -10.71 -14.81
N GLY D 29 28.33 -11.06 -16.07
CA GLY D 29 29.65 -10.95 -16.66
C GLY D 29 30.62 -12.08 -16.50
N ALA D 30 30.19 -13.18 -15.91
CA ALA D 30 31.08 -14.31 -15.78
C ALA D 30 31.30 -14.99 -17.14
N ASN D 31 32.53 -15.49 -17.36
CA ASN D 31 32.89 -16.27 -18.55
C ASN D 31 32.53 -17.70 -18.16
N VAL D 32 31.44 -18.21 -18.73
CA VAL D 32 30.88 -19.49 -18.33
C VAL D 32 30.99 -20.58 -19.38
N LEU D 33 31.30 -21.79 -18.91
CA LEU D 33 31.35 -23.00 -19.73
C LEU D 33 30.32 -23.94 -19.15
N LEU D 34 29.46 -24.49 -20.01
CA LEU D 34 28.43 -25.45 -19.61
C LEU D 34 28.65 -26.74 -20.39
N ILE D 35 28.64 -27.86 -19.67
CA ILE D 35 28.89 -29.16 -20.26
C ILE D 35 27.62 -29.98 -20.18
N GLU D 36 27.24 -30.61 -21.30
CA GLU D 36 26.04 -31.47 -21.34
C GLU D 36 26.32 -32.67 -22.23
N GLY D 37 26.23 -33.87 -21.68
CA GLY D 37 26.54 -35.06 -22.47
C GLY D 37 25.44 -35.63 -23.35
N ASN D 38 24.20 -35.25 -23.07
CA ASN D 38 23.05 -35.77 -23.79
C ASN D 38 22.31 -34.67 -24.55
N GLU D 39 21.23 -34.14 -24.01
CA GLU D 39 20.45 -33.12 -24.71
C GLU D 39 20.21 -31.90 -23.85
N ILE D 40 20.28 -30.73 -24.46
CA ILE D 40 20.06 -29.49 -23.73
C ILE D 40 18.62 -29.50 -23.17
N GLY D 41 18.46 -29.01 -21.96
CA GLY D 41 17.16 -28.96 -21.29
C GLY D 41 17.03 -30.01 -20.21
N GLY D 42 17.90 -31.01 -20.29
CA GLY D 42 17.92 -32.06 -19.28
C GLY D 42 16.64 -32.86 -19.16
N THR D 43 16.39 -33.36 -17.97
CA THR D 43 15.27 -34.26 -17.74
C THR D 43 13.90 -33.65 -17.96
N CYS D 44 13.68 -32.45 -17.43
CA CYS D 44 12.37 -31.84 -17.53
C CYS D 44 11.90 -31.63 -18.96
N VAL D 45 12.76 -31.02 -19.77
CA VAL D 45 12.43 -30.75 -21.16
C VAL D 45 12.26 -32.00 -22.03
N ASN D 46 13.17 -32.94 -21.88
CA ASN D 46 13.24 -34.10 -22.76
C ASN D 46 12.50 -35.37 -22.35
N VAL D 47 12.54 -35.72 -21.08
CA VAL D 47 11.96 -36.97 -20.60
C VAL D 47 11.34 -36.83 -19.21
N GLY D 48 10.78 -35.65 -18.95
CA GLY D 48 10.23 -35.32 -17.66
C GLY D 48 8.97 -34.51 -17.73
N CYS D 49 8.95 -33.37 -17.02
CA CYS D 49 7.78 -32.51 -16.87
C CYS D 49 7.06 -32.21 -18.19
N VAL D 50 7.82 -31.79 -19.20
CA VAL D 50 7.20 -31.37 -20.47
C VAL D 50 6.49 -32.49 -21.24
N PRO D 51 7.21 -33.55 -21.62
CA PRO D 51 6.51 -34.61 -22.34
C PRO D 51 5.44 -35.26 -21.47
N LYS D 52 5.67 -35.34 -20.15
CA LYS D 52 4.67 -35.91 -19.23
C LYS D 52 3.36 -35.12 -19.29
N LYS D 53 3.47 -33.80 -19.22
CA LYS D 53 2.28 -32.94 -19.23
C LYS D 53 1.50 -33.05 -20.56
N VAL D 54 2.23 -33.11 -21.67
CA VAL D 54 1.63 -33.28 -22.99
C VAL D 54 0.82 -34.59 -23.04
N MET D 55 1.42 -35.67 -22.55
CA MET D 55 0.72 -36.96 -22.56
C MET D 55 -0.49 -36.96 -21.62
N TRP D 56 -0.35 -36.30 -20.46
CA TRP D 56 -1.46 -36.18 -19.51
C TRP D 56 -2.62 -35.43 -20.14
N GLN D 57 -2.29 -34.40 -20.90
CA GLN D 57 -3.29 -33.55 -21.53
C GLN D 57 -4.08 -34.37 -22.56
N ALA D 58 -3.36 -35.19 -23.32
CA ALA D 58 -3.97 -36.05 -24.33
C ALA D 58 -4.90 -37.05 -23.66
N SER D 59 -4.41 -37.65 -22.58
CA SER D 59 -5.14 -38.65 -21.81
C SER D 59 -6.42 -38.06 -21.20
N SER D 60 -6.32 -36.85 -20.64
CA SER D 60 -7.48 -36.16 -20.08
C SER D 60 -8.50 -35.81 -21.16
N MET D 61 -8.00 -35.46 -22.33
CA MET D 61 -8.85 -35.13 -23.46
C MET D 61 -9.66 -36.37 -23.92
N MET D 62 -9.04 -37.55 -23.94
CA MET D 62 -9.75 -38.77 -24.32
C MET D 62 -10.83 -39.13 -23.28
N GLU D 63 -10.48 -39.09 -22.00
CA GLU D 63 -11.42 -39.37 -20.92
C GLU D 63 -12.65 -38.44 -21.01
N MET D 64 -12.41 -37.15 -21.19
CA MET D 64 -13.49 -36.17 -21.31
C MET D 64 -14.49 -36.55 -22.42
N MET D 65 -13.95 -36.82 -23.60
CA MET D 65 -14.76 -37.13 -24.78
C MET D 65 -15.59 -38.40 -24.67
N GLU D 66 -15.04 -39.44 -24.04
CA GLU D 66 -15.76 -40.70 -23.86
C GLU D 66 -16.78 -40.66 -22.72
N ARG D 67 -16.48 -39.90 -21.69
CA ARG D 67 -17.28 -39.93 -20.48
C ARG D 67 -18.17 -38.74 -20.20
N ASP D 68 -17.73 -37.55 -20.57
CA ASP D 68 -18.43 -36.32 -20.13
C ASP D 68 -19.22 -35.52 -21.14
N THR D 69 -19.09 -35.85 -22.42
CA THR D 69 -19.72 -35.10 -23.50
C THR D 69 -21.24 -35.30 -23.64
N ALA D 70 -21.72 -36.51 -23.39
CA ALA D 70 -23.17 -36.83 -23.51
C ALA D 70 -24.01 -35.98 -22.56
N GLY D 71 -23.52 -35.81 -21.34
CA GLY D 71 -24.20 -34.99 -20.34
C GLY D 71 -24.46 -33.58 -20.81
N TYR D 72 -23.58 -33.05 -21.67
CA TYR D 72 -23.70 -31.69 -22.21
C TYR D 72 -24.42 -31.63 -23.57
N GLY D 73 -25.03 -32.73 -23.98
CA GLY D 73 -25.80 -32.79 -25.23
C GLY D 73 -25.02 -33.20 -26.48
N PHE D 74 -23.79 -33.70 -26.31
CA PHE D 74 -22.95 -34.09 -27.46
C PHE D 74 -22.89 -35.59 -27.67
N ASP D 75 -23.08 -36.02 -28.92
CA ASP D 75 -22.92 -37.42 -29.30
C ASP D 75 -21.58 -37.36 -29.99
N VAL D 76 -20.55 -37.83 -29.30
CA VAL D 76 -19.18 -37.75 -29.80
C VAL D 76 -18.63 -39.10 -30.18
N GLU D 77 -17.96 -39.14 -31.34
CA GLU D 77 -17.40 -40.38 -31.82
C GLU D 77 -15.89 -40.20 -32.02
N ILE D 78 -15.08 -40.91 -31.22
CA ILE D 78 -13.63 -40.88 -31.39
C ILE D 78 -13.32 -41.95 -32.45
N LYS D 79 -13.16 -41.51 -33.68
CA LYS D 79 -12.89 -42.41 -34.81
C LYS D 79 -11.56 -43.12 -34.69
N ASN D 80 -10.54 -42.38 -34.25
CA ASN D 80 -9.22 -42.93 -34.12
C ASN D 80 -8.32 -42.10 -33.25
N PHE D 81 -7.46 -42.77 -32.52
CA PHE D 81 -6.44 -42.13 -31.74
C PHE D 81 -5.11 -42.67 -32.24
N SER D 82 -4.21 -41.77 -32.63
CA SER D 82 -2.88 -42.12 -33.07
C SER D 82 -1.84 -41.69 -32.03
N PHE D 83 -1.38 -42.67 -31.26
CA PHE D 83 -0.35 -42.45 -30.25
C PHE D 83 0.92 -41.97 -30.97
N LYS D 84 1.21 -42.57 -32.12
CA LYS D 84 2.38 -42.20 -32.91
C LYS D 84 2.33 -40.71 -33.25
N GLN D 85 1.15 -40.23 -33.67
CA GLN D 85 0.97 -38.83 -34.02
C GLN D 85 1.21 -37.92 -32.80
N LEU D 86 0.64 -38.31 -31.67
CA LEU D 86 0.79 -37.58 -30.42
C LEU D 86 2.27 -37.44 -30.06
N VAL D 87 3.01 -38.54 -30.16
CA VAL D 87 4.43 -38.53 -29.84
C VAL D 87 5.24 -37.67 -30.81
N GLU D 88 4.98 -37.79 -32.11
CA GLU D 88 5.67 -36.97 -33.11
C GLU D 88 5.50 -35.49 -32.80
N ASN D 89 4.26 -35.08 -32.54
CA ASN D 89 3.95 -33.68 -32.22
C ASN D 89 4.60 -33.25 -30.90
N ARG D 90 4.61 -34.15 -29.92
CA ARG D 90 5.23 -33.86 -28.62
C ARG D 90 6.73 -33.58 -28.84
N GLU D 91 7.39 -34.46 -29.58
CA GLU D 91 8.83 -34.32 -29.83
C GLU D 91 9.19 -33.13 -30.68
N LYS D 92 8.28 -32.74 -31.57
CA LYS D 92 8.47 -31.55 -32.38
C LYS D 92 8.51 -30.31 -31.48
N TYR D 93 7.63 -30.29 -30.46
CA TYR D 93 7.60 -29.19 -29.49
C TYR D 93 8.90 -29.18 -28.67
N ILE D 94 9.35 -30.36 -28.25
CA ILE D 94 10.58 -30.46 -27.48
C ILE D 94 11.77 -29.95 -28.34
N ASP D 95 11.76 -30.23 -29.65
CA ASP D 95 12.83 -29.72 -30.52
C ASP D 95 12.79 -28.19 -30.55
N PHE D 96 11.59 -27.63 -30.60
CA PHE D 96 11.44 -26.18 -30.58
C PHE D 96 12.06 -25.64 -29.29
N LEU D 97 11.80 -26.31 -28.17
CA LEU D 97 12.37 -25.91 -26.87
C LEU D 97 13.90 -25.94 -26.85
N HIS D 98 14.51 -26.93 -27.50
CA HIS D 98 15.98 -26.97 -27.59
C HIS D 98 16.50 -25.66 -28.20
N GLY D 99 15.89 -25.25 -29.31
CA GLY D 99 16.26 -24.01 -29.99
C GLY D 99 16.12 -22.80 -29.08
N ALA D 100 15.02 -22.74 -28.34
CA ALA D 100 14.76 -21.65 -27.40
C ALA D 100 15.81 -21.57 -26.27
N TYR D 101 16.13 -22.71 -25.67
CA TYR D 101 17.17 -22.75 -24.63
C TYR D 101 18.52 -22.34 -25.17
N ASN D 102 18.86 -22.82 -26.38
CA ASN D 102 20.14 -22.46 -27.00
C ASN D 102 20.24 -20.94 -27.29
N ARG D 103 19.13 -20.32 -27.70
CA ARG D 103 19.10 -18.88 -27.94
C ARG D 103 19.31 -18.08 -26.64
N GLY D 104 18.77 -18.58 -25.53
CA GLY D 104 18.96 -17.94 -24.22
C GLY D 104 20.42 -18.04 -23.80
N LEU D 105 20.99 -19.25 -23.96
CA LEU D 105 22.41 -19.48 -23.63
C LEU D 105 23.31 -18.59 -24.51
N ASP D 106 23.01 -18.51 -25.80
CA ASP D 106 23.78 -17.65 -26.71
C ASP D 106 23.75 -16.19 -26.28
N SER D 107 22.58 -15.73 -25.85
CA SER D 107 22.41 -14.32 -25.45
C SER D 107 23.22 -13.96 -24.23
N ASN D 108 23.57 -14.96 -23.43
CA ASN D 108 24.40 -14.74 -22.24
C ASN D 108 25.84 -15.18 -22.50
N ASN D 109 26.18 -15.44 -23.76
CA ASN D 109 27.55 -15.82 -24.15
C ASN D 109 28.11 -17.04 -23.40
N ILE D 110 27.23 -18.00 -23.14
CA ILE D 110 27.62 -19.23 -22.49
C ILE D 110 28.25 -20.14 -23.53
N GLU D 111 29.43 -20.68 -23.23
CA GLU D 111 30.05 -21.64 -24.15
C GLU D 111 29.55 -23.01 -23.73
N ARG D 112 29.19 -23.84 -24.70
CA ARG D 112 28.74 -25.19 -24.39
C ARG D 112 29.54 -26.27 -25.07
N ILE D 113 29.72 -27.38 -24.35
N ILE D 113 29.71 -27.39 -24.36
CA ILE D 113 30.43 -28.56 -24.86
CA ILE D 113 30.40 -28.55 -24.88
C ILE D 113 29.50 -29.76 -24.77
C ILE D 113 29.48 -29.75 -24.78
N HIS D 114 29.43 -30.54 -25.85
CA HIS D 114 28.63 -31.76 -25.88
C HIS D 114 29.55 -32.93 -25.51
N GLY D 115 29.43 -33.38 -24.27
CA GLY D 115 30.23 -34.48 -23.76
C GLY D 115 30.00 -34.64 -22.27
N TYR D 116 30.52 -35.73 -21.71
CA TYR D 116 30.40 -35.99 -20.28
C TYR D 116 31.69 -35.61 -19.55
N ALA D 117 31.54 -34.81 -18.49
CA ALA D 117 32.66 -34.36 -17.72
C ALA D 117 33.00 -35.24 -16.53
N THR D 118 34.29 -35.31 -16.23
N THR D 118 34.29 -35.34 -16.22
CA THR D 118 34.82 -36.04 -15.09
CA THR D 118 34.74 -35.98 -15.00
C THR D 118 35.89 -35.14 -14.46
C THR D 118 35.73 -34.99 -14.44
N PHE D 119 35.90 -35.02 -13.13
CA PHE D 119 36.90 -34.20 -12.47
C PHE D 119 38.23 -34.91 -12.53
N THR D 120 39.28 -34.17 -12.87
CA THR D 120 40.66 -34.69 -12.84
C THR D 120 41.43 -34.07 -11.68
N GLY D 121 40.88 -33.02 -11.06
CA GLY D 121 41.53 -32.36 -9.94
C GLY D 121 40.50 -31.54 -9.20
N GLU D 122 40.91 -30.80 -8.18
CA GLU D 122 39.93 -30.04 -7.38
C GLU D 122 39.17 -28.98 -8.14
N GLN D 123 39.80 -28.41 -9.17
CA GLN D 123 39.14 -27.36 -9.95
C GLN D 123 39.32 -27.59 -11.44
N THR D 124 39.49 -28.86 -11.81
CA THR D 124 39.72 -29.19 -13.21
C THR D 124 38.88 -30.38 -13.62
N ILE D 125 38.30 -30.29 -14.82
CA ILE D 125 37.52 -31.36 -15.40
C ILE D 125 38.07 -31.72 -16.78
N GLU D 126 37.71 -32.91 -17.23
CA GLU D 126 38.06 -33.41 -18.54
C GLU D 126 36.77 -33.78 -19.28
N VAL D 127 36.69 -33.35 -20.53
N VAL D 127 36.65 -33.36 -20.53
CA VAL D 127 35.55 -33.62 -21.41
CA VAL D 127 35.52 -33.77 -21.35
C VAL D 127 36.08 -33.92 -22.81
C VAL D 127 36.02 -33.92 -22.78
N ASN D 128 35.74 -35.08 -23.37
CA ASN D 128 36.18 -35.45 -24.72
C ASN D 128 37.71 -35.33 -24.88
N GLY D 129 38.45 -35.62 -23.81
CA GLY D 129 39.91 -35.56 -23.81
C GLY D 129 40.56 -34.19 -23.61
N THR D 130 39.75 -33.14 -23.40
CA THR D 130 40.25 -31.79 -23.21
C THR D 130 39.96 -31.38 -21.78
N GLU D 131 40.91 -30.64 -21.19
N GLU D 131 40.89 -30.64 -21.16
CA GLU D 131 40.80 -30.15 -19.80
CA GLU D 131 40.65 -30.20 -19.78
C GLU D 131 40.30 -28.71 -19.73
C GLU D 131 40.38 -28.71 -19.66
N TYR D 132 39.55 -28.41 -18.66
CA TYR D 132 39.02 -27.08 -18.40
C TYR D 132 39.11 -26.81 -16.90
N THR D 133 39.42 -25.56 -16.55
CA THR D 133 39.54 -25.21 -15.13
C THR D 133 38.82 -23.91 -14.82
N ALA D 134 38.33 -23.82 -13.60
CA ALA D 134 37.66 -22.62 -13.11
C ALA D 134 37.66 -22.65 -11.59
N PRO D 135 37.71 -21.47 -10.94
CA PRO D 135 37.68 -21.47 -9.49
C PRO D 135 36.29 -21.76 -8.89
N HIS D 136 35.27 -21.79 -9.74
CA HIS D 136 33.90 -22.09 -9.32
C HIS D 136 33.32 -23.13 -10.28
N ILE D 137 32.90 -24.26 -9.73
CA ILE D 137 32.35 -25.35 -10.56
C ILE D 137 31.07 -25.87 -9.93
N LEU D 138 30.00 -25.87 -10.71
CA LEU D 138 28.70 -26.36 -10.27
C LEU D 138 28.39 -27.75 -10.79
N ILE D 139 28.07 -28.66 -9.86
CA ILE D 139 27.62 -29.98 -10.21
C ILE D 139 26.09 -29.88 -10.29
N ALA D 140 25.55 -30.08 -11.49
CA ALA D 140 24.11 -30.05 -11.71
C ALA D 140 23.79 -31.21 -12.64
N THR D 141 24.28 -32.38 -12.26
CA THR D 141 24.20 -33.57 -13.11
C THR D 141 22.92 -34.40 -12.98
N GLY D 142 22.03 -34.00 -12.07
CA GLY D 142 20.76 -34.66 -11.88
C GLY D 142 20.86 -36.11 -11.46
N GLY D 143 19.84 -36.88 -11.82
CA GLY D 143 19.77 -38.31 -11.51
C GLY D 143 19.32 -39.10 -12.71
N ARG D 144 19.12 -40.39 -12.49
CA ARG D 144 18.70 -41.30 -13.55
C ARG D 144 17.88 -42.41 -12.93
N PRO D 145 17.08 -43.11 -13.74
CA PRO D 145 16.32 -44.20 -13.17
C PRO D 145 17.18 -45.34 -12.60
N LYS D 146 16.71 -45.95 -11.52
CA LYS D 146 17.37 -47.15 -10.98
C LYS D 146 16.87 -48.31 -11.83
N LYS D 147 17.56 -49.45 -11.79
CA LYS D 147 17.10 -50.63 -12.52
C LYS D 147 16.31 -51.55 -11.58
N LEU D 148 15.51 -52.45 -12.14
CA LEU D 148 14.71 -53.37 -11.32
C LEU D 148 15.56 -54.40 -10.56
N GLY D 149 16.69 -54.82 -11.15
CA GLY D 149 17.60 -55.75 -10.48
C GLY D 149 17.06 -57.17 -10.30
N ILE D 150 16.19 -57.58 -11.21
CA ILE D 150 15.59 -58.92 -11.17
C ILE D 150 15.72 -59.62 -12.52
N PRO D 151 15.50 -60.94 -12.54
CA PRO D 151 15.56 -61.63 -13.82
C PRO D 151 14.48 -61.09 -14.77
N GLY D 152 14.87 -60.76 -16.00
CA GLY D 152 13.98 -60.21 -16.97
C GLY D 152 13.85 -58.70 -16.91
N GLU D 153 14.68 -58.05 -16.10
CA GLU D 153 14.62 -56.57 -16.02
C GLU D 153 14.79 -55.91 -17.38
N GLU D 154 15.52 -56.57 -18.29
CA GLU D 154 15.74 -56.02 -19.64
C GLU D 154 14.45 -55.89 -20.46
N TYR D 155 13.40 -56.58 -20.05
CA TYR D 155 12.12 -56.50 -20.75
C TYR D 155 11.29 -55.30 -20.32
N ALA D 156 11.62 -54.72 -19.17
CA ALA D 156 10.89 -53.59 -18.63
C ALA D 156 11.40 -52.25 -19.14
N LEU D 157 10.55 -51.25 -19.04
CA LEU D 157 10.90 -49.90 -19.47
C LEU D 157 10.87 -48.98 -18.28
N ASP D 158 11.88 -48.13 -18.17
CA ASP D 158 11.88 -47.11 -17.15
C ASP D 158 11.19 -45.88 -17.78
N SER D 159 11.17 -44.74 -17.09
CA SER D 159 10.49 -43.57 -17.63
C SER D 159 11.08 -43.13 -18.98
N ASN D 160 12.38 -43.30 -19.17
CA ASN D 160 13.00 -42.96 -20.47
C ASN D 160 12.41 -43.87 -21.54
N GLY D 161 12.25 -45.15 -21.21
CA GLY D 161 11.66 -46.12 -22.13
C GLY D 161 10.21 -45.78 -22.47
N PHE D 162 9.48 -45.24 -21.48
CA PHE D 162 8.10 -44.83 -21.70
C PHE D 162 8.06 -43.73 -22.76
N PHE D 163 8.93 -42.73 -22.64
CA PHE D 163 8.96 -41.63 -23.62
C PHE D 163 9.53 -42.05 -24.99
N ALA D 164 10.28 -43.16 -25.01
CA ALA D 164 10.80 -43.71 -26.26
C ALA D 164 9.68 -44.40 -27.07
N LEU D 165 8.59 -44.79 -26.40
CA LEU D 165 7.46 -45.45 -27.06
C LEU D 165 6.86 -44.61 -28.17
N GLU D 166 6.60 -45.26 -29.31
CA GLU D 166 5.95 -44.61 -30.45
C GLU D 166 4.60 -45.28 -30.75
N GLU D 167 4.30 -46.34 -30.00
CA GLU D 167 3.02 -47.06 -30.10
C GLU D 167 2.61 -47.39 -28.67
N MET D 168 1.31 -47.37 -28.42
CA MET D 168 0.81 -47.63 -27.10
C MET D 168 0.60 -49.12 -26.85
N PRO D 169 1.15 -49.66 -25.75
CA PRO D 169 0.87 -51.07 -25.47
C PRO D 169 -0.61 -51.23 -25.10
N LYS D 170 -1.25 -52.32 -25.52
CA LYS D 170 -2.68 -52.54 -25.25
C LYS D 170 -2.92 -52.84 -23.79
N ARG D 171 -1.96 -53.54 -23.19
CA ARG D 171 -2.00 -53.95 -21.81
C ARG D 171 -0.67 -53.58 -21.21
N VAL D 172 -0.72 -52.96 -20.05
CA VAL D 172 0.50 -52.49 -19.41
C VAL D 172 0.42 -52.60 -17.90
N VAL D 173 1.58 -52.89 -17.30
CA VAL D 173 1.70 -52.99 -15.85
C VAL D 173 2.70 -51.94 -15.42
N PHE D 174 2.27 -51.04 -14.53
CA PHE D 174 3.14 -50.02 -13.96
C PHE D 174 3.60 -50.51 -12.61
N VAL D 175 4.92 -50.40 -12.40
CA VAL D 175 5.55 -50.87 -11.19
C VAL D 175 6.18 -49.70 -10.46
N GLY D 176 5.82 -49.52 -9.19
CA GLY D 176 6.39 -48.44 -8.38
C GLY D 176 5.31 -47.71 -7.62
N ALA D 177 5.72 -47.05 -6.54
CA ALA D 177 4.77 -46.36 -5.66
C ALA D 177 4.84 -44.83 -5.71
N GLY D 178 5.81 -44.27 -6.41
CA GLY D 178 5.98 -42.82 -6.46
C GLY D 178 5.09 -42.10 -7.45
N TYR D 179 5.23 -40.78 -7.49
CA TYR D 179 4.40 -39.97 -8.35
C TYR D 179 4.63 -40.24 -9.84
N ILE D 180 5.84 -40.65 -10.23
CA ILE D 180 6.10 -40.91 -11.64
C ILE D 180 5.23 -42.07 -12.12
N ALA D 181 5.25 -43.16 -11.34
CA ALA D 181 4.42 -44.32 -11.68
C ALA D 181 2.93 -43.94 -11.69
N ALA D 182 2.51 -43.19 -10.69
CA ALA D 182 1.11 -42.76 -10.58
C ALA D 182 0.68 -41.97 -11.80
N GLU D 183 1.53 -41.04 -12.23
CA GLU D 183 1.22 -40.18 -13.38
C GLU D 183 1.18 -40.95 -14.70
N LEU D 184 2.22 -41.73 -14.94
CA LEU D 184 2.30 -42.50 -16.18
C LEU D 184 1.17 -43.55 -16.25
N ALA D 185 0.81 -44.16 -15.12
CA ALA D 185 -0.31 -45.14 -15.11
C ALA D 185 -1.62 -44.47 -15.51
N GLY D 186 -1.88 -43.29 -14.94
CA GLY D 186 -3.07 -42.54 -15.25
C GLY D 186 -3.15 -42.13 -16.72
N THR D 187 -2.00 -41.78 -17.28
CA THR D 187 -1.91 -41.36 -18.67
C THR D 187 -2.28 -42.50 -19.66
N LEU D 188 -1.62 -43.65 -19.55
CA LEU D 188 -1.98 -44.74 -20.47
C LEU D 188 -3.38 -45.26 -20.16
N HIS D 189 -3.78 -45.31 -18.89
CA HIS D 189 -5.14 -45.75 -18.58
C HIS D 189 -6.17 -44.84 -19.27
N GLY D 190 -5.94 -43.53 -19.21
CA GLY D 190 -6.85 -42.57 -19.84
C GLY D 190 -6.87 -42.65 -21.35
N LEU D 191 -5.75 -43.06 -21.93
CA LEU D 191 -5.63 -43.23 -23.39
C LEU D 191 -6.18 -44.59 -23.86
N GLY D 192 -6.75 -45.38 -22.94
CA GLY D 192 -7.39 -46.65 -23.31
C GLY D 192 -6.62 -47.95 -23.10
N ALA D 193 -5.46 -47.90 -22.47
CA ALA D 193 -4.73 -49.14 -22.23
C ALA D 193 -5.33 -49.86 -21.02
N GLU D 194 -5.35 -51.19 -21.08
CA GLU D 194 -5.78 -52.00 -19.93
C GLU D 194 -4.58 -51.85 -19.00
N THR D 195 -4.80 -51.14 -17.89
CA THR D 195 -3.73 -50.75 -16.98
C THR D 195 -3.77 -51.36 -15.57
N HIS D 196 -2.59 -51.82 -15.14
CA HIS D 196 -2.38 -52.39 -13.82
C HIS D 196 -1.35 -51.52 -13.12
N TRP D 197 -1.54 -51.26 -11.84
CA TRP D 197 -0.59 -50.50 -11.05
C TRP D 197 -0.25 -51.34 -9.83
N ALA D 198 1.01 -51.77 -9.78
CA ALA D 198 1.51 -52.63 -8.72
C ALA D 198 2.61 -51.95 -7.89
N PHE D 199 2.46 -52.00 -6.57
CA PHE D 199 3.42 -51.37 -5.63
C PHE D 199 3.61 -52.26 -4.40
N ARG D 200 4.74 -52.07 -3.73
CA ARG D 200 5.18 -52.94 -2.62
C ARG D 200 4.41 -52.97 -1.30
N HIS D 201 3.80 -51.87 -0.90
CA HIS D 201 3.11 -51.82 0.39
C HIS D 201 1.60 -51.77 0.19
N GLU D 202 0.86 -51.54 1.28
CA GLU D 202 -0.61 -51.49 1.21
C GLU D 202 -1.11 -50.31 0.36
N ARG D 203 -0.35 -49.22 0.37
CA ARG D 203 -0.73 -48.02 -0.39
C ARG D 203 0.48 -47.37 -1.03
N PRO D 204 0.27 -46.68 -2.16
CA PRO D 204 1.36 -46.03 -2.83
C PRO D 204 1.45 -44.59 -2.33
N LEU D 205 2.34 -43.80 -2.93
CA LEU D 205 2.47 -42.38 -2.61
C LEU D 205 2.57 -42.13 -1.11
N ARG D 206 3.43 -42.91 -0.45
CA ARG D 206 3.52 -42.85 1.00
C ARG D 206 4.06 -41.54 1.57
N SER D 207 4.75 -40.74 0.77
CA SER D 207 5.29 -39.45 1.23
C SER D 207 4.22 -38.33 1.20
N PHE D 208 3.08 -38.58 0.56
CA PHE D 208 1.99 -37.63 0.45
C PHE D 208 0.97 -37.80 1.58
N ASP D 209 0.18 -36.76 1.80
CA ASP D 209 -0.88 -36.79 2.79
C ASP D 209 -1.79 -37.98 2.49
N ASP D 210 -2.23 -38.68 3.53
CA ASP D 210 -3.07 -39.89 3.36
C ASP D 210 -4.31 -39.66 2.52
N MET D 211 -4.89 -38.47 2.60
CA MET D 211 -6.07 -38.15 1.80
C MET D 211 -5.73 -38.25 0.32
N LEU D 212 -4.58 -37.72 -0.05
CA LEU D 212 -4.15 -37.73 -1.44
C LEU D 212 -3.86 -39.13 -1.96
N SER D 213 -3.09 -39.90 -1.20
CA SER D 213 -2.75 -41.26 -1.64
C SER D 213 -3.98 -42.15 -1.72
N GLU D 214 -4.87 -42.03 -0.74
CA GLU D 214 -6.11 -42.82 -0.78
C GLU D 214 -6.99 -42.46 -1.97
N LYS D 215 -7.17 -41.16 -2.20
CA LYS D 215 -8.03 -40.72 -3.29
C LYS D 215 -7.48 -40.98 -4.67
N VAL D 216 -6.16 -40.90 -4.86
CA VAL D 216 -5.59 -41.23 -6.15
C VAL D 216 -5.98 -42.67 -6.52
N VAL D 217 -5.82 -43.58 -5.57
CA VAL D 217 -6.13 -45.00 -5.80
C VAL D 217 -7.63 -45.17 -6.04
N GLU D 218 -8.45 -44.56 -5.19
N GLU D 218 -8.46 -44.58 -5.19
CA GLU D 218 -9.91 -44.64 -5.30
CA GLU D 218 -9.92 -44.67 -5.35
C GLU D 218 -10.43 -44.12 -6.65
C GLU D 218 -10.39 -44.15 -6.69
N ARG D 219 -9.91 -42.98 -7.09
CA ARG D 219 -10.29 -42.36 -8.38
C ARG D 219 -9.86 -43.23 -9.55
N TYR D 220 -8.62 -43.73 -9.52
CA TYR D 220 -8.17 -44.61 -10.61
C TYR D 220 -8.96 -45.91 -10.66
N GLN D 221 -9.19 -46.50 -9.50
CA GLN D 221 -9.90 -47.78 -9.38
C GLN D 221 -11.34 -47.71 -9.88
N GLU D 222 -12.05 -46.65 -9.51
CA GLU D 222 -13.43 -46.49 -9.95
C GLU D 222 -13.51 -46.28 -11.48
N MET D 223 -12.42 -45.80 -12.08
CA MET D 223 -12.34 -45.62 -13.55
C MET D 223 -11.80 -46.86 -14.29
N GLY D 224 -11.52 -47.95 -13.57
CA GLY D 224 -11.09 -49.21 -14.21
C GLY D 224 -9.65 -49.65 -14.13
N MET D 225 -8.81 -48.91 -13.41
CA MET D 225 -7.41 -49.31 -13.26
C MET D 225 -7.39 -50.43 -12.23
N GLN D 226 -6.61 -51.47 -12.51
N GLN D 226 -6.59 -51.46 -12.52
CA GLN D 226 -6.49 -52.59 -11.58
CA GLN D 226 -6.44 -52.59 -11.60
C GLN D 226 -5.33 -52.30 -10.63
C GLN D 226 -5.32 -52.27 -10.62
N ILE D 227 -5.64 -52.27 -9.33
CA ILE D 227 -4.65 -51.94 -8.28
C ILE D 227 -4.13 -53.21 -7.59
N HIS D 228 -2.80 -53.33 -7.53
CA HIS D 228 -2.13 -54.48 -6.92
C HIS D 228 -1.21 -54.03 -5.79
N PRO D 229 -1.74 -53.95 -4.56
CA PRO D 229 -0.89 -53.60 -3.42
C PRO D 229 -0.07 -54.80 -2.94
N ASN D 230 0.90 -54.57 -2.05
CA ASN D 230 1.72 -55.63 -1.48
C ASN D 230 2.36 -56.52 -2.56
N ALA D 231 2.80 -55.89 -3.65
CA ALA D 231 3.35 -56.57 -4.80
C ALA D 231 4.82 -56.22 -5.04
N THR D 232 5.72 -57.10 -4.60
CA THR D 232 7.15 -56.90 -4.80
C THR D 232 7.54 -57.66 -6.06
N PRO D 233 8.07 -56.96 -7.10
CA PRO D 233 8.44 -57.66 -8.34
C PRO D 233 9.47 -58.77 -8.11
N ALA D 234 9.27 -59.91 -8.75
CA ALA D 234 10.17 -61.05 -8.63
C ALA D 234 10.90 -61.34 -9.92
N LYS D 235 10.14 -61.39 -11.03
CA LYS D 235 10.74 -61.70 -12.33
C LYS D 235 9.80 -61.34 -13.45
N ILE D 236 10.39 -61.19 -14.64
CA ILE D 236 9.65 -60.93 -15.85
C ILE D 236 10.14 -61.94 -16.87
N GLU D 237 9.19 -62.66 -17.47
CA GLU D 237 9.49 -63.67 -18.47
C GLU D 237 8.72 -63.34 -19.74
N LYS D 238 9.30 -63.65 -20.90
CA LYS D 238 8.65 -63.44 -22.19
C LYS D 238 8.12 -64.79 -22.66
N THR D 239 6.84 -64.85 -23.00
CA THR D 239 6.22 -66.10 -23.46
C THR D 239 6.41 -66.31 -24.96
N ALA D 240 5.94 -67.45 -25.44
CA ALA D 240 6.03 -67.84 -26.86
C ALA D 240 5.23 -66.96 -27.82
N GLN D 241 4.28 -66.16 -27.31
CA GLN D 241 3.46 -65.29 -28.17
C GLN D 241 3.91 -63.81 -28.08
N ASN D 242 5.19 -63.59 -27.77
CA ASN D 242 5.77 -62.22 -27.67
C ASN D 242 5.05 -61.25 -26.71
N GLU D 243 4.59 -61.80 -25.59
CA GLU D 243 3.97 -61.00 -24.52
C GLU D 243 4.81 -61.28 -23.26
N TYR D 244 4.55 -60.53 -22.18
CA TYR D 244 5.33 -60.69 -20.96
C TYR D 244 4.52 -61.12 -19.78
N VAL D 245 5.15 -61.84 -18.87
CA VAL D 245 4.50 -62.23 -17.64
C VAL D 245 5.36 -61.71 -16.50
N ILE D 246 4.79 -60.84 -15.67
CA ILE D 246 5.51 -60.34 -14.50
C ILE D 246 4.95 -61.05 -13.27
N THR D 247 5.85 -61.63 -12.49
CA THR D 247 5.47 -62.33 -11.27
C THR D 247 6.02 -61.55 -10.07
N PHE D 248 5.21 -61.52 -9.02
CA PHE D 248 5.54 -60.84 -7.78
C PHE D 248 5.77 -61.87 -6.67
N GLU D 249 6.53 -61.48 -5.65
CA GLU D 249 6.87 -62.39 -4.54
C GLU D 249 5.67 -63.01 -3.84
N ASN D 250 4.52 -62.32 -3.85
CA ASN D 250 3.30 -62.83 -3.22
C ASN D 250 2.60 -63.93 -4.03
N GLY D 251 3.14 -64.27 -5.20
CA GLY D 251 2.56 -65.29 -6.06
C GLY D 251 1.68 -64.76 -7.19
N GLU D 252 1.41 -63.45 -7.23
CA GLU D 252 0.61 -62.88 -8.30
C GLU D 252 1.40 -62.89 -9.59
N SER D 253 0.67 -63.05 -10.68
CA SER D 253 1.22 -63.07 -12.01
C SER D 253 0.30 -62.23 -12.89
N ILE D 254 0.87 -61.43 -13.79
CA ILE D 254 0.07 -60.62 -14.71
C ILE D 254 0.68 -60.76 -16.10
N THR D 255 -0.15 -61.09 -17.09
CA THR D 255 0.28 -61.22 -18.47
C THR D 255 0.04 -59.84 -19.10
N THR D 256 1.04 -59.30 -19.79
CA THR D 256 0.94 -57.95 -20.33
C THR D 256 1.82 -57.73 -21.55
N ASP D 257 1.65 -56.58 -22.20
CA ASP D 257 2.45 -56.21 -23.38
C ASP D 257 3.65 -55.34 -23.04
N ALA D 258 3.59 -54.68 -21.88
CA ALA D 258 4.69 -53.84 -21.42
C ALA D 258 4.71 -53.73 -19.90
N VAL D 259 5.91 -53.60 -19.36
CA VAL D 259 6.13 -53.41 -17.94
C VAL D 259 6.92 -52.12 -17.87
N ILE D 260 6.34 -51.13 -17.22
CA ILE D 260 6.95 -49.82 -17.09
C ILE D 260 7.13 -49.56 -15.62
N PHE D 261 8.33 -49.17 -15.22
CA PHE D 261 8.58 -48.98 -13.81
C PHE D 261 9.18 -47.62 -13.47
N GLY D 262 8.90 -47.23 -12.24
CA GLY D 262 9.42 -46.00 -11.63
C GLY D 262 9.63 -46.36 -10.17
N THR D 263 10.78 -46.93 -9.85
CA THR D 263 11.12 -47.41 -8.53
C THR D 263 12.19 -46.57 -7.85
N GLY D 264 12.30 -45.31 -8.27
CA GLY D 264 13.27 -44.39 -7.71
C GLY D 264 14.37 -44.06 -8.69
N ARG D 265 15.04 -42.95 -8.41
CA ARG D 265 16.13 -42.47 -9.23
C ARG D 265 17.38 -42.40 -8.35
N GLN D 266 18.53 -42.42 -9.00
CA GLN D 266 19.80 -42.36 -8.28
C GLN D 266 20.57 -41.19 -8.82
N PRO D 267 21.37 -40.54 -7.98
CA PRO D 267 22.11 -39.36 -8.43
C PRO D 267 23.28 -39.68 -9.36
N ASN D 268 23.54 -38.76 -10.30
CA ASN D 268 24.64 -38.93 -11.26
C ASN D 268 25.96 -38.44 -10.69
N THR D 269 26.48 -39.21 -9.72
CA THR D 269 27.72 -38.90 -9.06
C THR D 269 28.73 -40.03 -9.12
N ASP D 270 28.32 -41.18 -9.66
CA ASP D 270 29.22 -42.34 -9.67
C ASP D 270 30.33 -42.32 -10.73
N GLN D 271 30.14 -41.62 -11.82
CA GLN D 271 31.19 -41.59 -12.87
C GLN D 271 31.75 -40.21 -13.02
N LEU D 272 31.64 -39.42 -11.96
CA LEU D 272 32.03 -38.03 -12.01
C LEU D 272 33.48 -37.73 -11.64
N GLY D 273 34.21 -38.72 -11.14
CA GLY D 273 35.60 -38.50 -10.73
C GLY D 273 35.77 -37.70 -9.45
N LEU D 274 34.77 -37.78 -8.55
CA LEU D 274 34.83 -37.07 -7.27
C LEU D 274 35.99 -37.51 -6.36
N GLU D 275 36.58 -38.66 -6.63
CA GLU D 275 37.76 -39.08 -5.84
C GLU D 275 38.94 -38.09 -6.03
N ASN D 276 38.89 -37.27 -7.10
CA ASN D 276 39.91 -36.26 -7.38
C ASN D 276 39.55 -34.88 -6.76
N THR D 277 38.49 -34.85 -5.96
CA THR D 277 38.02 -33.65 -5.26
C THR D 277 37.83 -33.98 -3.80
N LYS D 278 37.41 -32.97 -3.02
CA LYS D 278 37.09 -33.14 -1.60
C LYS D 278 35.57 -33.04 -1.38
N VAL D 279 34.81 -33.31 -2.44
CA VAL D 279 33.36 -33.28 -2.41
C VAL D 279 32.87 -34.59 -1.78
N ALA D 280 32.13 -34.47 -0.69
CA ALA D 280 31.59 -35.64 -0.02
C ALA D 280 30.18 -35.98 -0.48
N LEU D 281 29.90 -37.27 -0.54
CA LEU D 281 28.59 -37.78 -0.86
C LEU D 281 27.96 -38.43 0.36
N ASP D 282 26.63 -38.43 0.40
CA ASP D 282 25.91 -39.10 1.48
C ASP D 282 25.86 -40.59 1.17
N GLU D 283 25.24 -41.38 2.04
N GLU D 283 25.22 -41.36 2.05
CA GLU D 283 25.18 -42.86 1.88
CA GLU D 283 25.13 -42.81 1.89
C GLU D 283 24.39 -43.34 0.64
C GLU D 283 24.57 -43.22 0.53
N LYS D 284 23.59 -42.46 0.05
CA LYS D 284 22.87 -42.76 -1.20
C LYS D 284 23.52 -42.15 -2.45
N GLY D 285 24.66 -41.49 -2.27
CA GLY D 285 25.37 -40.91 -3.39
C GLY D 285 25.05 -39.47 -3.72
N TYR D 286 24.14 -38.84 -2.96
CA TYR D 286 23.85 -37.43 -3.20
C TYR D 286 24.97 -36.54 -2.73
N VAL D 287 25.18 -35.42 -3.45
CA VAL D 287 26.23 -34.48 -3.06
C VAL D 287 25.74 -33.73 -1.84
N LYS D 288 26.54 -33.74 -0.79
CA LYS D 288 26.20 -33.02 0.41
C LYS D 288 26.43 -31.55 0.20
N VAL D 289 25.46 -30.74 0.60
CA VAL D 289 25.59 -29.29 0.49
C VAL D 289 25.08 -28.58 1.73
N ASP D 290 25.57 -27.35 1.91
CA ASP D 290 25.10 -26.48 2.98
C ASP D 290 23.91 -25.65 2.43
N LYS D 291 23.43 -24.69 3.22
CA LYS D 291 22.28 -23.89 2.79
C LYS D 291 22.58 -23.03 1.56
N PHE D 292 23.84 -22.79 1.27
CA PHE D 292 24.26 -21.94 0.15
C PHE D 292 24.67 -22.77 -1.08
N GLN D 293 24.37 -24.07 -1.05
CA GLN D 293 24.70 -24.99 -2.14
C GLN D 293 26.21 -25.30 -2.24
N ASN D 294 26.98 -24.96 -1.20
CA ASN D 294 28.41 -25.29 -1.18
C ASN D 294 28.57 -26.78 -0.89
N THR D 295 29.43 -27.46 -1.64
CA THR D 295 29.78 -28.83 -1.32
C THR D 295 30.78 -28.73 -0.17
N THR D 296 31.30 -29.87 0.27
CA THR D 296 32.31 -29.87 1.32
C THR D 296 33.68 -29.35 0.83
N GLN D 297 33.79 -29.08 -0.48
CA GLN D 297 35.01 -28.48 -1.03
C GLN D 297 34.71 -27.05 -1.49
N ASN D 298 35.48 -26.09 -0.99
CA ASN D 298 35.33 -24.72 -1.44
C ASN D 298 35.66 -24.70 -2.93
N GLY D 299 34.82 -24.03 -3.73
CA GLY D 299 35.03 -23.96 -5.17
C GLY D 299 34.14 -24.89 -5.97
N ILE D 300 33.45 -25.81 -5.29
CA ILE D 300 32.50 -26.70 -5.94
C ILE D 300 31.15 -26.57 -5.21
N TYR D 301 30.10 -26.47 -6.02
CA TYR D 301 28.72 -26.28 -5.57
C TYR D 301 27.87 -27.37 -6.20
N ALA D 302 26.64 -27.50 -5.72
CA ALA D 302 25.71 -28.45 -6.29
C ALA D 302 24.28 -28.01 -6.05
N VAL D 303 23.44 -28.20 -7.08
CA VAL D 303 22.01 -27.90 -7.04
C VAL D 303 21.26 -29.00 -7.80
N GLY D 304 19.94 -29.02 -7.60
CA GLY D 304 19.09 -29.91 -8.34
C GLY D 304 18.96 -31.31 -7.79
N ASP D 305 18.54 -32.21 -8.67
CA ASP D 305 18.30 -33.59 -8.25
C ASP D 305 19.50 -34.30 -7.62
N VAL D 306 20.72 -33.87 -7.97
CA VAL D 306 21.92 -34.49 -7.48
C VAL D 306 22.13 -34.31 -5.97
N ILE D 307 21.42 -33.38 -5.32
CA ILE D 307 21.58 -33.15 -3.89
C ILE D 307 20.53 -33.89 -3.03
N GLY D 308 19.54 -34.50 -3.69
CA GLY D 308 18.55 -35.30 -2.98
C GLY D 308 17.72 -34.57 -1.96
N LYS D 309 17.29 -33.35 -2.29
CA LYS D 309 16.42 -32.58 -1.40
C LYS D 309 15.00 -32.60 -1.97
N ILE D 310 14.65 -31.65 -2.83
CA ILE D 310 13.33 -31.61 -3.45
C ILE D 310 13.56 -31.70 -4.96
N ASP D 311 13.21 -32.85 -5.53
CA ASP D 311 13.45 -33.10 -6.94
C ASP D 311 12.38 -32.52 -7.86
N LEU D 312 12.42 -31.20 -8.03
CA LEU D 312 11.51 -30.47 -8.90
C LEU D 312 12.30 -29.44 -9.69
N THR D 313 11.80 -29.16 -10.87
CA THR D 313 12.46 -28.23 -11.78
C THR D 313 12.60 -26.81 -11.22
N PRO D 314 11.52 -26.24 -10.65
CA PRO D 314 11.65 -24.87 -10.15
C PRO D 314 12.58 -24.69 -8.97
N VAL D 315 12.80 -25.77 -8.23
CA VAL D 315 13.70 -25.76 -7.11
C VAL D 315 15.13 -25.70 -7.64
N ALA D 316 15.43 -26.56 -8.61
CA ALA D 316 16.76 -26.55 -9.23
C ALA D 316 17.06 -25.19 -9.86
N ILE D 317 16.06 -24.63 -10.55
CA ILE D 317 16.19 -23.32 -11.21
C ILE D 317 16.47 -22.21 -10.19
N ALA D 318 15.69 -22.18 -9.12
CA ALA D 318 15.84 -21.11 -8.11
C ALA D 318 17.15 -21.26 -7.35
N ALA D 319 17.52 -22.50 -7.04
CA ALA D 319 18.79 -22.74 -6.35
C ALA D 319 19.96 -22.27 -7.23
N GLY D 320 19.91 -22.59 -8.53
CA GLY D 320 20.98 -22.22 -9.45
C GLY D 320 21.08 -20.72 -9.70
N ARG D 321 19.94 -20.07 -9.80
CA ARG D 321 19.93 -18.61 -9.98
C ARG D 321 20.45 -17.89 -8.76
N ARG D 322 19.99 -18.30 -7.58
CA ARG D 322 20.43 -17.68 -6.35
C ARG D 322 21.92 -17.92 -6.12
N LEU D 323 22.39 -19.12 -6.46
CA LEU D 323 23.82 -19.39 -6.34
C LEU D 323 24.63 -18.41 -7.19
N SER D 324 24.20 -18.20 -8.42
CA SER D 324 24.92 -17.29 -9.32
C SER D 324 24.87 -15.85 -8.83
N GLU D 325 23.76 -15.48 -8.21
CA GLU D 325 23.65 -14.13 -7.63
C GLU D 325 24.65 -13.99 -6.50
N ARG D 326 24.79 -15.04 -5.71
CA ARG D 326 25.74 -15.01 -4.59
C ARG D 326 27.18 -14.96 -5.07
N LEU D 327 27.52 -15.82 -6.03
CA LEU D 327 28.89 -15.92 -6.50
C LEU D 327 29.37 -14.79 -7.42
N PHE D 328 28.48 -14.29 -8.28
CA PHE D 328 28.86 -13.31 -9.29
C PHE D 328 28.21 -11.95 -9.18
N ASN D 329 27.32 -11.78 -8.20
CA ASN D 329 26.72 -10.45 -7.96
C ASN D 329 26.78 -10.08 -6.47
N GLY D 330 27.75 -10.65 -5.75
CA GLY D 330 27.98 -10.33 -4.33
C GLY D 330 26.87 -10.49 -3.31
N GLN D 331 25.85 -11.29 -3.61
CA GLN D 331 24.73 -11.48 -2.68
C GLN D 331 25.06 -12.62 -1.71
N THR D 332 25.99 -12.31 -0.80
CA THR D 332 26.54 -13.24 0.19
C THR D 332 25.54 -14.07 0.99
N ASP D 333 24.45 -13.44 1.41
CA ASP D 333 23.49 -14.12 2.27
C ASP D 333 22.31 -14.75 1.55
N LEU D 334 22.34 -14.76 0.21
CA LEU D 334 21.23 -15.25 -0.56
C LEU D 334 21.22 -16.78 -0.65
N TYR D 335 20.06 -17.38 -0.40
CA TYR D 335 19.90 -18.83 -0.45
C TYR D 335 18.46 -19.17 -0.70
N LEU D 336 18.22 -20.42 -1.11
CA LEU D 336 16.88 -20.91 -1.35
C LEU D 336 16.34 -21.62 -0.12
N ASP D 337 15.13 -21.27 0.27
CA ASP D 337 14.42 -21.92 1.37
C ASP D 337 13.73 -23.14 0.79
N TYR D 338 14.07 -24.33 1.30
CA TYR D 338 13.48 -25.58 0.80
C TYR D 338 12.15 -25.97 1.47
N ASN D 339 11.67 -25.14 2.39
CA ASN D 339 10.40 -25.39 3.05
C ASN D 339 9.27 -24.74 2.23
N LEU D 340 8.08 -25.32 2.38
CA LEU D 340 6.89 -24.82 1.73
C LEU D 340 6.98 -24.70 0.21
N VAL D 341 7.64 -25.66 -0.43
CA VAL D 341 7.68 -25.69 -1.89
C VAL D 341 6.39 -26.40 -2.31
N PRO D 342 5.63 -25.81 -3.24
CA PRO D 342 4.41 -26.46 -3.70
C PRO D 342 4.69 -27.51 -4.79
N THR D 343 3.84 -28.54 -4.84
CA THR D 343 3.95 -29.61 -5.84
C THR D 343 2.57 -29.91 -6.42
N VAL D 344 2.53 -30.14 -7.72
CA VAL D 344 1.31 -30.64 -8.38
C VAL D 344 1.71 -31.98 -9.02
N VAL D 345 0.88 -33.01 -8.82
CA VAL D 345 1.09 -34.33 -9.42
C VAL D 345 -0.04 -34.53 -10.39
N PHE D 346 0.30 -34.83 -11.64
CA PHE D 346 -0.70 -34.96 -12.68
C PHE D 346 -1.33 -36.36 -12.81
N THR D 347 -2.01 -36.73 -11.74
CA THR D 347 -2.85 -37.91 -11.71
C THR D 347 -4.16 -37.47 -12.39
N HIS D 348 -5.15 -38.36 -12.40
CA HIS D 348 -6.47 -38.07 -12.98
C HIS D 348 -7.51 -38.31 -11.89
N PRO D 349 -8.06 -37.26 -11.28
CA PRO D 349 -7.71 -35.87 -11.50
C PRO D 349 -6.40 -35.52 -10.78
N PRO D 350 -5.85 -34.29 -10.98
CA PRO D 350 -4.57 -33.95 -10.33
C PRO D 350 -4.61 -33.74 -8.83
N VAL D 351 -3.41 -33.75 -8.25
CA VAL D 351 -3.16 -33.55 -6.84
C VAL D 351 -2.37 -32.27 -6.66
N ALA D 352 -2.71 -31.49 -5.63
CA ALA D 352 -2.00 -30.24 -5.31
C ALA D 352 -1.62 -30.35 -3.85
N THR D 353 -0.38 -30.01 -3.50
CA THR D 353 0.06 -30.15 -2.11
C THR D 353 1.19 -29.17 -1.76
N ILE D 354 1.11 -28.64 -0.55
CA ILE D 354 2.12 -27.76 -0.02
C ILE D 354 2.14 -27.95 1.49
N GLY D 355 3.33 -27.97 2.07
CA GLY D 355 3.46 -28.10 3.49
C GLY D 355 3.33 -29.49 4.03
N LEU D 356 3.07 -29.56 5.33
CA LEU D 356 3.04 -30.82 6.03
C LEU D 356 1.83 -31.69 5.76
N THR D 357 2.06 -32.99 5.83
CA THR D 357 1.00 -33.95 5.79
C THR D 357 0.35 -33.93 7.16
N GLU D 358 -0.86 -34.47 7.26
CA GLU D 358 -1.51 -34.57 8.55
C GLU D 358 -0.63 -35.34 9.55
N LYS D 359 -0.08 -36.48 9.12
CA LYS D 359 0.81 -37.28 9.99
C LYS D 359 1.97 -36.44 10.53
N ALA D 360 2.64 -35.73 9.64
CA ALA D 360 3.80 -34.92 10.01
C ALA D 360 3.39 -33.78 10.95
N ALA D 361 2.26 -33.14 10.68
CA ALA D 361 1.80 -32.06 11.56
C ALA D 361 1.47 -32.58 12.95
N LEU D 362 0.81 -33.74 13.02
CA LEU D 362 0.47 -34.34 14.32
C LEU D 362 1.74 -34.71 15.09
N GLU D 363 2.74 -35.24 14.39
CA GLU D 363 4.01 -35.63 15.02
C GLU D 363 4.74 -34.39 15.55
N GLU D 364 4.79 -33.34 14.75
CA GLU D 364 5.51 -32.13 15.13
C GLU D 364 4.82 -31.28 16.19
N TYR D 365 3.49 -31.10 16.08
CA TYR D 365 2.73 -30.23 16.99
C TYR D 365 1.83 -30.89 18.02
N GLY D 366 1.45 -32.14 17.79
CA GLY D 366 0.55 -32.82 18.70
C GLY D 366 -0.89 -32.61 18.29
N GLU D 367 -1.72 -33.61 18.58
CA GLU D 367 -3.14 -33.62 18.23
C GLU D 367 -3.92 -32.38 18.68
N ASP D 368 -3.69 -31.96 19.91
CA ASP D 368 -4.40 -30.82 20.47
C ASP D 368 -4.10 -29.46 19.82
N GLN D 369 -2.93 -29.31 19.22
CA GLN D 369 -2.57 -28.06 18.55
C GLN D 369 -2.90 -28.05 17.06
N VAL D 370 -3.38 -29.17 16.54
CA VAL D 370 -3.67 -29.29 15.12
C VAL D 370 -5.16 -29.34 14.88
N LYS D 371 -5.63 -28.52 13.94
N LYS D 371 -5.64 -28.52 13.94
CA LYS D 371 -7.05 -28.53 13.54
CA LYS D 371 -7.05 -28.55 13.55
C LYS D 371 -7.09 -28.78 12.04
C LYS D 371 -7.09 -28.78 12.04
N ILE D 372 -7.89 -29.75 11.62
CA ILE D 372 -8.01 -30.12 10.23
C ILE D 372 -9.35 -29.70 9.68
N TYR D 373 -9.33 -28.95 8.59
CA TYR D 373 -10.56 -28.59 7.88
C TYR D 373 -10.60 -29.49 6.65
N ARG D 374 -11.78 -29.98 6.32
CA ARG D 374 -11.92 -30.93 5.25
C ARG D 374 -13.16 -30.62 4.44
N SER D 375 -13.04 -30.73 3.12
CA SER D 375 -14.14 -30.47 2.21
C SER D 375 -14.18 -31.53 1.11
N SER D 376 -15.38 -31.97 0.75
CA SER D 376 -15.55 -32.95 -0.30
C SER D 376 -16.77 -32.52 -1.06
N PHE D 377 -16.66 -32.40 -2.37
CA PHE D 377 -17.79 -31.97 -3.18
C PHE D 377 -17.67 -32.50 -4.60
N THR D 378 -18.78 -32.41 -5.34
CA THR D 378 -18.76 -32.82 -6.74
C THR D 378 -18.62 -31.55 -7.55
N PRO D 379 -17.52 -31.42 -8.32
CA PRO D 379 -17.38 -30.24 -9.15
C PRO D 379 -18.55 -30.10 -10.10
N MET D 380 -18.97 -28.88 -10.33
CA MET D 380 -20.11 -28.60 -11.18
C MET D 380 -19.93 -29.18 -12.59
N TYR D 381 -18.68 -29.29 -13.00
CA TYR D 381 -18.34 -29.88 -14.28
C TYR D 381 -19.01 -31.25 -14.49
N PHE D 382 -19.12 -32.03 -13.41
CA PHE D 382 -19.72 -33.38 -13.48
C PHE D 382 -21.21 -33.46 -13.13
N ALA D 383 -21.84 -32.30 -12.94
CA ALA D 383 -23.24 -32.25 -12.53
C ALA D 383 -24.25 -32.79 -13.52
N LEU D 384 -23.93 -32.78 -14.80
CA LEU D 384 -24.87 -33.23 -15.84
C LEU D 384 -24.71 -34.70 -16.27
N GLY D 385 -23.64 -35.36 -15.83
CA GLY D 385 -23.41 -36.76 -16.21
C GLY D 385 -23.70 -37.74 -15.08
N GLU D 386 -23.41 -39.01 -15.35
CA GLU D 386 -23.63 -40.08 -14.38
C GLU D 386 -22.47 -40.24 -13.42
N TYR D 387 -21.25 -40.00 -13.90
CA TYR D 387 -20.06 -40.13 -13.06
C TYR D 387 -19.83 -38.84 -12.28
N ARG D 388 -19.96 -38.92 -10.96
CA ARG D 388 -19.80 -37.75 -10.09
C ARG D 388 -18.43 -37.82 -9.38
N GLN D 389 -17.37 -37.46 -10.11
CA GLN D 389 -16.01 -37.50 -9.57
C GLN D 389 -15.93 -36.48 -8.45
N LYS D 390 -15.39 -36.89 -7.31
CA LYS D 390 -15.27 -36.00 -6.18
C LYS D 390 -13.98 -35.20 -6.21
N CYS D 391 -14.02 -34.07 -5.52
CA CYS D 391 -12.87 -33.23 -5.29
C CYS D 391 -12.77 -33.21 -3.77
N ASP D 392 -11.58 -33.45 -3.25
CA ASP D 392 -11.34 -33.48 -1.82
C ASP D 392 -10.25 -32.51 -1.45
N MET D 393 -10.51 -31.71 -0.42
CA MET D 393 -9.54 -30.72 0.02
C MET D 393 -9.33 -30.78 1.53
N LYS D 394 -8.12 -30.41 1.95
CA LYS D 394 -7.75 -30.41 3.35
C LYS D 394 -6.86 -29.23 3.69
N LEU D 395 -7.14 -28.60 4.83
CA LEU D 395 -6.30 -27.53 5.37
C LEU D 395 -5.85 -27.99 6.74
N ILE D 396 -4.56 -27.91 7.01
CA ILE D 396 -3.99 -28.32 8.32
C ILE D 396 -3.54 -27.03 9.01
N CYS D 397 -4.13 -26.76 10.18
CA CYS D 397 -3.88 -25.51 10.91
C CYS D 397 -3.33 -25.79 12.29
N VAL D 398 -2.44 -24.93 12.77
CA VAL D 398 -1.86 -25.10 14.10
C VAL D 398 -2.03 -23.88 15.01
N GLY D 399 -2.21 -24.17 16.30
CA GLY D 399 -2.37 -23.15 17.34
C GLY D 399 -3.67 -22.40 17.33
N LYS D 400 -3.78 -21.46 18.27
CA LYS D 400 -4.94 -20.60 18.42
C LYS D 400 -5.18 -19.82 17.13
N GLU D 401 -4.08 -19.29 16.58
CA GLU D 401 -4.12 -18.53 15.32
C GLU D 401 -4.60 -19.32 14.11
N GLU D 402 -4.50 -20.65 14.17
CA GLU D 402 -4.83 -21.53 13.05
C GLU D 402 -3.97 -21.19 11.82
N LYS D 403 -2.67 -21.15 12.08
CA LYS D 403 -1.69 -20.89 11.05
C LYS D 403 -1.71 -22.11 10.12
N ILE D 404 -1.78 -21.88 8.82
CA ILE D 404 -1.85 -22.96 7.85
C ILE D 404 -0.46 -23.53 7.60
N VAL D 405 -0.30 -24.81 7.94
CA VAL D 405 0.98 -25.50 7.78
C VAL D 405 0.95 -26.54 6.66
N GLY D 406 -0.23 -26.81 6.14
CA GLY D 406 -0.38 -27.75 5.06
C GLY D 406 -1.69 -27.51 4.35
N LEU D 407 -1.67 -27.66 3.03
CA LEU D 407 -2.84 -27.51 2.17
C LEU D 407 -2.74 -28.56 1.11
N HIS D 408 -3.82 -29.31 0.93
CA HIS D 408 -3.84 -30.47 0.03
C HIS D 408 -5.15 -30.56 -0.71
N GLY D 409 -5.09 -30.96 -1.97
CA GLY D 409 -6.31 -31.13 -2.72
C GLY D 409 -6.14 -32.10 -3.87
N ILE D 410 -7.23 -32.74 -4.23
CA ILE D 410 -7.27 -33.63 -5.37
C ILE D 410 -8.60 -33.37 -6.05
N GLY D 411 -8.55 -33.03 -7.34
CA GLY D 411 -9.76 -32.78 -8.09
C GLY D 411 -9.48 -31.99 -9.34
N ILE D 412 -10.48 -31.90 -10.20
CA ILE D 412 -10.29 -31.17 -11.44
C ILE D 412 -9.89 -29.73 -11.18
N GLY D 413 -8.92 -29.27 -11.94
CA GLY D 413 -8.45 -27.90 -11.83
C GLY D 413 -7.52 -27.55 -10.69
N VAL D 414 -7.30 -28.45 -9.72
CA VAL D 414 -6.42 -28.11 -8.58
C VAL D 414 -4.99 -27.79 -9.04
N ASP D 415 -4.62 -28.30 -10.21
CA ASP D 415 -3.28 -28.05 -10.76
C ASP D 415 -2.99 -26.56 -10.95
N GLU D 416 -4.04 -25.77 -11.22
CA GLU D 416 -3.88 -24.32 -11.44
C GLU D 416 -4.26 -23.49 -10.22
N MET D 417 -4.85 -24.11 -9.21
CA MET D 417 -5.26 -23.40 -8.01
C MET D 417 -4.13 -23.13 -7.02
N LEU D 418 -3.14 -24.00 -7.00
CA LEU D 418 -2.14 -24.01 -5.95
C LEU D 418 -1.16 -22.84 -5.85
N GLN D 419 -0.70 -22.33 -6.99
CA GLN D 419 0.35 -21.30 -6.97
C GLN D 419 0.03 -20.12 -6.06
N GLY D 420 -1.18 -19.60 -6.18
CA GLY D 420 -1.64 -18.46 -5.39
C GLY D 420 -1.66 -18.75 -3.89
N PHE D 421 -2.17 -19.91 -3.54
CA PHE D 421 -2.22 -20.33 -2.15
C PHE D 421 -0.80 -20.54 -1.61
N ALA D 422 0.12 -20.98 -2.47
CA ALA D 422 1.50 -21.14 -2.06
C ALA D 422 2.08 -19.78 -1.66
N VAL D 423 1.74 -18.72 -2.40
CA VAL D 423 2.23 -17.39 -2.04
C VAL D 423 1.71 -17.03 -0.65
N ALA D 424 0.42 -17.22 -0.44
CA ALA D 424 -0.20 -16.87 0.84
C ALA D 424 0.38 -17.65 2.00
N ILE D 425 0.59 -18.95 1.80
CA ILE D 425 1.14 -19.80 2.86
C ILE D 425 2.59 -19.39 3.18
N LYS D 426 3.38 -19.06 2.16
N LYS D 426 3.37 -19.08 2.15
CA LYS D 426 4.76 -18.62 2.43
CA LYS D 426 4.73 -18.58 2.35
C LYS D 426 4.76 -17.30 3.20
C LYS D 426 4.74 -17.31 3.20
N MET D 427 3.70 -16.50 3.02
CA MET D 427 3.53 -15.25 3.78
C MET D 427 3.02 -15.48 5.19
N GLY D 428 2.70 -16.72 5.56
CA GLY D 428 2.23 -17.06 6.91
C GLY D 428 0.71 -16.99 7.10
N ALA D 429 -0.04 -17.34 6.06
CA ALA D 429 -1.49 -17.27 6.10
C ALA D 429 -2.09 -18.13 7.19
N THR D 430 -3.13 -17.59 7.81
CA THR D 430 -3.93 -18.27 8.80
C THR D 430 -5.29 -18.57 8.20
N LYS D 431 -6.07 -19.40 8.89
CA LYS D 431 -7.43 -19.70 8.45
C LYS D 431 -8.23 -18.39 8.31
N ALA D 432 -8.00 -17.46 9.23
CA ALA D 432 -8.68 -16.16 9.18
C ALA D 432 -8.35 -15.42 7.89
N ASP D 433 -7.10 -15.51 7.42
CA ASP D 433 -6.71 -14.85 6.15
C ASP D 433 -7.49 -15.43 4.96
N PHE D 434 -7.74 -16.75 4.98
CA PHE D 434 -8.51 -17.40 3.94
C PHE D 434 -9.98 -16.98 4.05
N ASP D 435 -10.53 -17.07 5.25
CA ASP D 435 -11.94 -16.70 5.52
C ASP D 435 -12.24 -15.25 5.15
N ASN D 436 -11.26 -14.36 5.33
CA ASN D 436 -11.42 -12.95 5.02
C ASN D 436 -11.26 -12.62 3.55
N THR D 437 -10.98 -13.62 2.72
CA THR D 437 -10.87 -13.44 1.29
C THR D 437 -12.20 -13.88 0.68
N VAL D 438 -12.83 -12.99 -0.08
CA VAL D 438 -14.12 -13.30 -0.67
C VAL D 438 -13.93 -14.37 -1.76
N ALA D 439 -14.86 -15.32 -1.76
CA ALA D 439 -14.84 -16.43 -2.71
C ALA D 439 -15.17 -15.96 -4.13
N ILE D 440 -14.73 -16.79 -5.09
CA ILE D 440 -14.98 -16.58 -6.50
C ILE D 440 -15.94 -17.72 -6.90
N HIS D 441 -17.13 -17.35 -7.35
CA HIS D 441 -18.17 -18.33 -7.69
C HIS D 441 -18.60 -18.20 -9.15
N PRO D 442 -18.82 -19.31 -9.88
CA PRO D 442 -18.64 -20.69 -9.42
C PRO D 442 -17.30 -21.26 -9.87
N THR D 443 -16.49 -21.69 -8.91
CA THR D 443 -15.19 -22.31 -9.19
C THR D 443 -14.94 -23.40 -8.16
N GLY D 444 -13.99 -24.29 -8.44
CA GLY D 444 -13.59 -25.27 -7.43
C GLY D 444 -12.74 -24.56 -6.36
N SER D 445 -11.95 -23.56 -6.79
CA SER D 445 -11.02 -22.86 -5.88
C SER D 445 -11.69 -22.23 -4.66
N GLU D 446 -12.94 -21.79 -4.80
CA GLU D 446 -13.61 -21.17 -3.68
C GLU D 446 -13.80 -22.09 -2.49
N GLU D 447 -13.78 -23.40 -2.73
CA GLU D 447 -13.97 -24.34 -1.63
C GLU D 447 -12.84 -24.24 -0.62
N PHE D 448 -11.65 -23.82 -1.07
CA PHE D 448 -10.52 -23.62 -0.13
C PHE D 448 -10.72 -22.48 0.85
N VAL D 449 -11.50 -21.46 0.47
CA VAL D 449 -11.71 -20.32 1.37
C VAL D 449 -13.08 -20.31 2.04
N THR D 450 -13.82 -21.40 1.92
CA THR D 450 -15.15 -21.48 2.54
C THR D 450 -15.33 -22.74 3.40
N MET D 451 -14.22 -23.29 3.92
CA MET D 451 -14.30 -24.47 4.77
C MET D 451 -14.73 -24.06 6.17
N ARG D 452 -15.53 -24.92 6.80
CA ARG D 452 -16.05 -24.67 8.13
C ARG D 452 -15.76 -25.87 9.04
PA FAD E . 26.36 14.59 27.51
O1A FAD E . 27.25 13.75 26.66
O2A FAD E . 25.63 15.76 26.89
O5B FAD E . 27.18 15.20 28.74
C5B FAD E . 28.06 14.41 29.54
C4B FAD E . 29.21 15.31 29.96
O4B FAD E . 29.91 14.76 31.08
C3B FAD E . 30.24 15.49 28.84
O3B FAD E . 30.33 16.89 28.56
C2B FAD E . 31.55 14.93 29.40
O2B FAD E . 32.69 15.73 29.07
C1B FAD E . 31.32 14.96 30.90
N9A FAD E . 31.95 13.93 31.73
C8A FAD E . 31.98 12.59 31.53
N7A FAD E . 32.60 11.97 32.58
C5A FAD E . 32.92 12.93 33.47
C6A FAD E . 33.59 12.97 34.79
N6A FAD E . 34.03 11.83 35.36
N1A FAD E . 33.75 14.18 35.38
C2A FAD E . 33.31 15.33 34.80
N3A FAD E . 32.71 15.35 33.60
C4A FAD E . 32.49 14.21 32.91
N1 FAD E . 19.59 14.27 20.73
C2 FAD E . 18.46 14.92 20.38
O2 FAD E . 17.55 15.00 21.22
N3 FAD E . 18.30 15.49 19.16
C4 FAD E . 19.26 15.43 18.22
O4 FAD E . 19.10 15.96 17.09
C4X FAD E . 20.53 14.73 18.52
N5 FAD E . 21.54 14.64 17.61
C5X FAD E . 22.69 14.00 17.92
C6 FAD E . 23.72 13.92 16.98
C7 FAD E . 24.91 13.27 17.29
C7M FAD E . 26.02 13.18 16.27
C8 FAD E . 25.09 12.66 18.63
C8M FAD E . 26.36 11.94 19.03
C9 FAD E . 24.08 12.75 19.57
C9A FAD E . 22.87 13.38 19.27
N10 FAD E . 21.81 13.48 20.20
C10 FAD E . 20.63 14.15 19.86
C1' FAD E . 21.86 12.89 21.55
C2' FAD E . 22.19 13.91 22.61
O2' FAD E . 23.36 14.61 22.23
C3' FAD E . 22.39 13.18 23.92
O3' FAD E . 21.23 12.38 24.21
C4' FAD E . 22.63 14.13 25.06
O4' FAD E . 23.78 14.95 24.80
C5' FAD E . 22.85 13.37 26.35
O5' FAD E . 23.05 14.30 27.40
P FAD E . 23.83 13.85 28.72
O1P FAD E . 23.33 12.46 29.09
O2P FAD E . 23.79 14.95 29.73
O3P FAD E . 25.32 13.58 28.21
MG MG F . 35.10 25.05 20.10
MG MG G . 32.02 -1.93 29.64
CL CL H . 18.58 24.63 32.13
CL CL I . 7.03 -1.78 11.14
CL CL J . 26.29 5.50 16.73
CL CL K . 25.61 -1.39 10.22
PA FAD L . -15.63 29.90 -3.26
O1A FAD L . -15.45 31.39 -3.55
O2A FAD L . -14.43 29.01 -3.24
O5B FAD L . -16.62 29.32 -4.38
C5B FAD L . -17.81 29.98 -4.75
C4B FAD L . -18.01 29.68 -6.22
O4B FAD L . -19.34 29.99 -6.63
C3B FAD L . -17.09 30.51 -7.11
O3B FAD L . -16.31 29.60 -7.88
C2B FAD L . -18.03 31.37 -7.98
O2B FAD L . -17.59 31.49 -9.33
C1B FAD L . -19.33 30.60 -7.92
N9A FAD L . -20.60 31.32 -7.97
C8A FAD L . -20.94 32.42 -7.27
N7A FAD L . -22.24 32.76 -7.51
C5A FAD L . -22.73 31.85 -8.37
C6A FAD L . -24.02 31.61 -9.05
N6A FAD L . -25.04 32.45 -8.83
N1A FAD L . -24.14 30.53 -9.87
C2A FAD L . -23.09 29.71 -10.09
N3A FAD L . -21.89 29.87 -9.52
C4A FAD L . -21.65 30.90 -8.66
N1 FAD L . -8.44 29.88 3.07
C2 FAD L . -7.64 29.00 3.75
O2 FAD L . -8.19 28.10 4.42
N3 FAD L . -6.30 29.08 3.69
C4 FAD L . -5.65 30.02 2.95
O4 FAD L . -4.41 30.06 2.92
C4X FAD L . -6.45 31.00 2.21
N5 FAD L . -5.90 31.98 1.45
C5X FAD L . -6.69 32.85 0.76
C6 FAD L . -6.11 33.84 -0.01
C7 FAD L . -6.88 34.75 -0.73
C7M FAD L . -6.22 35.82 -1.56
C8 FAD L . -8.37 34.66 -0.68
C8M FAD L . -9.23 35.62 -1.44
C9 FAD L . -8.96 33.68 0.11
C9A FAD L . -8.18 32.76 0.81
N10 FAD L . -8.75 31.75 1.62
C10 FAD L . -7.91 30.86 2.32
C1' FAD L . -10.19 31.57 1.80
C2' FAD L . -10.75 30.50 0.90
O2' FAD L . -10.33 30.74 -0.44
C3' FAD L . -12.26 30.58 1.02
O3' FAD L . -12.62 30.54 2.41
C4' FAD L . -12.93 29.46 0.28
O4' FAD L . -12.57 29.51 -1.11
C5' FAD L . -14.44 29.59 0.43
O5' FAD L . -15.07 28.53 -0.28
P FAD L . -16.57 28.72 -0.80
O1P FAD L . -17.39 29.33 0.29
O2P FAD L . -17.00 27.40 -1.43
O3P FAD L . -16.50 29.86 -1.93
MG MG M . -27.27 12.28 -12.02
MG MG N . -15.65 53.57 -10.38
MG MG O . -28.92 38.63 -12.82
MG MG P . 15.93 43.44 -6.41
CL CL Q . -4.85 40.77 22.13
CL CL R . -7.79 41.38 10.75
CL CL S . -9.80 41.54 1.89
CL CL T . -14.37 16.52 -2.18
CL CL U . -7.23 49.43 6.26
CL CL V . 9.08 33.38 5.71
PA FAD W . -31.10 -12.83 -5.73
O1A FAD W . -31.57 -12.20 -7.02
O2A FAD W . -30.22 -14.06 -5.83
O5B FAD W . -32.32 -13.20 -4.78
C5B FAD W . -33.39 -12.28 -4.54
C4B FAD W . -34.65 -13.10 -4.42
O4B FAD W . -35.68 -12.33 -3.82
C3B FAD W . -35.19 -13.59 -5.76
O3B FAD W . -35.26 -15.03 -5.73
C2B FAD W . -36.57 -12.98 -5.89
O2B FAD W . -37.54 -13.88 -6.46
C1B FAD W . -36.92 -12.67 -4.45
N9A FAD W . -37.79 -11.52 -4.15
C8A FAD W . -37.71 -10.26 -4.69
N7A FAD W . -38.64 -9.46 -4.11
C5A FAD W . -39.29 -10.20 -3.19
C6A FAD W . -40.39 -9.96 -2.23
N6A FAD W . -40.97 -8.74 -2.16
N1A FAD W . -40.78 -11.00 -1.45
C2A FAD W . -40.20 -12.22 -1.53
N3A FAD W . -39.20 -12.50 -2.38
C4A FAD W . -38.72 -11.54 -3.22
N1 FAD W . -22.31 -13.68 -9.53
C2 FAD W . -21.14 -14.32 -9.29
O2 FAD W . -20.62 -14.16 -8.17
N3 FAD W . -20.56 -15.12 -10.21
C4 FAD W . -21.11 -15.32 -11.44
O4 FAD W . -20.56 -16.07 -12.29
C4X FAD W . -22.38 -14.64 -11.76
N5 FAD W . -23.00 -14.79 -12.97
C5X FAD W . -24.17 -14.14 -13.23
C6 FAD W . -24.78 -14.31 -14.48
C7 FAD W . -25.99 -13.66 -14.77
C7M FAD W . -26.63 -13.87 -16.13
C8 FAD W . -26.61 -12.79 -13.75
C8M FAD W . -27.92 -12.07 -14.01
C9 FAD W . -26.01 -12.63 -12.51
C9A FAD W . -24.80 -13.27 -12.20
N10 FAD W . -24.16 -13.11 -10.94
C10 FAD W . -22.96 -13.79 -10.72
C1' FAD W . -24.67 -12.26 -9.88
C2' FAD W . -25.39 -13.05 -8.80
O2' FAD W . -26.37 -13.90 -9.42
C3' FAD W . -26.05 -12.06 -7.87
O3' FAD W . -25.05 -11.13 -7.40
C4' FAD W . -26.70 -12.75 -6.69
O4' FAD W . -27.68 -13.70 -7.14
C5' FAD W . -27.37 -11.73 -5.82
O5' FAD W . -27.96 -12.41 -4.72
P FAD W . -29.12 -11.71 -3.90
O1P FAD W . -28.77 -10.25 -3.68
O2P FAD W . -29.45 -12.54 -2.70
O3P FAD W . -30.38 -11.65 -4.91
MG MG X . -36.44 3.40 -9.66
CL CL Y . -25.84 -21.12 3.52
CL CL Z . -6.76 0.20 -17.55
CL CL AA . -26.62 -6.31 -17.39
PA FAD BA . 18.52 -32.71 -14.99
O1A FAD BA . 18.36 -34.20 -14.96
O2A FAD BA . 17.42 -31.90 -15.61
O5B FAD BA . 19.86 -32.30 -15.74
C5B FAD BA . 21.08 -33.01 -15.53
C4B FAD BA . 21.82 -33.06 -16.85
O4B FAD BA . 23.19 -33.40 -16.64
C3B FAD BA . 21.26 -34.10 -17.80
O3B FAD BA . 20.88 -33.46 -19.02
C2B FAD BA . 22.40 -35.09 -18.03
O2B FAD BA . 22.46 -35.53 -19.39
C1B FAD BA . 23.61 -34.28 -17.71
N9A FAD BA . 24.79 -34.93 -17.13
C8A FAD BA . 24.82 -35.84 -16.13
N7A FAD BA . 26.10 -36.13 -15.80
C5A FAD BA . 26.89 -35.38 -16.59
C6A FAD BA . 28.34 -35.19 -16.75
N6A FAD BA . 29.21 -35.89 -16.00
N1A FAD BA . 28.77 -34.30 -17.69
C2A FAD BA . 27.90 -33.61 -18.46
N3A FAD BA . 26.57 -33.73 -18.36
C4A FAD BA . 26.03 -34.59 -17.45
N1 FAD BA . 9.57 -31.65 -11.93
C2 FAD BA . 8.63 -30.71 -11.81
O2 FAD BA . 8.93 -29.65 -11.19
N3 FAD BA . 7.39 -30.85 -12.32
C4 FAD BA . 7.02 -31.96 -13.00
O4 FAD BA . 5.86 -32.07 -13.46
C4X FAD BA . 7.99 -33.06 -13.18
N5 FAD BA . 7.71 -34.22 -13.84
C5X FAD BA . 8.65 -35.19 -13.98
C6 FAD BA . 8.36 -36.37 -14.67
C7 FAD BA . 9.34 -37.37 -14.82
C7M FAD BA . 9.04 -38.64 -15.55
C8 FAD BA . 10.68 -37.17 -14.23
C8M FAD BA . 11.77 -38.22 -14.37
C9 FAD BA . 10.98 -35.99 -13.56
C9A FAD BA . 10.02 -34.99 -13.41
N10 FAD BA . 10.30 -33.79 -12.71
C10 FAD BA . 9.32 -32.83 -12.57
C1' FAD BA . 11.59 -33.52 -12.07
C2' FAD BA . 12.48 -32.63 -12.88
O2' FAD BA . 12.58 -33.16 -14.21
C3' FAD BA . 13.83 -32.61 -12.20
O3' FAD BA . 13.68 -32.23 -10.81
C4' FAD BA . 14.79 -31.65 -12.87
O4' FAD BA . 14.98 -32.02 -14.23
C5' FAD BA . 16.12 -31.64 -12.16
O5' FAD BA . 16.96 -30.73 -12.83
P FAD BA . 18.54 -30.89 -12.71
O1P FAD BA . 18.91 -31.23 -11.30
O2P FAD BA . 19.19 -29.73 -13.40
O3P FAD BA . 18.86 -32.29 -13.49
MG MG CA . 20.81 -57.18 -16.11
MG MG DA . -9.25 -38.05 9.32
MG MG EA . 14.58 -35.29 -29.70
MG MG FA . 37.47 -11.45 -16.20
CL CL GA . -1.00 -38.03 6.42
CL CL HA . 5.75 -41.01 -2.55
CL CL IA . 17.46 -19.42 -17.46
CL CL JA . 6.73 -49.95 -4.91
CL CL KA . 10.85 -43.12 -9.88
CL CL LA . 27.36 -40.41 -12.94
CL CL MA . 31.56 -29.99 -28.20
#